data_8GD8
# 
_entry.id   8GD8 
# 
_audit_conform.dict_name       mmcif_pdbx.dic 
_audit_conform.dict_version    5.396 
_audit_conform.dict_location   http://mmcif.pdb.org/dictionaries/ascii/mmcif_pdbx.dic 
# 
loop_
_database_2.database_id 
_database_2.database_code 
_database_2.pdbx_database_accession 
_database_2.pdbx_DOI 
PDB   8GD8         pdb_00008gd8 10.2210/pdb8gd8/pdb 
WWPDB D_1000272637 ?            ?                   
# 
loop_
_pdbx_audit_revision_history.ordinal 
_pdbx_audit_revision_history.data_content_type 
_pdbx_audit_revision_history.major_revision 
_pdbx_audit_revision_history.minor_revision 
_pdbx_audit_revision_history.revision_date 
1 'Structure model' 1 0 2023-11-15 
2 'Structure model' 2 0 2024-09-25 
# 
_pdbx_audit_revision_details.ordinal             1 
_pdbx_audit_revision_details.revision_ordinal    1 
_pdbx_audit_revision_details.data_content_type   'Structure model' 
_pdbx_audit_revision_details.provider            repository 
_pdbx_audit_revision_details.type                'Initial release' 
_pdbx_audit_revision_details.description         ? 
_pdbx_audit_revision_details.details             ? 
# 
loop_
_pdbx_audit_revision_group.ordinal 
_pdbx_audit_revision_group.revision_ordinal 
_pdbx_audit_revision_group.data_content_type 
_pdbx_audit_revision_group.group 
1 2 'Structure model' Advisory                   
2 2 'Structure model' 'Atomic model'             
3 2 'Structure model' 'Data collection'          
4 2 'Structure model' 'Database references'      
5 2 'Structure model' 'Derived calculations'     
6 2 'Structure model' 'Experimental preparation' 
7 2 'Structure model' 'Non-polymer description'  
8 2 'Structure model' 'Polymer sequence'         
9 2 'Structure model' 'Structure summary'        
# 
loop_
_pdbx_audit_revision_category.ordinal 
_pdbx_audit_revision_category.revision_ordinal 
_pdbx_audit_revision_category.data_content_type 
_pdbx_audit_revision_category.category 
1  2 'Structure model' atom_site                       
2  2 'Structure model' atom_site_anisotrop             
3  2 'Structure model' chem_comp                       
4  2 'Structure model' chem_comp_atom                  
5  2 'Structure model' chem_comp_bond                  
6  2 'Structure model' entity                          
7  2 'Structure model' entity_poly                     
8  2 'Structure model' entity_poly_seq                 
9  2 'Structure model' exptl_crystal                   
10 2 'Structure model' pdbx_entity_nonpoly             
11 2 'Structure model' pdbx_nonpoly_scheme             
12 2 'Structure model' pdbx_poly_seq_scheme            
13 2 'Structure model' pdbx_struct_assembly_gen        
14 2 'Structure model' pdbx_unobs_or_zero_occ_residues 
15 2 'Structure model' struct_asym                     
16 2 'Structure model' struct_conf                     
17 2 'Structure model' struct_conn                     
18 2 'Structure model' struct_ref                      
# 
loop_
_pdbx_audit_revision_item.ordinal 
_pdbx_audit_revision_item.revision_ordinal 
_pdbx_audit_revision_item.data_content_type 
_pdbx_audit_revision_item.item 
1  2 'Structure model' '_atom_site.B_iso_or_equiv'               
2  2 'Structure model' '_atom_site.Cartn_x'                      
3  2 'Structure model' '_atom_site.Cartn_y'                      
4  2 'Structure model' '_atom_site.Cartn_z'                      
5  2 'Structure model' '_atom_site.auth_asym_id'                 
6  2 'Structure model' '_atom_site.auth_atom_id'                 
7  2 'Structure model' '_atom_site.auth_comp_id'                 
8  2 'Structure model' '_atom_site.auth_seq_id'                  
9  2 'Structure model' '_atom_site.group_PDB'                    
10 2 'Structure model' '_atom_site.label_alt_id'                 
11 2 'Structure model' '_atom_site.label_asym_id'                
12 2 'Structure model' '_atom_site.label_atom_id'                
13 2 'Structure model' '_atom_site.label_comp_id'                
14 2 'Structure model' '_atom_site.label_entity_id'              
15 2 'Structure model' '_atom_site.label_seq_id'                 
16 2 'Structure model' '_atom_site.occupancy'                    
17 2 'Structure model' '_atom_site.type_symbol'                  
18 2 'Structure model' '_atom_site_anisotrop.U[1][1]'            
19 2 'Structure model' '_atom_site_anisotrop.U[1][2]'            
20 2 'Structure model' '_atom_site_anisotrop.U[1][3]'            
21 2 'Structure model' '_atom_site_anisotrop.U[2][2]'            
22 2 'Structure model' '_atom_site_anisotrop.U[2][3]'            
23 2 'Structure model' '_atom_site_anisotrop.U[3][3]'            
24 2 'Structure model' '_atom_site_anisotrop.id'                 
25 2 'Structure model' '_atom_site_anisotrop.pdbx_auth_asym_id'  
26 2 'Structure model' '_atom_site_anisotrop.pdbx_auth_atom_id'  
27 2 'Structure model' '_atom_site_anisotrop.pdbx_auth_comp_id'  
28 2 'Structure model' '_atom_site_anisotrop.pdbx_auth_seq_id'   
29 2 'Structure model' '_atom_site_anisotrop.pdbx_label_alt_id'  
30 2 'Structure model' '_atom_site_anisotrop.pdbx_label_asym_id' 
31 2 'Structure model' '_atom_site_anisotrop.pdbx_label_atom_id' 
32 2 'Structure model' '_atom_site_anisotrop.pdbx_label_comp_id' 
33 2 'Structure model' '_atom_site_anisotrop.pdbx_label_seq_id'  
34 2 'Structure model' '_atom_site_anisotrop.type_symbol'        
35 2 'Structure model' '_chem_comp.formula'                      
36 2 'Structure model' '_chem_comp.formula_weight'               
37 2 'Structure model' '_chem_comp.id'                           
38 2 'Structure model' '_chem_comp.mon_nstd_flag'                
39 2 'Structure model' '_chem_comp.name'                         
40 2 'Structure model' '_chem_comp.type'                         
41 2 'Structure model' '_entity_poly.pdbx_seq_one_letter_code'   
42 2 'Structure model' '_entity_poly_seq.mon_id'                 
43 2 'Structure model' '_exptl_crystal.density_Matthews'         
44 2 'Structure model' '_exptl_crystal.density_percent_sol'      
45 2 'Structure model' '_pdbx_poly_seq_scheme.auth_mon_id'       
46 2 'Structure model' '_pdbx_poly_seq_scheme.auth_seq_num'      
47 2 'Structure model' '_pdbx_poly_seq_scheme.mon_id'            
48 2 'Structure model' '_pdbx_poly_seq_scheme.pdb_mon_id'        
49 2 'Structure model' '_pdbx_struct_assembly_gen.asym_id_list'  
50 2 'Structure model' '_struct_conf.beg_auth_comp_id'           
51 2 'Structure model' '_struct_conf.beg_auth_seq_id'            
52 2 'Structure model' '_struct_conf.beg_label_comp_id'          
53 2 'Structure model' '_struct_conf.beg_label_seq_id'           
54 2 'Structure model' '_struct_conf.pdbx_PDB_helix_length'      
55 2 'Structure model' '_struct_conn.pdbx_dist_value'            
56 2 'Structure model' '_struct_conn.pdbx_leaving_atom_flag'     
57 2 'Structure model' '_struct_conn.ptnr1_auth_comp_id'         
58 2 'Structure model' '_struct_conn.ptnr1_auth_seq_id'          
59 2 'Structure model' '_struct_conn.ptnr1_label_atom_id'        
60 2 'Structure model' '_struct_conn.ptnr1_label_comp_id'        
61 2 'Structure model' '_struct_conn.ptnr1_label_seq_id'         
62 2 'Structure model' '_struct_conn.ptnr2_auth_comp_id'         
63 2 'Structure model' '_struct_conn.ptnr2_auth_seq_id'          
64 2 'Structure model' '_struct_conn.ptnr2_label_asym_id'        
65 2 'Structure model' '_struct_conn.ptnr2_label_atom_id'        
66 2 'Structure model' '_struct_conn.ptnr2_label_comp_id'        
67 2 'Structure model' '_struct_conn.ptnr2_label_seq_id'         
68 2 'Structure model' '_struct_ref.entity_id'                   
# 
_pdbx_database_status.status_code                     REL 
_pdbx_database_status.status_code_sf                  REL 
_pdbx_database_status.status_code_mr                  ? 
_pdbx_database_status.entry_id                        8GD8 
_pdbx_database_status.recvd_initial_deposition_date   2023-03-03 
_pdbx_database_status.SG_entry                        N 
_pdbx_database_status.deposit_site                    RCSB 
_pdbx_database_status.process_site                    RCSB 
_pdbx_database_status.status_code_cs                  ? 
_pdbx_database_status.status_code_nmr_data            ? 
_pdbx_database_status.methods_development_category    ? 
_pdbx_database_status.pdb_format_compatible           Y 
# 
_pdbx_contact_author.id                 2 
_pdbx_contact_author.email              andyn@uic.edu 
_pdbx_contact_author.name_first         Andy 
_pdbx_contact_author.name_last          Nguyen 
_pdbx_contact_author.name_mi            I 
_pdbx_contact_author.role               'principal investigator/group leader' 
_pdbx_contact_author.identifier_ORCID   0000-0003-4137-6453 
# 
loop_
_audit_author.name 
_audit_author.pdbx_ordinal 
_audit_author.identifier_ORCID 
'Hess, S.S.'   1 0000-0002-2125-7679 
'Nguyen, A.I.' 2 0000-0003-4137-6453 
# 
loop_
_citation.abstract 
_citation.abstract_id_CAS 
_citation.book_id_ISBN 
_citation.book_publisher 
_citation.book_publisher_city 
_citation.book_title 
_citation.coordinate_linkage 
_citation.country 
_citation.database_id_Medline 
_citation.details 
_citation.id 
_citation.journal_abbrev 
_citation.journal_id_ASTM 
_citation.journal_id_CSD 
_citation.journal_id_ISSN 
_citation.journal_full 
_citation.journal_issue 
_citation.journal_volume 
_citation.language 
_citation.page_first 
_citation.page_last 
_citation.title 
_citation.year 
_citation.database_id_CSD 
_citation.pdbx_database_id_DOI 
_citation.pdbx_database_id_PubMed 
_citation.pdbx_database_id_patent 
_citation.unpublished_flag 
? ? ? ? ? ? ? US ? ? primary J.Am.Chem.Soc.                                   JACSAT ?    1520-5126 ? ? 145 ? 19588 19600 
'Noncovalent Peptide Assembly Enables Crystalline, Permutable, and Reactive Thiol Frameworks.' 2023 ? 10.1021/jacs.3c03645 
37639365 ? ? 
? ? ? ? ? ? ? DK ? ? 1       'Acta Crystallogr., Sect. D: Biol. Crystallogr.' ABCRE6 0766 0907-4449 ? ? 68  ? 352   67    
'Towards automated crystallographic structure refinement with phenix.refine.'                  2012 ? ?                    ? ? ? 
# 
loop_
_citation_author.citation_id 
_citation_author.name 
_citation_author.ordinal 
_citation_author.identifier_ORCID 
primary 'Hess, S.S.'    1  ?                   
primary 'Coppola, F.'   2  0000-0002-2429-204X 
primary 'Dang, V.T.'    3  ?                   
primary 'Tran, P.N.'    4  ?                   
primary 'Mickel, P.J.'  5  ?                   
primary 'Oktawiec, J.'  6  0000-0002-2895-3327 
primary 'Ren, Z.'       7  0000-0001-7098-3127 
primary 'Kral, P.'      8  0000-0003-2992-9027 
primary 'Nguyen, A.I.'  9  0000-0003-4137-6453 
1       'Afonine, P.V.' 10 ?                   
# 
loop_
_entity.id 
_entity.type 
_entity.src_method 
_entity.pdbx_description 
_entity.formula_weight 
_entity.pdbx_number_of_molecules 
_entity.pdbx_ec 
_entity.pdbx_mutation 
_entity.pdbx_fragment 
_entity.details 
1 polymer syn 'bipyridyl-conjugated helical peptide' 1259.479 4  ? ? ? ? 
2 water   nat water                                  18.015   10 ? ? ? ? 
# 
_entity_poly.entity_id                      1 
_entity_poly.type                           'polypeptide(L)' 
_entity_poly.nstd_linkage                   no 
_entity_poly.nstd_monomer                   yes 
_entity_poly.pdbx_seq_one_letter_code       '(NIO)L(AIB)ACL(AIB)Q(AIB)L(I77)' 
_entity_poly.pdbx_seq_one_letter_code_can   XLAACLAQALX 
_entity_poly.pdbx_strand_id                 A,B,C,D 
_entity_poly.pdbx_target_identifier         ? 
# 
_pdbx_entity_nonpoly.entity_id   2 
_pdbx_entity_nonpoly.name        water 
_pdbx_entity_nonpoly.comp_id     HOH 
# 
loop_
_entity_poly_seq.entity_id 
_entity_poly_seq.num 
_entity_poly_seq.mon_id 
_entity_poly_seq.hetero 
1 1  NIO n 
1 2  LEU n 
1 3  AIB n 
1 4  ALA n 
1 5  CYS n 
1 6  LEU n 
1 7  AIB n 
1 8  GLN n 
1 9  AIB n 
1 10 LEU n 
1 11 I77 n 
# 
_pdbx_entity_src_syn.entity_id              1 
_pdbx_entity_src_syn.pdbx_src_id            1 
_pdbx_entity_src_syn.pdbx_alt_source_flag   sample 
_pdbx_entity_src_syn.pdbx_beg_seq_num       1 
_pdbx_entity_src_syn.pdbx_end_seq_num       11 
_pdbx_entity_src_syn.organism_scientific    'synthetic construct' 
_pdbx_entity_src_syn.organism_common_name   ? 
_pdbx_entity_src_syn.ncbi_taxonomy_id       32630 
_pdbx_entity_src_syn.details                ? 
# 
loop_
_chem_comp.id 
_chem_comp.type 
_chem_comp.mon_nstd_flag 
_chem_comp.name 
_chem_comp.pdbx_synonyms 
_chem_comp.formula 
_chem_comp.formula_weight 
AIB 'L-peptide linking' n 'ALPHA-AMINOISOBUTYRIC ACID'                            ? 'C4 H9 N O2'    103.120 
ALA 'L-peptide linking' y ALANINE                                                 ? 'C3 H7 N O2'    89.093  
CYS 'L-peptide linking' y CYSTEINE                                                ? 'C3 H7 N O2 S'  121.158 
GLN 'L-peptide linking' y GLUTAMINE                                               ? 'C5 H10 N2 O3'  146.144 
HOH non-polymer         . WATER                                                   ? 'H2 O'          18.015  
I77 non-polymer         . "5'-(hydrazinecarbonyl)[2,2'-bipyridine]-5-carboxamide" ? 'C12 H11 N5 O2' 257.248 
LEU 'L-peptide linking' y LEUCINE                                                 ? 'C6 H13 N O2'   131.173 
NIO non-polymer         . 'NICOTINIC ACID'                                        ? 'C6 H5 N O2'    123.109 
# 
loop_
_pdbx_poly_seq_scheme.asym_id 
_pdbx_poly_seq_scheme.entity_id 
_pdbx_poly_seq_scheme.seq_id 
_pdbx_poly_seq_scheme.mon_id 
_pdbx_poly_seq_scheme.ndb_seq_num 
_pdbx_poly_seq_scheme.pdb_seq_num 
_pdbx_poly_seq_scheme.auth_seq_num 
_pdbx_poly_seq_scheme.pdb_mon_id 
_pdbx_poly_seq_scheme.auth_mon_id 
_pdbx_poly_seq_scheme.pdb_strand_id 
_pdbx_poly_seq_scheme.pdb_ins_code 
_pdbx_poly_seq_scheme.hetero 
A 1 1  NIO 1  1  1  NIO NIO A . n 
A 1 2  LEU 2  2  2  LEU LEU A . n 
A 1 3  AIB 3  3  3  AIB AIB A . n 
A 1 4  ALA 4  4  4  ALA ALA A . n 
A 1 5  CYS 5  5  5  CYS CYS A . n 
A 1 6  LEU 6  6  6  LEU LEU A . n 
A 1 7  AIB 7  7  7  AIB AIB A . n 
A 1 8  GLN 8  8  8  GLN GLN A . n 
A 1 9  AIB 9  9  9  AIB AIB A . n 
A 1 10 LEU 10 10 10 LEU LEU A . n 
A 1 11 I77 11 11 11 I77 BPH A . n 
B 1 1  NIO 1  1  1  NIO NIO B . n 
B 1 2  LEU 2  2  2  LEU LEU B . n 
B 1 3  AIB 3  3  3  AIB AIB B . n 
B 1 4  ALA 4  4  4  ALA ALA B . n 
B 1 5  CYS 5  5  5  CYS CYS B . n 
B 1 6  LEU 6  6  6  LEU LEU B . n 
B 1 7  AIB 7  7  7  AIB AIB B . n 
B 1 8  GLN 8  8  8  GLN GLN B . n 
B 1 9  AIB 9  9  9  AIB AIB B . n 
B 1 10 LEU 10 10 10 LEU LEU B . n 
B 1 11 I77 11 11 11 I77 BPH B . n 
C 1 1  NIO 1  1  1  NIO NIO C . n 
C 1 2  LEU 2  2  2  LEU LEU C . n 
C 1 3  AIB 3  3  3  AIB AIB C . n 
C 1 4  ALA 4  4  4  ALA ALA C . n 
C 1 5  CYS 5  5  5  CYS CYS C . n 
C 1 6  LEU 6  6  6  LEU LEU C . n 
C 1 7  AIB 7  7  7  AIB AIB C . n 
C 1 8  GLN 8  8  8  GLN GLN C . n 
C 1 9  AIB 9  9  9  AIB AIB C . n 
C 1 10 LEU 10 10 10 LEU LEU C . n 
C 1 11 I77 11 11 11 I77 BPH C . n 
D 1 1  NIO 1  1  1  NIO NIO D . n 
D 1 2  LEU 2  2  2  LEU LEU D . n 
D 1 3  AIB 3  3  3  AIB AIB D . n 
D 1 4  ALA 4  4  4  ALA ALA D . n 
D 1 5  CYS 5  5  5  CYS CYS D . n 
D 1 6  LEU 6  6  6  LEU LEU D . n 
D 1 7  AIB 7  7  7  AIB AIB D . n 
D 1 8  GLN 8  8  8  GLN GLN D . n 
D 1 9  AIB 9  9  9  AIB AIB D . n 
D 1 10 LEU 10 10 10 LEU LEU D . n 
D 1 11 I77 11 11 11 I77 BPH D . n 
# 
loop_
_pdbx_nonpoly_scheme.asym_id 
_pdbx_nonpoly_scheme.entity_id 
_pdbx_nonpoly_scheme.mon_id 
_pdbx_nonpoly_scheme.ndb_seq_num 
_pdbx_nonpoly_scheme.pdb_seq_num 
_pdbx_nonpoly_scheme.auth_seq_num 
_pdbx_nonpoly_scheme.pdb_mon_id 
_pdbx_nonpoly_scheme.auth_mon_id 
_pdbx_nonpoly_scheme.pdb_strand_id 
_pdbx_nonpoly_scheme.pdb_ins_code 
E 2 HOH 1 201 5  HOH HOH A . 
E 2 HOH 2 202 7  HOH HOH A . 
E 2 HOH 3 203 8  HOH HOH A . 
E 2 HOH 4 204 9  HOH HOH A . 
F 2 HOH 1 201 2  HOH HOH B . 
G 2 HOH 1 201 1  HOH HOH C . 
G 2 HOH 2 202 3  HOH HOH C . 
H 2 HOH 1 201 6  HOH HOH D . 
H 2 HOH 2 202 4  HOH HOH D . 
H 2 HOH 3 203 10 HOH HOH D . 
# 
loop_
_software.citation_id 
_software.classification 
_software.compiler_name 
_software.compiler_version 
_software.contact_author 
_software.contact_author_email 
_software.date 
_software.description 
_software.dependencies 
_software.hardware 
_software.language 
_software.location 
_software.mods 
_software.name 
_software.os 
_software.os_version 
_software.type 
_software.version 
_software.pdbx_ordinal 
? refinement       ? ? ? ? ? ? ? ? ? ? ? PHENIX ? ? ? 1.19.2_4158 1 
? 'data reduction' ? ? ? ? ? ? ? ? ? ? ? XDS    ? ? ? .           2 
? 'data scaling'   ? ? ? ? ? ? ? ? ? ? ? XDS    ? ? ? .           3 
? phasing          ? ? ? ? ? ? ? ? ? ? ? PHASER ? ? ? .           4 
# 
_cell.angle_alpha                  89.990 
_cell.angle_alpha_esd              ? 
_cell.angle_beta                   89.970 
_cell.angle_beta_esd               ? 
_cell.angle_gamma                  90.011 
_cell.angle_gamma_esd              ? 
_cell.entry_id                     8GD8 
_cell.details                      ? 
_cell.formula_units_Z              ? 
_cell.length_a                     8.791 
_cell.length_a_esd                 ? 
_cell.length_b                     16.592 
_cell.length_b_esd                 ? 
_cell.length_c                     51.150 
_cell.length_c_esd                 ? 
_cell.volume                       7460.752 
_cell.volume_esd                   ? 
_cell.Z_PDB                        4 
_cell.reciprocal_angle_alpha       ? 
_cell.reciprocal_angle_beta        ? 
_cell.reciprocal_angle_gamma       ? 
_cell.reciprocal_angle_alpha_esd   ? 
_cell.reciprocal_angle_beta_esd    ? 
_cell.reciprocal_angle_gamma_esd   ? 
_cell.reciprocal_length_a          ? 
_cell.reciprocal_length_b          ? 
_cell.reciprocal_length_c          ? 
_cell.reciprocal_length_a_esd      ? 
_cell.reciprocal_length_b_esd      ? 
_cell.reciprocal_length_c_esd      ? 
_cell.pdbx_unique_axis             ? 
_cell.pdbx_esd_method              ? 
# 
_symmetry.entry_id                         8GD8 
_symmetry.cell_setting                     ? 
_symmetry.Int_Tables_number                1 
_symmetry.space_group_name_Hall            'P 1' 
_symmetry.space_group_name_H-M             'P 1' 
_symmetry.pdbx_full_space_group_name_H-M   ? 
# 
_exptl.absorpt_coefficient_mu     ? 
_exptl.absorpt_correction_T_max   ? 
_exptl.absorpt_correction_T_min   ? 
_exptl.absorpt_correction_type    ? 
_exptl.absorpt_process_details    ? 
_exptl.entry_id                   8GD8 
_exptl.crystals_number            1 
_exptl.details                    ? 
_exptl.method                     'X-RAY DIFFRACTION' 
_exptl.method_details             ? 
# 
_exptl_crystal.colour                       ? 
_exptl_crystal.density_diffrn               ? 
_exptl_crystal.density_Matthews             2.04 
_exptl_crystal.density_method               ? 
_exptl_crystal.density_percent_sol          39.65 
_exptl_crystal.description                  ? 
_exptl_crystal.F_000                        ? 
_exptl_crystal.id                           1 
_exptl_crystal.preparation                  ? 
_exptl_crystal.size_max                     ? 
_exptl_crystal.size_mid                     ? 
_exptl_crystal.size_min                     ? 
_exptl_crystal.size_rad                     ? 
_exptl_crystal.colour_lustre                ? 
_exptl_crystal.colour_modifier              ? 
_exptl_crystal.colour_primary               ? 
_exptl_crystal.density_meas                 ? 
_exptl_crystal.density_meas_esd             ? 
_exptl_crystal.density_meas_gt              ? 
_exptl_crystal.density_meas_lt              ? 
_exptl_crystal.density_meas_temp            ? 
_exptl_crystal.density_meas_temp_esd        ? 
_exptl_crystal.density_meas_temp_gt         ? 
_exptl_crystal.density_meas_temp_lt         ? 
_exptl_crystal.pdbx_crystal_image_url       ? 
_exptl_crystal.pdbx_crystal_image_format    ? 
_exptl_crystal.pdbx_mosaicity               ? 
_exptl_crystal.pdbx_mosaicity_esd           ? 
_exptl_crystal.pdbx_mosaic_method           ? 
_exptl_crystal.pdbx_mosaic_block_size       ? 
_exptl_crystal.pdbx_mosaic_block_size_esd   ? 
# 
_exptl_crystal_grow.apparatus       ? 
_exptl_crystal_grow.atmosphere      ? 
_exptl_crystal_grow.crystal_id      1 
_exptl_crystal_grow.details         ? 
_exptl_crystal_grow.method          'SLOW COOLING' 
_exptl_crystal_grow.method_ref      ? 
_exptl_crystal_grow.pH              ? 
_exptl_crystal_grow.pressure        ? 
_exptl_crystal_grow.pressure_esd    ? 
_exptl_crystal_grow.seeding         ? 
_exptl_crystal_grow.seeding_ref     ? 
_exptl_crystal_grow.temp_details    ? 
_exptl_crystal_grow.temp_esd        ? 
_exptl_crystal_grow.time            ? 
_exptl_crystal_grow.pdbx_details    Water/Acetonitrile 
_exptl_crystal_grow.pdbx_pH_range   ? 
_exptl_crystal_grow.temp            298 
# 
_diffrn.ambient_environment              ? 
_diffrn.ambient_temp                     100 
_diffrn.ambient_temp_details             ? 
_diffrn.ambient_temp_esd                 ? 
_diffrn.crystal_id                       1 
_diffrn.crystal_support                  ? 
_diffrn.crystal_treatment                ? 
_diffrn.details                          ? 
_diffrn.id                               1 
_diffrn.ambient_pressure                 ? 
_diffrn.ambient_pressure_esd             ? 
_diffrn.ambient_pressure_gt              ? 
_diffrn.ambient_pressure_lt              ? 
_diffrn.ambient_temp_gt                  ? 
_diffrn.ambient_temp_lt                  ? 
_diffrn.pdbx_serial_crystal_experiment   N 
# 
_diffrn_detector.details                      ? 
_diffrn_detector.detector                     PIXEL 
_diffrn_detector.diffrn_id                    1 
_diffrn_detector.type                         'DECTRIS EIGER X 9M' 
_diffrn_detector.area_resol_mean              ? 
_diffrn_detector.dtime                        ? 
_diffrn_detector.pdbx_frames_total            ? 
_diffrn_detector.pdbx_collection_time_total   ? 
_diffrn_detector.pdbx_collection_date         2022-04-29 
_diffrn_detector.pdbx_frequency               ? 
_diffrn_detector.id                           ? 
_diffrn_detector.number_of_axes               ? 
# 
_diffrn_radiation.collimation                      ? 
_diffrn_radiation.diffrn_id                        1 
_diffrn_radiation.filter_edge                      ? 
_diffrn_radiation.inhomogeneity                    ? 
_diffrn_radiation.monochromator                    ? 
_diffrn_radiation.polarisn_norm                    ? 
_diffrn_radiation.polarisn_ratio                   ? 
_diffrn_radiation.probe                            ? 
_diffrn_radiation.type                             ? 
_diffrn_radiation.xray_symbol                      ? 
_diffrn_radiation.wavelength_id                    1 
_diffrn_radiation.pdbx_monochromatic_or_laue_m_l   M 
_diffrn_radiation.pdbx_wavelength_list             ? 
_diffrn_radiation.pdbx_wavelength                  ? 
_diffrn_radiation.pdbx_diffrn_protocol             'SINGLE WAVELENGTH' 
_diffrn_radiation.pdbx_analyzer                    ? 
_diffrn_radiation.pdbx_scattering_type             x-ray 
# 
_diffrn_radiation_wavelength.id           1 
_diffrn_radiation_wavelength.wavelength   0.619920 
_diffrn_radiation_wavelength.wt           1.0 
# 
_diffrn_source.current                     ? 
_diffrn_source.details                     ? 
_diffrn_source.diffrn_id                   1 
_diffrn_source.power                       ? 
_diffrn_source.size                        ? 
_diffrn_source.source                      SYNCHROTRON 
_diffrn_source.target                      ? 
_diffrn_source.type                        'APS BEAMLINE 21-ID-D' 
_diffrn_source.voltage                     ? 
_diffrn_source.take-off_angle              ? 
_diffrn_source.pdbx_wavelength_list        0.619920 
_diffrn_source.pdbx_wavelength             ? 
_diffrn_source.pdbx_synchrotron_beamline   21-ID-D 
_diffrn_source.pdbx_synchrotron_site       APS 
# 
_reflns.B_iso_Wilson_estimate                          5.04 
_reflns.entry_id                                       8GD8 
_reflns.data_reduction_details                         ? 
_reflns.data_reduction_method                          ? 
_reflns.d_resolution_high                              1.04 
_reflns.d_resolution_low                               16.59 
_reflns.details                                        ? 
_reflns.limit_h_max                                    ? 
_reflns.limit_h_min                                    ? 
_reflns.limit_k_max                                    ? 
_reflns.limit_k_min                                    ? 
_reflns.limit_l_max                                    ? 
_reflns.limit_l_min                                    ? 
_reflns.number_all                                     ? 
_reflns.number_obs                                     22123 
_reflns.observed_criterion                             ? 
_reflns.observed_criterion_F_max                       ? 
_reflns.observed_criterion_F_min                       ? 
_reflns.observed_criterion_I_max                       ? 
_reflns.observed_criterion_I_min                       ? 
_reflns.observed_criterion_sigma_F                     ? 
_reflns.observed_criterion_sigma_I                     ? 
_reflns.percent_possible_obs                           88.81 
_reflns.R_free_details                                 ? 
_reflns.Rmerge_F_all                                   ? 
_reflns.Rmerge_F_obs                                   ? 
_reflns.Friedel_coverage                               ? 
_reflns.number_gt                                      ? 
_reflns.threshold_expression                           ? 
_reflns.pdbx_redundancy                                2.0 
_reflns.pdbx_netI_over_av_sigmaI                       ? 
_reflns.pdbx_netI_over_sigmaI                          12.47 
_reflns.pdbx_res_netI_over_av_sigmaI_2                 ? 
_reflns.pdbx_res_netI_over_sigmaI_2                    ? 
_reflns.pdbx_chi_squared                               ? 
_reflns.pdbx_scaling_rejects                           ? 
_reflns.pdbx_d_res_high_opt                            ? 
_reflns.pdbx_d_res_low_opt                             ? 
_reflns.pdbx_d_res_opt_method                          ? 
_reflns.phase_calculation_details                      ? 
_reflns.pdbx_Rrim_I_all                                ? 
_reflns.pdbx_Rpim_I_all                                ? 
_reflns.pdbx_d_opt                                     ? 
_reflns.pdbx_number_measured_all                       ? 
_reflns.pdbx_diffrn_id                                 1 
_reflns.pdbx_ordinal                                   1 
_reflns.pdbx_CC_half                                   ? 
_reflns.pdbx_CC_star                                   ? 
_reflns.pdbx_R_split                                   ? 
_reflns.pdbx_Rmerge_I_obs                              0.04922 
_reflns.pdbx_Rmerge_I_all                              ? 
_reflns.pdbx_Rsym_value                                ? 
_reflns.pdbx_CC_split_method                           ? 
_reflns.pdbx_aniso_diffraction_limit_axis_1_ortho[1]   ? 
_reflns.pdbx_aniso_diffraction_limit_axis_1_ortho[2]   ? 
_reflns.pdbx_aniso_diffraction_limit_axis_1_ortho[3]   ? 
_reflns.pdbx_aniso_diffraction_limit_axis_2_ortho[1]   ? 
_reflns.pdbx_aniso_diffraction_limit_axis_2_ortho[2]   ? 
_reflns.pdbx_aniso_diffraction_limit_axis_2_ortho[3]   ? 
_reflns.pdbx_aniso_diffraction_limit_axis_3_ortho[1]   ? 
_reflns.pdbx_aniso_diffraction_limit_axis_3_ortho[2]   ? 
_reflns.pdbx_aniso_diffraction_limit_axis_3_ortho[3]   ? 
_reflns.pdbx_aniso_diffraction_limit_1                 ? 
_reflns.pdbx_aniso_diffraction_limit_2                 ? 
_reflns.pdbx_aniso_diffraction_limit_3                 ? 
_reflns.pdbx_aniso_B_tensor_eigenvector_1_ortho[1]     ? 
_reflns.pdbx_aniso_B_tensor_eigenvector_1_ortho[2]     ? 
_reflns.pdbx_aniso_B_tensor_eigenvector_1_ortho[3]     ? 
_reflns.pdbx_aniso_B_tensor_eigenvector_2_ortho[1]     ? 
_reflns.pdbx_aniso_B_tensor_eigenvector_2_ortho[2]     ? 
_reflns.pdbx_aniso_B_tensor_eigenvector_2_ortho[3]     ? 
_reflns.pdbx_aniso_B_tensor_eigenvector_3_ortho[1]     ? 
_reflns.pdbx_aniso_B_tensor_eigenvector_3_ortho[2]     ? 
_reflns.pdbx_aniso_B_tensor_eigenvector_3_ortho[3]     ? 
_reflns.pdbx_aniso_B_tensor_eigenvalue_1               ? 
_reflns.pdbx_aniso_B_tensor_eigenvalue_2               ? 
_reflns.pdbx_aniso_B_tensor_eigenvalue_3               ? 
_reflns.pdbx_orthogonalization_convention              ? 
_reflns.pdbx_percent_possible_ellipsoidal              ? 
_reflns.pdbx_percent_possible_spherical                ? 
_reflns.pdbx_percent_possible_ellipsoidal_anomalous    ? 
_reflns.pdbx_percent_possible_spherical_anomalous      ? 
_reflns.pdbx_redundancy_anomalous                      ? 
_reflns.pdbx_CC_half_anomalous                         ? 
_reflns.pdbx_absDiff_over_sigma_anomalous              ? 
_reflns.pdbx_percent_possible_anomalous                ? 
_reflns.pdbx_observed_signal_threshold                 ? 
_reflns.pdbx_signal_type                               ? 
_reflns.pdbx_signal_details                            ? 
_reflns.pdbx_signal_software_id                        ? 
# 
_reflns_shell.d_res_high                                    1.04 
_reflns_shell.d_res_low                                     1.077 
_reflns_shell.meanI_over_sigI_all                           ? 
_reflns_shell.meanI_over_sigI_obs                           ? 
_reflns_shell.number_measured_all                           ? 
_reflns_shell.number_measured_obs                           ? 
_reflns_shell.number_possible                               ? 
_reflns_shell.number_unique_all                             ? 
_reflns_shell.number_unique_obs                             1210 
_reflns_shell.percent_possible_obs                          ? 
_reflns_shell.Rmerge_F_all                                  ? 
_reflns_shell.Rmerge_F_obs                                  ? 
_reflns_shell.meanI_over_sigI_gt                            ? 
_reflns_shell.meanI_over_uI_all                             ? 
_reflns_shell.meanI_over_uI_gt                              ? 
_reflns_shell.number_measured_gt                            ? 
_reflns_shell.number_unique_gt                              ? 
_reflns_shell.percent_possible_gt                           ? 
_reflns_shell.Rmerge_F_gt                                   ? 
_reflns_shell.Rmerge_I_gt                                   ? 
_reflns_shell.pdbx_redundancy                               ? 
_reflns_shell.pdbx_chi_squared                              ? 
_reflns_shell.pdbx_netI_over_sigmaI_all                     ? 
_reflns_shell.pdbx_netI_over_sigmaI_obs                     ? 
_reflns_shell.pdbx_Rrim_I_all                               ? 
_reflns_shell.pdbx_Rpim_I_all                               ? 
_reflns_shell.pdbx_rejects                                  ? 
_reflns_shell.pdbx_ordinal                                  1 
_reflns_shell.pdbx_diffrn_id                                1 
_reflns_shell.pdbx_CC_half                                  ? 
_reflns_shell.pdbx_CC_star                                  ? 
_reflns_shell.pdbx_R_split                                  ? 
_reflns_shell.percent_possible_all                          ? 
_reflns_shell.Rmerge_I_all                                  ? 
_reflns_shell.Rmerge_I_obs                                  0.06539 
_reflns_shell.pdbx_Rsym_value                               ? 
_reflns_shell.pdbx_percent_possible_ellipsoidal             ? 
_reflns_shell.pdbx_percent_possible_spherical               ? 
_reflns_shell.pdbx_percent_possible_ellipsoidal_anomalous   ? 
_reflns_shell.pdbx_percent_possible_spherical_anomalous     ? 
_reflns_shell.pdbx_redundancy_anomalous                     ? 
_reflns_shell.pdbx_CC_half_anomalous                        ? 
_reflns_shell.pdbx_absDiff_over_sigma_anomalous             ? 
_reflns_shell.pdbx_percent_possible_anomalous               ? 
# 
_refine.aniso_B[1][1]                            ? 
_refine.aniso_B[1][2]                            ? 
_refine.aniso_B[1][3]                            ? 
_refine.aniso_B[2][2]                            ? 
_refine.aniso_B[2][3]                            ? 
_refine.aniso_B[3][3]                            ? 
_refine.B_iso_max                                ? 
_refine.B_iso_mean                               8.33 
_refine.B_iso_min                                ? 
_refine.correlation_coeff_Fo_to_Fc               ? 
_refine.correlation_coeff_Fo_to_Fc_free          ? 
_refine.details                                  ? 
_refine.diff_density_max                         ? 
_refine.diff_density_max_esd                     ? 
_refine.diff_density_min                         ? 
_refine.diff_density_min_esd                     ? 
_refine.diff_density_rms                         ? 
_refine.diff_density_rms_esd                     ? 
_refine.entry_id                                 8GD8 
_refine.pdbx_refine_id                           'X-RAY DIFFRACTION' 
_refine.ls_abs_structure_details                 ? 
_refine.ls_abs_structure_Flack                   ? 
_refine.ls_abs_structure_Flack_esd               ? 
_refine.ls_abs_structure_Rogers                  ? 
_refine.ls_abs_structure_Rogers_esd              ? 
_refine.ls_d_res_high                            1.04 
_refine.ls_d_res_low                             16.59 
_refine.ls_extinction_coef                       ? 
_refine.ls_extinction_coef_esd                   ? 
_refine.ls_extinction_expression                 ? 
_refine.ls_extinction_method                     ? 
_refine.ls_goodness_of_fit_all                   ? 
_refine.ls_goodness_of_fit_all_esd               ? 
_refine.ls_goodness_of_fit_obs                   ? 
_refine.ls_goodness_of_fit_obs_esd               ? 
_refine.ls_hydrogen_treatment                    ? 
_refine.ls_matrix_type                           ? 
_refine.ls_number_constraints                    ? 
_refine.ls_number_parameters                     ? 
_refine.ls_number_reflns_all                     ? 
_refine.ls_number_reflns_obs                     22123 
_refine.ls_number_reflns_R_free                  2093 
_refine.ls_number_reflns_R_work                  20030 
_refine.ls_number_restraints                     ? 
_refine.ls_percent_reflns_obs                    79.67 
_refine.ls_percent_reflns_R_free                 9.46 
_refine.ls_R_factor_all                          ? 
_refine.ls_R_factor_obs                          0.2084 
_refine.ls_R_factor_R_free                       0.2310 
_refine.ls_R_factor_R_free_error                 ? 
_refine.ls_R_factor_R_free_error_details         ? 
_refine.ls_R_factor_R_work                       0.2059 
_refine.ls_R_Fsqd_factor_obs                     ? 
_refine.ls_R_I_factor_obs                        ? 
_refine.ls_redundancy_reflns_all                 ? 
_refine.ls_redundancy_reflns_obs                 ? 
_refine.ls_restrained_S_all                      ? 
_refine.ls_restrained_S_obs                      ? 
_refine.ls_shift_over_esd_max                    ? 
_refine.ls_shift_over_esd_mean                   ? 
_refine.ls_structure_factor_coef                 ? 
_refine.ls_weighting_details                     ? 
_refine.ls_weighting_scheme                      ? 
_refine.ls_wR_factor_all                         ? 
_refine.ls_wR_factor_obs                         ? 
_refine.ls_wR_factor_R_free                      ? 
_refine.ls_wR_factor_R_work                      ? 
_refine.occupancy_max                            ? 
_refine.occupancy_min                            ? 
_refine.solvent_model_details                    'FLAT BULK SOLVENT MODEL' 
_refine.solvent_model_param_bsol                 ? 
_refine.solvent_model_param_ksol                 ? 
_refine.pdbx_R_complete                          ? 
_refine.ls_R_factor_gt                           ? 
_refine.ls_goodness_of_fit_gt                    ? 
_refine.ls_goodness_of_fit_ref                   ? 
_refine.ls_shift_over_su_max                     ? 
_refine.ls_shift_over_su_max_lt                  ? 
_refine.ls_shift_over_su_mean                    ? 
_refine.ls_shift_over_su_mean_lt                 ? 
_refine.pdbx_ls_sigma_I                          ? 
_refine.pdbx_ls_sigma_F                          2.04 
_refine.pdbx_ls_sigma_Fsqd                       ? 
_refine.pdbx_data_cutoff_high_absF               ? 
_refine.pdbx_data_cutoff_high_rms_absF           ? 
_refine.pdbx_data_cutoff_low_absF                ? 
_refine.pdbx_isotropic_thermal_model             ? 
_refine.pdbx_ls_cross_valid_method               'FREE R-VALUE' 
_refine.pdbx_method_to_determine_struct          'MOLECULAR REPLACEMENT' 
_refine.pdbx_starting_model                      ? 
_refine.pdbx_stereochemistry_target_values       'GeoStd + Monomer Library + CDL v1.2' 
_refine.pdbx_R_Free_selection_details            ? 
_refine.pdbx_stereochem_target_val_spec_case     ? 
_refine.pdbx_overall_ESU_R                       ? 
_refine.pdbx_overall_ESU_R_Free                  ? 
_refine.pdbx_solvent_vdw_probe_radii             1.1100 
_refine.pdbx_solvent_ion_probe_radii             ? 
_refine.pdbx_solvent_shrinkage_radii             0.9000 
_refine.pdbx_real_space_R                        ? 
_refine.pdbx_density_correlation                 ? 
_refine.pdbx_pd_number_of_powder_patterns        ? 
_refine.pdbx_pd_number_of_points                 ? 
_refine.pdbx_pd_meas_number_of_points            ? 
_refine.pdbx_pd_proc_ls_prof_R_factor            ? 
_refine.pdbx_pd_proc_ls_prof_wR_factor           ? 
_refine.pdbx_pd_Marquardt_correlation_coeff      ? 
_refine.pdbx_pd_Fsqrd_R_factor                   ? 
_refine.pdbx_pd_ls_matrix_band_width             ? 
_refine.pdbx_overall_phase_error                 28.7979 
_refine.pdbx_overall_SU_R_free_Cruickshank_DPI   ? 
_refine.pdbx_overall_SU_R_free_Blow_DPI          ? 
_refine.pdbx_overall_SU_R_Blow_DPI               ? 
_refine.pdbx_TLS_residual_ADP_flag               ? 
_refine.pdbx_diffrn_id                           1 
_refine.overall_SU_B                             ? 
_refine.overall_SU_ML                            0.1049 
_refine.overall_SU_R_Cruickshank_DPI             ? 
_refine.overall_SU_R_free                        ? 
_refine.overall_FOM_free_R_set                   ? 
_refine.overall_FOM_work_R_set                   ? 
_refine.pdbx_average_fsc_overall                 ? 
_refine.pdbx_average_fsc_work                    ? 
_refine.pdbx_average_fsc_free                    ? 
# 
_refine_hist.pdbx_refine_id                   'X-RAY DIFFRACTION' 
_refine_hist.cycle_id                         LAST 
_refine_hist.details                          ? 
_refine_hist.d_res_high                       1.04 
_refine_hist.d_res_low                        16.59 
_refine_hist.number_atoms_solvent             10 
_refine_hist.number_atoms_total               366 
_refine_hist.number_reflns_all                ? 
_refine_hist.number_reflns_obs                ? 
_refine_hist.number_reflns_R_free             ? 
_refine_hist.number_reflns_R_work             ? 
_refine_hist.R_factor_all                     ? 
_refine_hist.R_factor_obs                     ? 
_refine_hist.R_factor_R_free                  ? 
_refine_hist.R_factor_R_work                  ? 
_refine_hist.pdbx_number_residues_total       ? 
_refine_hist.pdbx_B_iso_mean_ligand           ? 
_refine_hist.pdbx_B_iso_mean_solvent          ? 
_refine_hist.pdbx_number_atoms_protein        248 
_refine_hist.pdbx_number_atoms_nucleic_acid   0 
_refine_hist.pdbx_number_atoms_ligand         108 
_refine_hist.pdbx_number_atoms_lipid          ? 
_refine_hist.pdbx_number_atoms_carb           ? 
_refine_hist.pdbx_pseudo_atom_details         ? 
# 
loop_
_refine_ls_restr.pdbx_refine_id 
_refine_ls_restr.criterion 
_refine_ls_restr.dev_ideal 
_refine_ls_restr.dev_ideal_target 
_refine_ls_restr.number 
_refine_ls_restr.rejects 
_refine_ls_restr.type 
_refine_ls_restr.weight 
_refine_ls_restr.pdbx_restraint_function 
'X-RAY DIFFRACTION' ? 0.0091  ? 384 ? f_bond_d           ? ? 
'X-RAY DIFFRACTION' ? 1.6585  ? 536 ? f_angle_d          ? ? 
'X-RAY DIFFRACTION' ? 0.0769  ? 40  ? f_chiral_restr     ? ? 
'X-RAY DIFFRACTION' ? 0.0108  ? 64  ? f_plane_restr      ? ? 
'X-RAY DIFFRACTION' ? 32.8260 ? 68  ? f_dihedral_angle_d ? ? 
# 
loop_
_refine_ls_shell.pdbx_refine_id 
_refine_ls_shell.d_res_high 
_refine_ls_shell.d_res_low 
_refine_ls_shell.number_reflns_all 
_refine_ls_shell.number_reflns_obs 
_refine_ls_shell.number_reflns_R_free 
_refine_ls_shell.number_reflns_R_work 
_refine_ls_shell.percent_reflns_obs 
_refine_ls_shell.percent_reflns_R_free 
_refine_ls_shell.R_factor_all 
_refine_ls_shell.R_factor_obs 
_refine_ls_shell.R_factor_R_free_error 
_refine_ls_shell.R_factor_R_work 
_refine_ls_shell.redundancy_reflns_all 
_refine_ls_shell.redundancy_reflns_obs 
_refine_ls_shell.wR_factor_all 
_refine_ls_shell.wR_factor_obs 
_refine_ls_shell.wR_factor_R_free 
_refine_ls_shell.wR_factor_R_work 
_refine_ls_shell.pdbx_R_complete 
_refine_ls_shell.pdbx_total_number_of_bins_used 
_refine_ls_shell.pdbx_phase_error 
_refine_ls_shell.pdbx_fsc_work 
_refine_ls_shell.pdbx_fsc_free 
_refine_ls_shell.R_factor_R_free 
'X-RAY DIFFRACTION' 1.04 1.06  . . 126 1273 77.90 . . . . 0.2303 . . . . . . . . . . . 0.2493 
'X-RAY DIFFRACTION' 1.06 1.09  . . 129 1411 78.49 . . . . 0.2006 . . . . . . . . . . . 0.2828 
'X-RAY DIFFRACTION' 1.09 1.12  . . 145 1250 78.02 . . . . 0.2176 . . . . . . . . . . . 0.1833 
'X-RAY DIFFRACTION' 1.12 1.15  . . 147 1278 76.12 . . . . 0.2060 . . . . . . . . . . . 0.1976 
'X-RAY DIFFRACTION' 1.15 1.19  . . 128 1188 73.44 . . . . 0.2078 . . . . . . . . . . . 0.2889 
'X-RAY DIFFRACTION' 1.19 1.23  . . 122 1236 72.08 . . . . 0.2186 . . . . . . . . . . . 0.2917 
'X-RAY DIFFRACTION' 1.23 1.28  . . 122 1202 70.43 . . . . 0.2094 . . . . . . . . . . . 0.2693 
'X-RAY DIFFRACTION' 1.28 1.34  . . 138 1350 82.03 . . . . 0.2230 . . . . . . . . . . . 0.2629 
'X-RAY DIFFRACTION' 1.34 1.41  . . 124 1416 83.60 . . . . 0.2163 . . . . . . . . . . . 0.2616 
'X-RAY DIFFRACTION' 1.41 1.50  . . 158 1450 83.49 . . . . 0.2216 . . . . . . . . . . . 0.3160 
'X-RAY DIFFRACTION' 1.50 1.62  . . 142 1327 82.99 . . . . 0.2082 . . . . . . . . . . . 0.1862 
'X-RAY DIFFRACTION' 1.62 1.78  . . 162 1431 84.46 . . . . 0.2198 . . . . . . . . . . . 0.2188 
'X-RAY DIFFRACTION' 1.78 2.03  . . 142 1363 82.15 . . . . 0.1959 . . . . . . . . . . . 0.2553 
'X-RAY DIFFRACTION' 2.03 2.56  . . 123 1252 75.05 . . . . 0.1999 . . . . . . . . . . . 0.1896 
'X-RAY DIFFRACTION' 2.56 16.59 . . 185 1603 94.70 . . . . 0.1905 . . . . . . . . . . . 0.2093 
# 
_struct.entry_id                     8GD8 
_struct.title                        'Porous framework formed by assembly of a bipyridyl-conjugated helical peptide' 
_struct.pdbx_model_details           ? 
_struct.pdbx_formula_weight          ? 
_struct.pdbx_formula_weight_method   ? 
_struct.pdbx_model_type_details      ? 
_struct.pdbx_CASP_flag               N 
# 
_struct_keywords.entry_id        8GD8 
_struct_keywords.text            'DE NOVO PROTEIN' 
_struct_keywords.pdbx_keywords   'DE NOVO PROTEIN' 
# 
loop_
_struct_asym.id 
_struct_asym.pdbx_blank_PDB_chainid_flag 
_struct_asym.pdbx_modified 
_struct_asym.entity_id 
_struct_asym.details 
A N N 1 ? 
B N N 1 ? 
C N N 1 ? 
D N N 1 ? 
E N N 2 ? 
F N N 2 ? 
G N N 2 ? 
H N N 2 ? 
# 
_struct_ref.id                         1 
_struct_ref.db_name                    PDB 
_struct_ref.db_code                    8GD8 
_struct_ref.pdbx_db_accession          8GD8 
_struct_ref.pdbx_db_isoform            ? 
_struct_ref.entity_id                  2 
_struct_ref.pdbx_seq_one_letter_code   ? 
_struct_ref.pdbx_align_begin           1 
# 
loop_
_struct_ref_seq.align_id 
_struct_ref_seq.ref_id 
_struct_ref_seq.pdbx_PDB_id_code 
_struct_ref_seq.pdbx_strand_id 
_struct_ref_seq.seq_align_beg 
_struct_ref_seq.pdbx_seq_align_beg_ins_code 
_struct_ref_seq.seq_align_end 
_struct_ref_seq.pdbx_seq_align_end_ins_code 
_struct_ref_seq.pdbx_db_accession 
_struct_ref_seq.db_align_beg 
_struct_ref_seq.pdbx_db_align_beg_ins_code 
_struct_ref_seq.db_align_end 
_struct_ref_seq.pdbx_db_align_end_ins_code 
_struct_ref_seq.pdbx_auth_seq_align_beg 
_struct_ref_seq.pdbx_auth_seq_align_end 
1 1 8GD8 A 1 ? 11 ? 8GD8 1 ? 11 ? 1 11 
2 1 8GD8 B 1 ? 11 ? 8GD8 1 ? 11 ? 1 11 
3 1 8GD8 C 1 ? 11 ? 8GD8 1 ? 11 ? 1 11 
4 1 8GD8 D 1 ? 11 ? 8GD8 1 ? 11 ? 1 11 
# 
loop_
_pdbx_struct_assembly.id 
_pdbx_struct_assembly.details 
_pdbx_struct_assembly.method_details 
_pdbx_struct_assembly.oligomeric_details 
_pdbx_struct_assembly.oligomeric_count 
1 author_defined_assembly ? dimeric 2 
2 author_defined_assembly ? dimeric 2 
# 
loop_
_pdbx_struct_assembly_gen.assembly_id 
_pdbx_struct_assembly_gen.oper_expression 
_pdbx_struct_assembly_gen.asym_id_list 
1 1 A,C,E,G 
2 1 B,D,F,H 
# 
_pdbx_struct_assembly_auth_evidence.id                     1 
_pdbx_struct_assembly_auth_evidence.assembly_id            1 
_pdbx_struct_assembly_auth_evidence.experimental_support   none 
_pdbx_struct_assembly_auth_evidence.details                ? 
# 
_pdbx_struct_oper_list.id                   1 
_pdbx_struct_oper_list.type                 'identity operation' 
_pdbx_struct_oper_list.name                 1_555 
_pdbx_struct_oper_list.symmetry_operation   x,y,z 
_pdbx_struct_oper_list.matrix[1][1]         1.0000000000 
_pdbx_struct_oper_list.matrix[1][2]         0.0000000000 
_pdbx_struct_oper_list.matrix[1][3]         0.0000000000 
_pdbx_struct_oper_list.vector[1]            0.0000000000 
_pdbx_struct_oper_list.matrix[2][1]         0.0000000000 
_pdbx_struct_oper_list.matrix[2][2]         1.0000000000 
_pdbx_struct_oper_list.matrix[2][3]         0.0000000000 
_pdbx_struct_oper_list.vector[2]            0.0000000000 
_pdbx_struct_oper_list.matrix[3][1]         0.0000000000 
_pdbx_struct_oper_list.matrix[3][2]         0.0000000000 
_pdbx_struct_oper_list.matrix[3][3]         1.0000000000 
_pdbx_struct_oper_list.vector[3]            0.0000000000 
# 
loop_
_struct_conf.conf_type_id 
_struct_conf.id 
_struct_conf.pdbx_PDB_helix_id 
_struct_conf.beg_label_comp_id 
_struct_conf.beg_label_asym_id 
_struct_conf.beg_label_seq_id 
_struct_conf.pdbx_beg_PDB_ins_code 
_struct_conf.end_label_comp_id 
_struct_conf.end_label_asym_id 
_struct_conf.end_label_seq_id 
_struct_conf.pdbx_end_PDB_ins_code 
_struct_conf.beg_auth_comp_id 
_struct_conf.beg_auth_asym_id 
_struct_conf.beg_auth_seq_id 
_struct_conf.end_auth_comp_id 
_struct_conf.end_auth_asym_id 
_struct_conf.end_auth_seq_id 
_struct_conf.pdbx_PDB_helix_class 
_struct_conf.details 
_struct_conf.pdbx_PDB_helix_length 
HELX_P HELX_P1 AA1 AIB A 3 ? LEU A 10 ? AIB A 3 LEU A 10 1 ? 8 
HELX_P HELX_P2 AA2 AIB B 3 ? LEU B 10 ? AIB B 3 LEU B 10 1 ? 8 
HELX_P HELX_P3 AA3 AIB C 3 ? LEU C 10 ? AIB C 3 LEU C 10 1 ? 8 
HELX_P HELX_P4 AA4 AIB D 3 ? LEU D 10 ? AIB D 3 LEU D 10 1 ? 8 
# 
_struct_conf_type.id          HELX_P 
_struct_conf_type.criteria    ? 
_struct_conf_type.reference   ? 
# 
loop_
_struct_conn.id 
_struct_conn.conn_type_id 
_struct_conn.pdbx_leaving_atom_flag 
_struct_conn.pdbx_PDB_id 
_struct_conn.ptnr1_label_asym_id 
_struct_conn.ptnr1_label_comp_id 
_struct_conn.ptnr1_label_seq_id 
_struct_conn.ptnr1_label_atom_id 
_struct_conn.pdbx_ptnr1_label_alt_id 
_struct_conn.pdbx_ptnr1_PDB_ins_code 
_struct_conn.pdbx_ptnr1_standard_comp_id 
_struct_conn.ptnr1_symmetry 
_struct_conn.ptnr2_label_asym_id 
_struct_conn.ptnr2_label_comp_id 
_struct_conn.ptnr2_label_seq_id 
_struct_conn.ptnr2_label_atom_id 
_struct_conn.pdbx_ptnr2_label_alt_id 
_struct_conn.pdbx_ptnr2_PDB_ins_code 
_struct_conn.ptnr1_auth_asym_id 
_struct_conn.ptnr1_auth_comp_id 
_struct_conn.ptnr1_auth_seq_id 
_struct_conn.ptnr2_auth_asym_id 
_struct_conn.ptnr2_auth_comp_id 
_struct_conn.ptnr2_auth_seq_id 
_struct_conn.ptnr2_symmetry 
_struct_conn.pdbx_ptnr3_label_atom_id 
_struct_conn.pdbx_ptnr3_label_seq_id 
_struct_conn.pdbx_ptnr3_label_comp_id 
_struct_conn.pdbx_ptnr3_label_asym_id 
_struct_conn.pdbx_ptnr3_label_alt_id 
_struct_conn.pdbx_ptnr3_PDB_ins_code 
_struct_conn.details 
_struct_conn.pdbx_dist_value 
_struct_conn.pdbx_value_order 
_struct_conn.pdbx_role 
covale1  covale one  ? A NIO 1  C6 ? ? ? 1_555 A LEU 2  N   ? ? A NIO 1  A LEU 2  1_555 ? ? ? ? ? ? ? 1.422 ? ? 
covale2  covale both ? A LEU 2  C  ? ? ? 1_555 A AIB 3  N   ? ? A LEU 2  A AIB 3  1_555 ? ? ? ? ? ? ? 1.322 ? ? 
covale3  covale both ? A AIB 3  C  ? ? ? 1_555 A ALA 4  N   ? ? A AIB 3  A ALA 4  1_555 ? ? ? ? ? ? ? 1.332 ? ? 
covale4  covale both ? A LEU 6  C  ? ? ? 1_555 A AIB 7  N   ? ? A LEU 6  A AIB 7  1_555 ? ? ? ? ? ? ? 1.326 ? ? 
covale5  covale both ? A AIB 7  C  ? ? ? 1_555 A GLN 8  N   ? ? A AIB 7  A GLN 8  1_555 ? ? ? ? ? ? ? 1.329 ? ? 
covale6  covale both ? A GLN 8  C  ? ? ? 1_555 A AIB 9  N   ? ? A GLN 8  A AIB 9  1_555 ? ? ? ? ? ? ? 1.324 ? ? 
covale7  covale both ? A AIB 9  C  ? ? ? 1_555 A LEU 10 N   ? ? A AIB 9  A LEU 10 1_555 ? ? ? ? ? ? ? 1.337 ? ? 
covale8  covale one  ? A LEU 10 C  ? ? ? 1_555 A I77 11 N15 ? ? A LEU 10 A I77 11 1_555 ? ? ? ? ? ? ? 1.432 ? ? 
covale9  covale one  ? B NIO 1  C6 ? ? ? 1_555 B LEU 2  N   ? ? B NIO 1  B LEU 2  1_555 ? ? ? ? ? ? ? 1.424 ? ? 
covale10 covale both ? B LEU 2  C  ? ? ? 1_555 B AIB 3  N   ? ? B LEU 2  B AIB 3  1_555 ? ? ? ? ? ? ? 1.325 ? ? 
covale11 covale both ? B AIB 3  C  ? ? ? 1_555 B ALA 4  N   ? ? B AIB 3  B ALA 4  1_555 ? ? ? ? ? ? ? 1.326 ? ? 
covale12 covale both ? B LEU 6  C  ? ? ? 1_555 B AIB 7  N   ? ? B LEU 6  B AIB 7  1_555 ? ? ? ? ? ? ? 1.334 ? ? 
covale13 covale both ? B AIB 7  C  ? ? ? 1_555 B GLN 8  N   ? ? B AIB 7  B GLN 8  1_555 ? ? ? ? ? ? ? 1.328 ? ? 
covale14 covale both ? B GLN 8  C  ? ? ? 1_555 B AIB 9  N   ? ? B GLN 8  B AIB 9  1_555 ? ? ? ? ? ? ? 1.335 ? ? 
covale15 covale both ? B AIB 9  C  ? ? ? 1_555 B LEU 10 N   ? ? B AIB 9  B LEU 10 1_555 ? ? ? ? ? ? ? 1.340 ? ? 
covale16 covale one  ? B LEU 10 C  ? ? ? 1_555 B I77 11 N15 ? ? B LEU 10 B I77 11 1_555 ? ? ? ? ? ? ? 1.430 ? ? 
covale17 covale one  ? C NIO 1  C6 ? ? ? 1_555 C LEU 2  N   ? ? C NIO 1  C LEU 2  1_555 ? ? ? ? ? ? ? 1.424 ? ? 
covale18 covale both ? C LEU 2  C  ? ? ? 1_555 C AIB 3  N   ? ? C LEU 2  C AIB 3  1_555 ? ? ? ? ? ? ? 1.326 ? ? 
covale19 covale both ? C AIB 3  C  ? ? ? 1_555 C ALA 4  N   ? ? C AIB 3  C ALA 4  1_555 ? ? ? ? ? ? ? 1.331 ? ? 
covale20 covale both ? C LEU 6  C  ? ? ? 1_555 C AIB 7  N   ? ? C LEU 6  C AIB 7  1_555 ? ? ? ? ? ? ? 1.333 ? ? 
covale21 covale both ? C AIB 7  C  ? ? ? 1_555 C GLN 8  N   ? ? C AIB 7  C GLN 8  1_555 ? ? ? ? ? ? ? 1.333 ? ? 
covale22 covale both ? C GLN 8  C  ? ? ? 1_555 C AIB 9  N   ? ? C GLN 8  C AIB 9  1_555 ? ? ? ? ? ? ? 1.327 ? ? 
covale23 covale both ? C AIB 9  C  ? ? ? 1_555 C LEU 10 N   ? ? C AIB 9  C LEU 10 1_555 ? ? ? ? ? ? ? 1.337 ? ? 
covale24 covale one  ? C LEU 10 C  ? ? ? 1_555 C I77 11 N15 ? ? C LEU 10 C I77 11 1_555 ? ? ? ? ? ? ? 1.430 ? ? 
covale25 covale one  ? D NIO 1  C6 ? ? ? 1_555 D LEU 2  N   ? ? D NIO 1  D LEU 2  1_555 ? ? ? ? ? ? ? 1.424 ? ? 
covale26 covale both ? D LEU 2  C  ? ? ? 1_555 D AIB 3  N   ? ? D LEU 2  D AIB 3  1_555 ? ? ? ? ? ? ? 1.329 ? ? 
covale27 covale both ? D AIB 3  C  ? ? ? 1_555 D ALA 4  N   ? ? D AIB 3  D ALA 4  1_555 ? ? ? ? ? ? ? 1.332 ? ? 
covale28 covale both ? D LEU 6  C  ? ? ? 1_555 D AIB 7  N   ? ? D LEU 6  D AIB 7  1_555 ? ? ? ? ? ? ? 1.329 ? ? 
covale29 covale both ? D AIB 7  C  ? ? ? 1_555 D GLN 8  N   ? ? D AIB 7  D GLN 8  1_555 ? ? ? ? ? ? ? 1.332 ? ? 
covale30 covale both ? D GLN 8  C  ? ? ? 1_555 D AIB 9  N   ? ? D GLN 8  D AIB 9  1_555 ? ? ? ? ? ? ? 1.325 ? ? 
covale31 covale both ? D AIB 9  C  ? ? ? 1_555 D LEU 10 N   ? ? D AIB 9  D LEU 10 1_555 ? ? ? ? ? ? ? 1.337 ? ? 
covale32 covale one  ? D LEU 10 C  ? ? ? 1_555 D I77 11 N15 ? ? D LEU 10 D I77 11 1_555 ? ? ? ? ? ? ? 1.432 ? ? 
# 
_struct_conn_type.id          covale 
_struct_conn_type.criteria    ? 
_struct_conn_type.reference   ? 
# 
_pdbx_entry_details.entry_id                   8GD8 
_pdbx_entry_details.has_ligand_of_interest     N 
_pdbx_entry_details.compound_details           ? 
_pdbx_entry_details.source_details             ? 
_pdbx_entry_details.nonpolymer_details         ? 
_pdbx_entry_details.sequence_details           ? 
_pdbx_entry_details.has_protein_modification   ? 
# 
_space_group_symop.id              1 
_space_group_symop.operation_xyz   x,y,z 
# 
loop_
_chem_comp_atom.comp_id 
_chem_comp_atom.atom_id 
_chem_comp_atom.type_symbol 
_chem_comp_atom.pdbx_aromatic_flag 
_chem_comp_atom.pdbx_stereo_config 
_chem_comp_atom.pdbx_ordinal 
AIB N    N N N 1   
AIB CA   C N N 2   
AIB C    C N N 3   
AIB O    O N N 4   
AIB OXT  O N N 5   
AIB CB1  C N N 6   
AIB CB2  C N N 7   
AIB H    H N N 8   
AIB H2   H N N 9   
AIB HXT  H N N 10  
AIB HB11 H N N 11  
AIB HB12 H N N 12  
AIB HB13 H N N 13  
AIB HB21 H N N 14  
AIB HB22 H N N 15  
AIB HB23 H N N 16  
ALA N    N N N 17  
ALA CA   C N S 18  
ALA C    C N N 19  
ALA O    O N N 20  
ALA CB   C N N 21  
ALA OXT  O N N 22  
ALA H    H N N 23  
ALA H2   H N N 24  
ALA HA   H N N 25  
ALA HB1  H N N 26  
ALA HB2  H N N 27  
ALA HB3  H N N 28  
ALA HXT  H N N 29  
CYS N    N N N 30  
CYS CA   C N R 31  
CYS C    C N N 32  
CYS O    O N N 33  
CYS CB   C N N 34  
CYS SG   S N N 35  
CYS OXT  O N N 36  
CYS H    H N N 37  
CYS H2   H N N 38  
CYS HA   H N N 39  
CYS HB2  H N N 40  
CYS HB3  H N N 41  
CYS HG   H N N 42  
CYS HXT  H N N 43  
GLN N    N N N 44  
GLN CA   C N S 45  
GLN C    C N N 46  
GLN O    O N N 47  
GLN CB   C N N 48  
GLN CG   C N N 49  
GLN CD   C N N 50  
GLN OE1  O N N 51  
GLN NE2  N N N 52  
GLN OXT  O N N 53  
GLN H    H N N 54  
GLN H2   H N N 55  
GLN HA   H N N 56  
GLN HB2  H N N 57  
GLN HB3  H N N 58  
GLN HG2  H N N 59  
GLN HG3  H N N 60  
GLN HE21 H N N 61  
GLN HE22 H N N 62  
GLN HXT  H N N 63  
HOH O    O N N 64  
HOH H1   H N N 65  
HOH H2   H N N 66  
I77 C11  C Y N 67  
I77 C12  C Y N 68  
I77 C13  C N N 69  
I77 C17  C Y N 70  
I77 C18  C Y N 71  
I77 C02  C N N 72  
I77 C03  C Y N 73  
I77 C04  C Y N 74  
I77 C05  C Y N 75  
I77 C06  C Y N 76  
I77 C08  C Y N 77  
I77 C09  C Y N 78  
I77 N01  N N N 79  
I77 N07  N Y N 80  
I77 N10  N Y N 81  
I77 N14  N N N 82  
I77 N15  N N N 83  
I77 O16  O N N 84  
I77 O19  O N N 85  
I77 H111 H N N 86  
I77 H171 H N N 87  
I77 H181 H N N 88  
I77 H041 H N N 89  
I77 H051 H N N 90  
I77 H061 H N N 91  
I77 H011 H N N 92  
I77 H012 H N N 93  
I77 H141 H N N 94  
I77 H1   H N N 95  
I77 H2   H N N 96  
LEU N    N N N 97  
LEU CA   C N S 98  
LEU C    C N N 99  
LEU O    O N N 100 
LEU CB   C N N 101 
LEU CG   C N N 102 
LEU CD1  C N N 103 
LEU CD2  C N N 104 
LEU OXT  O N N 105 
LEU H    H N N 106 
LEU H2   H N N 107 
LEU HA   H N N 108 
LEU HB2  H N N 109 
LEU HB3  H N N 110 
LEU HG   H N N 111 
LEU HD11 H N N 112 
LEU HD12 H N N 113 
LEU HD13 H N N 114 
LEU HD21 H N N 115 
LEU HD22 H N N 116 
LEU HD23 H N N 117 
LEU HXT  H N N 118 
NIO N    N Y N 119 
NIO C1   C Y N 120 
NIO C2   C Y N 121 
NIO C3   C Y N 122 
NIO C4   C Y N 123 
NIO C5   C Y N 124 
NIO C6   C N N 125 
NIO O1   O N N 126 
NIO O2   O N N 127 
NIO H1   H N N 128 
NIO H3   H N N 129 
NIO H4   H N N 130 
NIO H5   H N N 131 
NIO HO2  H N N 132 
# 
loop_
_chem_comp_bond.comp_id 
_chem_comp_bond.atom_id_1 
_chem_comp_bond.atom_id_2 
_chem_comp_bond.value_order 
_chem_comp_bond.pdbx_aromatic_flag 
_chem_comp_bond.pdbx_stereo_config 
_chem_comp_bond.pdbx_ordinal 
AIB N   CA   sing N N 1   
AIB N   H    sing N N 2   
AIB N   H2   sing N N 3   
AIB CA  C    sing N N 4   
AIB CA  CB1  sing N N 5   
AIB CA  CB2  sing N N 6   
AIB C   O    doub N N 7   
AIB C   OXT  sing N N 8   
AIB OXT HXT  sing N N 9   
AIB CB1 HB11 sing N N 10  
AIB CB1 HB12 sing N N 11  
AIB CB1 HB13 sing N N 12  
AIB CB2 HB21 sing N N 13  
AIB CB2 HB22 sing N N 14  
AIB CB2 HB23 sing N N 15  
ALA N   CA   sing N N 16  
ALA N   H    sing N N 17  
ALA N   H2   sing N N 18  
ALA CA  C    sing N N 19  
ALA CA  CB   sing N N 20  
ALA CA  HA   sing N N 21  
ALA C   O    doub N N 22  
ALA C   OXT  sing N N 23  
ALA CB  HB1  sing N N 24  
ALA CB  HB2  sing N N 25  
ALA CB  HB3  sing N N 26  
ALA OXT HXT  sing N N 27  
CYS N   CA   sing N N 28  
CYS N   H    sing N N 29  
CYS N   H2   sing N N 30  
CYS CA  C    sing N N 31  
CYS CA  CB   sing N N 32  
CYS CA  HA   sing N N 33  
CYS C   O    doub N N 34  
CYS C   OXT  sing N N 35  
CYS CB  SG   sing N N 36  
CYS CB  HB2  sing N N 37  
CYS CB  HB3  sing N N 38  
CYS SG  HG   sing N N 39  
CYS OXT HXT  sing N N 40  
GLN N   CA   sing N N 41  
GLN N   H    sing N N 42  
GLN N   H2   sing N N 43  
GLN CA  C    sing N N 44  
GLN CA  CB   sing N N 45  
GLN CA  HA   sing N N 46  
GLN C   O    doub N N 47  
GLN C   OXT  sing N N 48  
GLN CB  CG   sing N N 49  
GLN CB  HB2  sing N N 50  
GLN CB  HB3  sing N N 51  
GLN CG  CD   sing N N 52  
GLN CG  HG2  sing N N 53  
GLN CG  HG3  sing N N 54  
GLN CD  OE1  doub N N 55  
GLN CD  NE2  sing N N 56  
GLN NE2 HE21 sing N N 57  
GLN NE2 HE22 sing N N 58  
GLN OXT HXT  sing N N 59  
HOH O   H1   sing N N 60  
HOH O   H2   sing N N 61  
I77 N15 N14  sing N N 62  
I77 O16 C13  doub N N 63  
I77 N14 C13  sing N N 64  
I77 C13 C12  sing N N 65  
I77 C12 C17  doub Y N 66  
I77 C12 C11  sing Y N 67  
I77 C17 C18  sing Y N 68  
I77 C11 N10  doub Y N 69  
I77 C18 C09  doub Y N 70  
I77 N10 C09  sing Y N 71  
I77 C09 C08  sing N N 72  
I77 C08 N07  doub Y N 73  
I77 C08 C05  sing Y N 74  
I77 N07 C06  sing Y N 75  
I77 C05 C04  doub Y N 76  
I77 C06 C03  doub Y N 77  
I77 C04 C03  sing Y N 78  
I77 C03 C02  sing N N 79  
I77 C02 N01  sing N N 80  
I77 C02 O19  doub N N 81  
I77 C11 H111 sing N N 82  
I77 C17 H171 sing N N 83  
I77 C18 H181 sing N N 84  
I77 C04 H041 sing N N 85  
I77 C05 H051 sing N N 86  
I77 C06 H061 sing N N 87  
I77 N01 H011 sing N N 88  
I77 N01 H012 sing N N 89  
I77 N14 H141 sing N N 90  
I77 N15 H1   sing N N 91  
I77 N15 H2   sing N N 92  
LEU N   CA   sing N N 93  
LEU N   H    sing N N 94  
LEU N   H2   sing N N 95  
LEU CA  C    sing N N 96  
LEU CA  CB   sing N N 97  
LEU CA  HA   sing N N 98  
LEU C   O    doub N N 99  
LEU C   OXT  sing N N 100 
LEU CB  CG   sing N N 101 
LEU CB  HB2  sing N N 102 
LEU CB  HB3  sing N N 103 
LEU CG  CD1  sing N N 104 
LEU CG  CD2  sing N N 105 
LEU CG  HG   sing N N 106 
LEU CD1 HD11 sing N N 107 
LEU CD1 HD12 sing N N 108 
LEU CD1 HD13 sing N N 109 
LEU CD2 HD21 sing N N 110 
LEU CD2 HD22 sing N N 111 
LEU CD2 HD23 sing N N 112 
LEU OXT HXT  sing N N 113 
NIO N   C1   doub Y N 114 
NIO N   C5   sing Y N 115 
NIO C1  C2   sing Y N 116 
NIO C1  H1   sing N N 117 
NIO C2  C3   doub Y N 118 
NIO C2  C6   sing N N 119 
NIO C3  C4   sing Y N 120 
NIO C3  H3   sing N N 121 
NIO C4  C5   doub Y N 122 
NIO C4  H4   sing N N 123 
NIO C5  H5   sing N N 124 
NIO C6  O1   doub N N 125 
NIO C6  O2   sing N N 126 
NIO O2  HO2  sing N N 127 
# 
_pdbx_audit_support.funding_organization   'Other private' 
_pdbx_audit_support.country                ? 
_pdbx_audit_support.grant_number           ? 
_pdbx_audit_support.ordinal                1 
# 
_pdbx_initial_refinement_model.id               1 
_pdbx_initial_refinement_model.entity_id_list   ? 
_pdbx_initial_refinement_model.type             other 
_pdbx_initial_refinement_model.source_name      Other 
_pdbx_initial_refinement_model.accession_code   ? 
_pdbx_initial_refinement_model.details          model 
# 
_space_group.name_H-M_alt     'P 1' 
_space_group.name_Hall        'P 1' 
_space_group.IT_number        1 
_space_group.crystal_system   triclinic 
_space_group.id               1 
# 
_atom_sites.entry_id                    8GD8 
_atom_sites.Cartn_transf_matrix[1][1]   ? 
_atom_sites.Cartn_transf_matrix[1][2]   ? 
_atom_sites.Cartn_transf_matrix[1][3]   ? 
_atom_sites.Cartn_transf_matrix[2][1]   ? 
_atom_sites.Cartn_transf_matrix[2][2]   ? 
_atom_sites.Cartn_transf_matrix[2][3]   ? 
_atom_sites.Cartn_transf_matrix[3][1]   ? 
_atom_sites.Cartn_transf_matrix[3][2]   ? 
_atom_sites.Cartn_transf_matrix[3][3]   ? 
_atom_sites.Cartn_transf_vector[1]      ? 
_atom_sites.Cartn_transf_vector[2]      ? 
_atom_sites.Cartn_transf_vector[3]      ? 
_atom_sites.fract_transf_matrix[1][1]   -0.09177440 
_atom_sites.fract_transf_matrix[1][2]   -0.06529681 
_atom_sites.fract_transf_matrix[1][3]   -0.01592278 
_atom_sites.fract_transf_matrix[2][1]   0.00978499 
_atom_sites.fract_transf_matrix[2][2]   -0.02672792 
_atom_sites.fract_transf_matrix[2][3]   0.05312575 
_atom_sites.fract_transf_matrix[3][1]   -0.01109773 
_atom_sites.fract_transf_matrix[3][2]   0.01346624 
_atom_sites.fract_transf_matrix[3][3]   0.00881495 
_atom_sites.fract_transf_vector[1]      -0.458345 
_atom_sites.fract_transf_vector[2]      0.336300 
_atom_sites.fract_transf_vector[3]      0.276632 
_atom_sites.solution_primary            ? 
_atom_sites.solution_secondary          ? 
_atom_sites.solution_hydrogens          ? 
_atom_sites.special_details             ? 
# 
loop_
_atom_type.symbol 
_atom_type.scat_dispersion_real 
_atom_type.scat_dispersion_imag 
_atom_type.scat_Cromer_Mann_a1 
_atom_type.scat_Cromer_Mann_a2 
_atom_type.scat_Cromer_Mann_a3 
_atom_type.scat_Cromer_Mann_a4 
_atom_type.scat_Cromer_Mann_b1 
_atom_type.scat_Cromer_Mann_b2 
_atom_type.scat_Cromer_Mann_b3 
_atom_type.scat_Cromer_Mann_b4 
_atom_type.scat_Cromer_Mann_c 
_atom_type.scat_source 
_atom_type.scat_dispersion_source 
C ? ? 3.54356 2.42580 ?       ? 25.62398 1.50364  ?       ? 0.0 
;2-Gaussian fit: Grosse-Kunstleve RW, Sauter NK, Adams PD: Newsletter of the IUCr Commission on Crystallographic Computing 2004, 3, 22-31.
;
? 
H ? ? 0.53795 0.34799 0.11320 ? 10.08003 29.74760 2.57510 ? 0.0 
;3-Gaussian fit: Grosse-Kunstleve RW, Sauter NK, Adams PD: Newsletter of the IUCr Commission on Crystallographic Computing 2004, 3, 22-31.
;
? 
N ? ? 4.01032 2.96436 ?       ? 19.97189 1.75589  ?       ? 0.0 
;2-Gaussian fit: Grosse-Kunstleve RW, Sauter NK, Adams PD: Newsletter of the IUCr Commission on Crystallographic Computing 2004, 3, 22-31.
;
? 
O ? ? 4.49882 3.47563 ?       ? 15.80542 1.70748  ?       ? 0.0 
;2-Gaussian fit: Grosse-Kunstleve RW, Sauter NK, Adams PD: Newsletter of the IUCr Commission on Crystallographic Computing 2004, 3, 22-31.
;
? 
S ? ? 9.55732 6.39887 ?       ? 1.23737  29.19336 ?       ? 0.0 
;2-Gaussian fit: Grosse-Kunstleve RW, Sauter NK, Adams PD: Newsletter of the IUCr Commission on Crystallographic Computing 2004, 3, 22-31.
;
? 
# 
loop_
_atom_site.group_PDB 
_atom_site.id 
_atom_site.type_symbol 
_atom_site.label_atom_id 
_atom_site.label_alt_id 
_atom_site.label_comp_id 
_atom_site.label_asym_id 
_atom_site.label_entity_id 
_atom_site.label_seq_id 
_atom_site.pdbx_PDB_ins_code 
_atom_site.Cartn_x 
_atom_site.Cartn_y 
_atom_site.Cartn_z 
_atom_site.occupancy 
_atom_site.B_iso_or_equiv 
_atom_site.pdbx_formal_charge 
_atom_site.auth_seq_id 
_atom_site.auth_comp_id 
_atom_site.auth_asym_id 
_atom_site.auth_atom_id 
_atom_site.pdbx_PDB_model_num 
HETATM 1   N N    . NIO A 1 1  ? -10.37441 5.86354   -4.38104  1.000 6.81250  ? 1   NIO A N    1 
HETATM 2   C C1   . NIO A 1 1  ? -9.41494  4.99413   -4.00675  1.000 5.49036  ? 1   NIO A C1   1 
HETATM 3   C C2   . NIO A 1 1  ? -8.58176  5.19706   -2.91194  1.000 4.74207  ? 1   NIO A C2   1 
HETATM 4   C C3   . NIO A 1 1  ? -8.77635  6.34472   -2.15710  1.000 5.67491  ? 1   NIO A C3   1 
HETATM 5   C C4   . NIO A 1 1  ? -9.74845  7.24852   -2.52930  1.000 6.55589  ? 1   NIO A C4   1 
HETATM 6   C C5   . NIO A 1 1  ? -10.51880 6.96682   -3.63823  1.000 7.08485  ? 1   NIO A C5   1 
HETATM 7   C C6   . NIO A 1 1  ? -7.54670  4.21579   -2.50109  1.000 4.78163  ? 1   NIO A C6   1 
HETATM 8   O O1   . NIO A 1 1  ? -7.49403  3.77146   -1.36376  1.000 5.54117  ? 1   NIO A O1   1 
HETATM 9   H H1   . NIO A 1 1  ? -9.30427  4.21786   -4.50682  1.000 6.65979  ? 1   NIO A H1   1 
HETATM 10  H H3   . NIO A 1 1  ? -8.25391  6.50342   -1.40426  1.000 6.88126  ? 1   NIO A H3   1 
HETATM 11  H H4   . NIO A 1 1  ? -9.88182  8.03041   -2.04374  1.000 7.93843  ? 1   NIO A H4   1 
HETATM 12  H H5   . NIO A 1 1  ? -11.17542 7.57812   -3.88331  1.000 8.57319  ? 1   NIO A H5   1 
ATOM   13  N N    . LEU A 1 2  ? -6.81340  3.60006   -3.55179  1.000 5.56399  ? 2   LEU A N    1 
ATOM   14  C CA   . LEU A 1 2  ? -5.98890  2.45116   -3.26147  1.000 6.07512  ? 2   LEU A CA   1 
ATOM   15  C C    . LEU A 1 2  ? -4.92950  2.75012   -2.20485  1.000 4.92400  ? 2   LEU A C    1 
ATOM   16  O O    . LEU A 1 2  ? -4.73891  1.96626   -1.28717  1.000 5.89486  ? 2   LEU A O    1 
ATOM   17  C CB   . LEU A 1 2  ? -5.34369  1.95583   -4.56468  1.000 6.70254  ? 2   LEU A CB   1 
ATOM   18  C CG   . LEU A 1 2  ? -6.31666  1.28453   -5.53714  1.000 7.03735  ? 2   LEU A CG   1 
ATOM   19  C CD1  . LEU A 1 2  ? -5.84959  1.33043   -6.97837  1.000 7.55070  ? 2   LEU A CD1  1 
ATOM   20  C CD2  . LEU A 1 2  ? -6.57675  -0.16596  -5.11311  1.000 8.04293  ? 2   LEU A CD2  1 
ATOM   21  H HA   . LEU A 1 2  ? -6.53977  1.74249   -2.89373  1.000 7.36151  ? 2   LEU A HA   1 
ATOM   22  H HB2  . LEU A 1 2  ? -4.94855  2.71493   -5.02133  1.000 8.11442  ? 2   LEU A HB2  1 
ATOM   23  H HB3  . LEU A 1 2  ? -4.65673  1.30816   -4.34217  1.000 8.11442  ? 2   LEU A HB3  1 
ATOM   24  H HG   . LEU A 1 2  ? -7.14593  1.78655   -5.50257  1.000 8.51619  ? 2   LEU A HG   1 
ATOM   25  H HD11 . LEU A 1 2  ? -6.47941  0.84084   -7.53021  1.000 9.13220  ? 2   LEU A HD11 1 
ATOM   26  H HD12 . LEU A 1 2  ? -5.80634  2.25547   -7.26702  1.000 9.13220  ? 2   LEU A HD12 1 
ATOM   27  H HD13 . LEU A 1 2  ? -4.97107  0.92366   -7.03875  1.000 9.13220  ? 2   LEU A HD13 1 
ATOM   28  H HD21 . LEU A 1 2  ? -7.15957  -0.58588  -5.76495  1.000 9.72288  ? 2   LEU A HD21 1 
ATOM   29  H HD22 . LEU A 1 2  ? -5.73114  -0.63943  -5.07196  1.000 9.72288  ? 2   LEU A HD22 1 
ATOM   30  H HD23 . LEU A 1 2  ? -7.00022  -0.16878  -4.24044  1.000 9.72288  ? 2   LEU A HD23 1 
HETATM 31  N N    . AIB A 1 3  ? -4.21728  3.85575   -2.34121  1.000 5.06968  ? 3   AIB A N    1 
HETATM 32  C CA   . AIB A 1 3  ? -3.18672  4.20574   -1.37044  1.000 5.83138  ? 3   AIB A CA   1 
HETATM 33  C C    . AIB A 1 3  ? -3.70900  4.27380   0.07578   1.000 4.09709  ? 3   AIB A C    1 
HETATM 34  O O    . AIB A 1 3  ? -3.14502  3.77174   1.04648   1.000 5.10547  ? 3   AIB A O    1 
HETATM 35  C CB1  . AIB A 1 3  ? -1.98682  3.23870   -1.45947  1.000 5.58749  ? 3   AIB A CB1  1 
HETATM 36  C CB2  . AIB A 1 3  ? -2.62478  5.59029   -1.71332  1.000 6.08708  ? 3   AIB A CB2  1 
HETATM 37  H H    . AIB A 1 3  ? -4.06470  4.33070   -3.20904  1.000 6.15498  ? 3   AIB A H    1 
HETATM 38  H HB11 . AIB A 1 3  ? -1.09895  3.69350   -0.95921  1.000 6.77636  ? 3   AIB A HB11 1 
HETATM 39  H HB12 . AIB A 1 3  ? -2.24061  2.27648   -0.95431  1.000 6.77636  ? 3   AIB A HB12 1 
HETATM 40  H HB13 . AIB A 1 3  ? -1.74322  3.03873   -2.53005  1.000 6.77636  ? 3   AIB A HB13 1 
HETATM 41  H HB21 . AIB A 1 3  ? -1.85463  5.86964   -0.95405  1.000 7.37586  ? 3   AIB A HB21 1 
HETATM 42  H HB22 . AIB A 1 3  ? -2.16135  5.55455   -2.72902  1.000 7.37586  ? 3   AIB A HB22 1 
HETATM 43  H HB23 . AIB A 1 3  ? -3.45727  6.33495   -1.70166  1.000 7.37586  ? 3   AIB A HB23 1 
ATOM   44  N N    . ALA A 1 4  ? -4.88029  4.89629   0.19334   1.000 3.53253  ? 4   ALA A N    1 
ATOM   45  C CA   . ALA A 1 4  ? -5.54240  5.08013   1.47158   1.000 5.13524  ? 4   ALA A CA   1 
ATOM   46  C C    . ALA A 1 4  ? -5.99209  3.75279   2.08139   1.000 6.18543  ? 4   ALA A C    1 
ATOM   47  O O    . ALA A 1 4  ? -5.97610  3.57379   3.30114   1.000 6.53824  ? 4   ALA A O    1 
ATOM   48  C CB   . ALA A 1 4  ? -6.72113  6.00685   1.31786   1.000 7.96354  ? 4   ALA A CB   1 
ATOM   49  H H    . ALA A 1 4  ? -5.31743  5.22662   -0.46953  1.000 4.31040  ? 4   ALA A H    1 
ATOM   50  H HA   . ALA A 1 4  ? -4.90845  5.48137   2.08640   1.000 6.23366  ? 4   ALA A HA   1 
ATOM   51  H HB1  . ALA A 1 4  ? -7.19683  6.05541   2.16181   1.000 9.62762  ? 4   ALA A HB1  1 
ATOM   52  H HB2  . ALA A 1 4  ? -6.40007  6.88740   1.06797   1.000 9.62762  ? 4   ALA A HB2  1 
ATOM   53  H HB3  . ALA A 1 4  ? -7.30739  5.66022   0.62717   1.000 9.62762  ? 4   ALA A HB3  1 
ATOM   54  N N    A CYS A 1 5  ? -6.39620  2.81645   1.23350   0.498 6.13631  ? 5   CYS A N    1 
ATOM   55  N N    B CYS A 1 5  ? -6.45040  2.84246   1.20818   0.502 7.06477  ? 5   CYS A N    1 
ATOM   56  C CA   A CYS A 1 5  ? -6.81522  1.52719   1.76324   0.498 6.10912  ? 5   CYS A CA   1 
ATOM   57  C CA   B CYS A 1 5  ? -6.79639  1.47986   1.61902   0.502 6.52391  ? 5   CYS A CA   1 
ATOM   58  C C    A CYS A 1 5  ? -5.61632  0.72094   2.25891   0.498 6.69180  ? 5   CYS A C    1 
ATOM   59  C C    B CYS A 1 5  ? -5.60535  0.79992   2.28046   0.502 5.28988  ? 5   CYS A C    1 
ATOM   60  O O    A CYS A 1 5  ? -5.74273  -0.02463  3.23965   0.498 9.36352  ? 5   CYS A O    1 
ATOM   61  O O    B CYS A 1 5  ? -5.72617  0.19583   3.35754   0.502 5.36440  ? 5   CYS A O    1 
ATOM   62  C CB   A CYS A 1 5  ? -7.69895  0.81793   0.74012   0.498 5.58299  ? 5   CYS A CB   1 
ATOM   63  C CB   B CYS A 1 5  ? -7.23861  0.67713   0.38904   0.502 7.16251  ? 5   CYS A CB   1 
ATOM   64  S SG   A CYS A 1 5  ? -9.24406  1.74611   0.41725   0.498 6.70013  ? 5   CYS A SG   1 
ATOM   65  S SG   B CYS A 1 5  ? -7.00801  -1.13968  0.51184   0.502 9.51175  ? 5   CYS A SG   1 
ATOM   66  H H    A CYS A 1 5  ? -6.43606  2.89837   0.37834   0.498 7.43494  ? 5   CYS A H    1 
ATOM   67  H H    B CYS A 1 5  ? -6.56958  2.99167   0.36964   0.502 8.54909  ? 5   CYS A H    1 
ATOM   68  H HA   A CYS A 1 5  ? -7.38094  1.63092   2.54433   0.498 7.40231  ? 5   CYS A HA   1 
ATOM   69  H HA   B CYS A 1 5  ? -7.52814  1.51229   2.25495   0.502 7.90006  ? 5   CYS A HA   1 
ATOM   70  H HB2  A CYS A 1 5  ? -7.21441  0.73281   -0.09586  0.498 6.77096  ? 5   CYS A HB2  1 
ATOM   71  H HB2  B CYS A 1 5  ? -8.18348  0.83963   0.24171   0.502 8.66638  ? 5   CYS A HB2  1 
ATOM   72  H HB3  A CYS A 1 5  ? -7.93593  -0.06024  1.07711   0.498 6.77096  ? 5   CYS A HB3  1 
ATOM   73  H HB3  B CYS A 1 5  ? -6.72620  0.98286   -0.37572  0.502 8.66638  ? 5   CYS A HB3  1 
ATOM   74  H HG   A CYS A 1 5  ? -8.97368  2.89866   0.22089   0.498 8.11152  ? 5   CYS A HG   1 
ATOM   75  H HG   B CYS A 1 5  ? -6.96538  -1.60372  -0.59398  0.502 11.48547 ? 5   CYS A HG   1 
ATOM   76  N N    . LEU A 1 6  ? -4.44276  0.89159   1.64512   1.000 6.01135  ? 6   LEU A N    1 
ATOM   77  C CA   . LEU A 1 6  ? -3.22092  0.31419   2.17491   1.000 5.12805  ? 6   LEU A CA   1 
ATOM   78  C C    . LEU A 1 6  ? -2.89000  0.95300   3.52383   1.000 5.54385  ? 6   LEU A C    1 
ATOM   79  O O    . LEU A 1 6  ? -2.59266  0.25980   4.49986   1.000 5.55643  ? 6   LEU A O    1 
ATOM   80  C CB   . LEU A 1 6  ? -2.07568  0.52295   1.17099   1.000 5.78604  ? 6   LEU A CB   1 
ATOM   81  C CG   . LEU A 1 6  ? -0.65596  0.14685   1.61018   1.000 6.39154  ? 6   LEU A CG   1 
ATOM   82  C CD1  . LEU A 1 6  ? -0.55749  -1.34004  1.94973   1.000 6.77587  ? 6   LEU A CD1  1 
ATOM   83  C CD2  . LEU A 1 6  ? 0.32949   0.51649   0.51458   1.000 7.68839  ? 6   LEU A CD2  1 
ATOM   84  H H    . LEU A 1 6  ? -4.33622  1.29141   0.89120   1.000 7.28499  ? 6   LEU A H    1 
ATOM   85  H HA   . LEU A 1 6  ? -3.32259  -0.64067  2.31204   1.000 6.22503  ? 6   LEU A HA   1 
ATOM   86  H HB2  . LEU A 1 6  ? -2.27360  -0.00821  0.38385   1.000 7.01462  ? 6   LEU A HB2  1 
ATOM   87  H HB3  . LEU A 1 6  ? -2.05523  1.46464   0.93924   1.000 7.01462  ? 6   LEU A HB3  1 
ATOM   88  H HG   . LEU A 1 6  ? -0.42886  0.63855   2.41489   1.000 7.74121  ? 6   LEU A HG   1 
ATOM   89  H HD11 . LEU A 1 6  ? 0.37061   -1.56406  2.12102   1.000 8.20241  ? 6   LEU A HD11 1 
ATOM   90  H HD12 . LEU A 1 6  ? -1.09224  -1.51986  2.73879   1.000 8.20241  ? 6   LEU A HD12 1 
ATOM   91  H HD13 . LEU A 1 6  ? -0.88981  -1.85789  1.19987   1.000 8.20241  ? 6   LEU A HD13 1 
ATOM   92  H HD21 . LEU A 1 6  ? 1.21074   0.62365   0.90547   1.000 9.29744  ? 6   LEU A HD21 1 
ATOM   93  H HD22 . LEU A 1 6  ? 0.34541   -0.19179  -0.14798  1.000 9.29744  ? 6   LEU A HD22 1 
ATOM   94  H HD23 . LEU A 1 6  ? 0.04683   1.34813   0.10301   1.000 9.29744  ? 6   LEU A HD23 1 
HETATM 95  N N    . AIB A 1 7  ? -2.93133  2.27802   3.57050   1.000 4.70840  ? 7   AIB A N    1 
HETATM 96  C CA   . AIB A 1 7  ? -2.67138  3.02576   4.78061   1.000 5.61487  ? 7   AIB A CA   1 
HETATM 97  C C    . AIB A 1 7  ? -3.50645  2.49649   5.95744   1.000 6.16233  ? 7   AIB A C    1 
HETATM 98  O O    . AIB A 1 7  ? -3.05812  2.19947   7.06919   1.000 6.78236  ? 7   AIB A O    1 
HETATM 99  C CB1  . AIB A 1 7  ? -1.17825  3.00796   5.14528   1.000 6.84209  ? 7   AIB A CB1  1 
HETATM 100 C CB2  . AIB A 1 7  ? -3.12577  4.47994   4.60032   1.000 6.19261  ? 7   AIB A CB2  1 
HETATM 101 H HB11 . AIB A 1 7  ? -1.01002  3.60623   6.07221   1.000 8.28187  ? 7   AIB A HB11 1 
HETATM 102 H HB12 . AIB A 1 7  ? -0.84616  1.95705   5.32072   1.000 8.28187  ? 7   AIB A HB12 1 
HETATM 103 H HB13 . AIB A 1 7  ? -0.58172  3.44750   4.31076   1.000 8.28187  ? 7   AIB A HB13 1 
HETATM 104 H HB21 . AIB A 1 7  ? -2.75511  5.08734   5.46135   1.000 7.50250  ? 7   AIB A HB21 1 
HETATM 105 H HB22 . AIB A 1 7  ? -2.70453  4.87800   3.64544   1.000 7.50250  ? 7   AIB A HB22 1 
HETATM 106 H HB23 . AIB A 1 7  ? -4.24177  4.51174   4.56557   1.000 7.50250  ? 7   AIB A HB23 1 
ATOM   107 N N    . GLN A 1 8  ? -4.79552  2.33455   5.67692   1.000 5.24445  ? 8   GLN A N    1 
ATOM   108 C CA   . GLN A 1 8  ? -5.75029  1.92326   6.70781   1.000 5.90681  ? 8   GLN A CA   1 
ATOM   109 C C    . GLN A 1 8  ? -5.46111  0.52022   7.18389   1.000 4.36137  ? 8   GLN A C    1 
ATOM   110 O O    . GLN A 1 8  ? -5.43379  0.23844   8.37845   1.000 4.77893  ? 8   GLN A O    1 
ATOM   111 C CB   . GLN A 1 8  ? -7.16646  1.92639   6.15530   1.000 8.26199  ? 8   GLN A CB   1 
ATOM   112 C CG   . GLN A 1 8  ? -8.21612  1.71707   7.22295   1.000 11.18739 ? 8   GLN A CG   1 
ATOM   113 C CD   . GLN A 1 8  ? -9.60384  1.86854   6.68246   1.000 12.39840 ? 8   GLN A CD   1 
ATOM   114 O OE1  . GLN A 1 8  ? -10.42399 0.95274   6.79235   1.000 14.34451 ? 8   GLN A OE1  1 
ATOM   115 N NE2  . GLN A 1 8  ? -9.86967  3.00185   6.04444   1.000 14.40227 ? 8   GLN A NE2  1 
ATOM   116 H HA   . GLN A 1 8  ? -5.68045  2.54711   7.44729   1.000 7.15954  ? 8   GLN A HA   1 
ATOM   117 H HB2  . GLN A 1 8  ? -7.33710  2.78183   5.73105   1.000 9.98576  ? 8   GLN A HB2  1 
ATOM   118 H HB3  . GLN A 1 8  ? -7.25276  1.21096   5.50599   1.000 9.98576  ? 8   GLN A HB3  1 
ATOM   119 H HG2  . GLN A 1 8  ? -8.12811  0.82174   7.58563   1.000 13.49623 ? 8   GLN A HG2  1 
ATOM   120 H HG3  . GLN A 1 8  ? -8.09132  2.37356   7.92605   1.000 13.49623 ? 8   GLN A HG3  1 
ATOM   121 H HE21 . GLN A 1 8  ? -9.25877  3.60125   5.95998   1.000 17.35408 ? 8   GLN A HE21 1 
ATOM   122 H HE22 . GLN A 1 8  ? -10.65277 3.13668   5.71556   1.000 17.35408 ? 8   GLN A HE22 1 
HETATM 123 N N    . AIB A 1 9  ? -5.38051  -0.39054  6.22617   1.000 4.42947  ? 9   AIB A N    1 
HETATM 124 C CA   . AIB A 1 9  ? -5.09665  -1.78157  6.52015   1.000 4.64635  ? 9   AIB A CA   1 
HETATM 125 C C    . AIB A 1 9  ? -3.94436  -1.98006  7.52157   1.000 4.49720  ? 9   AIB A C    1 
HETATM 126 O O    . AIB A 1 9  ? -3.96561  -2.83960  8.40389   1.000 6.05943  ? 9   AIB A O    1 
HETATM 127 C CB1  . AIB A 1 9  ? -6.36099  -2.44173  7.10585   1.000 6.62117  ? 9   AIB A CB1  1 
HETATM 128 C CB2  . AIB A 1 9  ? -4.70993  -2.57090  5.26655   1.000 5.28703  ? 9   AIB A CB2  1 
HETATM 129 H H    . AIB A 1 9  ? -5.81981  -0.30782  5.33053   1.000 5.38673  ? 9   AIB A H    1 
HETATM 130 H HB11 . AIB A 1 9  ? -6.10102  -3.43914  7.53370   1.000 8.01677  ? 9   AIB A HB11 1 
HETATM 131 H HB12 . AIB A 1 9  ? -6.78445  -1.79540  7.91108   1.000 8.01677  ? 9   AIB A HB12 1 
HETATM 132 H HB13 . AIB A 1 9  ? -7.12340  -2.57411  6.30170   1.000 8.01677  ? 9   AIB A HB13 1 
HETATM 133 H HB21 . AIB A 1 9  ? -4.43288  -3.61189  5.56198   1.000 6.41581  ? 9   AIB A HB21 1 
HETATM 134 H HB22 . AIB A 1 9  ? -5.58030  -2.59356  4.56682   1.000 6.41581  ? 9   AIB A HB22 1 
HETATM 135 H HB23 . AIB A 1 9  ? -3.84019  -2.07141  4.77486   1.000 6.41581  ? 9   AIB A HB23 1 
ATOM   136 N N    . LEU A 1 10 ? -2.91809  -1.13515  7.37821   1.000 5.27569  ? 10  LEU A N    1 
ATOM   137 C CA   . LEU A 1 10 ? -1.71651  -1.20829  8.22907   1.000 5.58661  ? 10  LEU A CA   1 
ATOM   138 C C    . LEU A 1 10 ? -1.78750  -0.26754  9.44337   1.000 5.07107  ? 10  LEU A C    1 
ATOM   139 O O    . LEU A 1 10 ? -0.78684  -0.05312  10.14332  1.000 6.74976  ? 10  LEU A O    1 
ATOM   140 C CB   . LEU A 1 10 ? -0.45347  -0.92588  7.37751   1.000 4.03541  ? 10  LEU A CB   1 
ATOM   141 C CG   . LEU A 1 10 ? -0.13092  -1.97397  6.30768   1.000 5.80654  ? 10  LEU A CG   1 
ATOM   142 C CD1  . LEU A 1 10 ? 0.99288   -1.47399  5.44389   1.000 6.42207  ? 10  LEU A CD1  1 
ATOM   143 C CD2  . LEU A 1 10 ? 0.21134   -3.32299  6.90767   1.000 7.98707  ? 10  LEU A CD2  1 
ATOM   144 H H    . LEU A 1 10 ? -2.88973  -0.50561  6.79299   1.000 6.40220  ? 10  LEU A H    1 
ATOM   145 H HA   . LEU A 1 10 ? -1.64863  -2.10466  8.59351   1.000 6.77530  ? 10  LEU A HA   1 
ATOM   146 H HB2  . LEU A 1 10 ? -0.57597  -0.07744  6.92360   1.000 4.91386  ? 10  LEU A HB2  1 
ATOM   147 H HB3  . LEU A 1 10 ? 0.31036   -0.87614  7.97332   1.000 4.91386  ? 10  LEU A HB3  1 
ATOM   148 H HG   . LEU A 1 10 ? -0.92032  -2.11265  5.76131   1.000 7.03921  ? 10  LEU A HG   1 
ATOM   149 H HD11 . LEU A 1 10 ? 0.71105   -0.65923  4.99934   1.000 7.77785  ? 10  LEU A HD11 1 
ATOM   150 H HD12 . LEU A 1 10 ? 1.76542   -1.29566  6.00270   1.000 7.77785  ? 10  LEU A HD12 1 
ATOM   151 H HD13 . LEU A 1 10 ? 1.21054   -2.15192  4.78515   1.000 7.77785  ? 10  LEU A HD13 1 
ATOM   152 H HD21 . LEU A 1 10 ? -0.59301  -3.71555  7.28160   1.000 9.65586  ? 10  LEU A HD21 1 
ATOM   153 H HD22 . LEU A 1 10 ? 0.56684   -3.89726  6.21144   1.000 9.65586  ? 10  LEU A HD22 1 
ATOM   154 H HD23 . LEU A 1 10 ? 0.87414   -3.19946  7.60505   1.000 9.65586  ? 10  LEU A HD23 1 
HETATM 155 C C11  . I77 A 1 11 ? -1.95998  1.21443   14.30360  1.000 9.80619  ? 11  I77 A C11  1 
HETATM 156 C C12  . I77 A 1 11 ? -2.90003  1.40194   13.30542  1.000 7.01412  ? 11  I77 A C12  1 
HETATM 157 C C13  . I77 A 1 11 ? -3.02762  0.36086   12.20344  1.000 5.98299  ? 11  I77 A C13  1 
HETATM 158 C C17  . I77 A 1 11 ? -3.63417  2.58447   13.23705  1.000 9.26091  ? 11  I77 A C17  1 
HETATM 159 C C18  . I77 A 1 11 ? -3.45060  3.52940   14.21487  1.000 11.76448 ? 11  I77 A C18  1 
HETATM 160 C C02  . I77 A 1 11 ? -1.27942  7.05472   19.30142  1.000 23.19248 ? 11  I77 A C02  1 
HETATM 161 C C03  . I77 A 1 11 ? -1.58827  6.02509   18.20337  1.000 22.24993 ? 11  I77 A C03  1 
HETATM 162 C C04  . I77 A 1 11 ? -0.70305  4.99472   17.98054  1.000 20.46618 ? 11  I77 A C04  1 
HETATM 163 C C05  . I77 A 1 11 ? -1.03685  4.10455   16.98866  1.000 16.02469 ? 11  I77 A C05  1 
HETATM 164 C C06  . I77 A 1 11 ? -2.75573  6.14255   17.46836  1.000 19.21055 ? 11  I77 A C06  1 
HETATM 165 C C08  . I77 A 1 11 ? -2.22396  4.26068   16.29976  1.000 16.61424 ? 11  I77 A C08  1 
HETATM 166 C C09  . I77 A 1 11 ? -2.51514  3.26627   15.20716  1.000 12.37620 ? 11  I77 A C09  1 
HETATM 167 N N01  . I77 A 1 11 ? -2.39713  7.77634   19.87103  1.000 23.82552 ? 11  I77 A N01  1 
HETATM 168 N N07  . I77 A 1 11 ? -3.02754  5.26380   16.53186  1.000 20.10467 ? 11  I77 A N07  1 
HETATM 169 N N10  . I77 A 1 11 ? -1.80932  2.14991   15.21116  1.000 11.80542 ? 11  I77 A N10  1 
HETATM 170 N N14  . I77 A 1 11 ? -3.12582  0.88795   10.84529  1.000 5.04311  ? 11  I77 A N14  1 
HETATM 171 N N15  . I77 A 1 11 ? -3.15986  0.00806   9.74734   1.000 7.06642  ? 11  I77 A N15  1 
HETATM 172 O O16  . I77 A 1 11 ? -2.96553  -0.80196  12.42130  1.000 5.12697  ? 11  I77 A O16  1 
HETATM 173 O O19  . I77 A 1 11 ? -0.16992  7.24811   19.66814  1.000 24.37355 ? 11  I77 A O19  1 
HETATM 174 H H111 . I77 A 1 11 ? -1.36255  0.31648   14.33498  1.000 11.83879 ? 11  I77 A H111 1 
HETATM 175 H H171 . I77 A 1 11 ? -4.33951  2.75520   12.42375  1.000 11.18446 ? 11  I77 A H171 1 
HETATM 176 H H181 . I77 A 1 11 ? -4.02030  4.45633   14.21303  1.000 14.18874 ? 11  I77 A H181 1 
HETATM 177 H H041 . I77 A 1 11 ? 0.20062   4.89218   18.55181  1.000 24.63078 ? 11  I77 A H041 1 
HETATM 178 H H051 . I77 A 1 11 ? -0.37232  3.28401   16.74783  1.000 19.30100 ? 11  I77 A H051 1 
HETATM 179 H H061 . I77 A 1 11 ? -3.44102  6.95512   17.66503  1.000 23.12403 ? 11  I77 A H061 1 
HETATM 180 H H011 . I77 A 1 11 ? -3.32411  7.60092   19.54902  1.000 28.66199 ? 11  I77 A H011 1 
HETATM 181 H H012 . I77 A 1 11 ? -2.23424  8.45385   20.58575  1.000 28.66199 ? 11  I77 A H012 1 
HETATM 182 H H141 . I77 A 1 11 ? -3.16922  1.88154   10.69386  1.000 6.12310  ? 11  I77 A H141 1 
HETATM 183 H H1   . I77 A 1 11 ? -3.10964  0.57745   8.91791   1.000 8.55107  ? 11  I77 A H1   1 
HETATM 184 N N    . NIO B 1 1  ? 5.71652   -12.19307 8.15488   1.000 6.03318  ? 1   NIO B N    1 
HETATM 185 C C1   . NIO B 1 1  ? 5.30422   -10.95269 7.85618   1.000 5.42414  ? 1   NIO B C1   1 
HETATM 186 C C2   . NIO B 1 1  ? 5.98705   -10.09795 7.00241   1.000 5.94105  ? 1   NIO B C2   1 
HETATM 187 C C3   . NIO B 1 1  ? 7.17196   -10.56024 6.44465   1.000 6.74065  ? 1   NIO B C3   1 
HETATM 188 C C4   . NIO B 1 1  ? 7.61887   -11.82787 6.75020   1.000 8.30627  ? 1   NIO B C4   1 
HETATM 189 C C5   . NIO B 1 1  ? 6.86808   -12.60061 7.61026   1.000 9.60726  ? 1   NIO B C5   1 
HETATM 190 C C6   . NIO B 1 1  ? 5.46998   -8.74069  6.68341   1.000 4.94889  ? 1   NIO B C6   1 
HETATM 191 O O1   . NIO B 1 1  ? 5.37467   -8.32152  5.53470   1.000 5.79691  ? 1   NIO B O1   1 
HETATM 192 H H1   . NIO B 1 1  ? 4.51553   -10.64772 8.24330   1.000 6.58034  ? 1   NIO B H1   1 
HETATM 193 H H3   . NIO B 1 1  ? 7.66083   -10.01795 5.86861   1.000 8.16015  ? 1   NIO B H3   1 
HETATM 194 H H4   . NIO B 1 1  ? 8.40908   -12.15447 6.38440   1.000 10.03890 ? 1   NIO B H4   1 
HETATM 195 H H5   . NIO B 1 1  ? 7.17899   -13.45085 7.82316   1.000 11.60008 ? 1   NIO B H5   1 
ATOM   196 N N    . LEU B 1 2  ? 4.89949   -8.00255  7.75897   1.000 4.96539  ? 2   LEU B N    1 
ATOM   197 C CA   . LEU B 1 2  ? 4.17667   -6.77768  7.50214   1.000 4.59471  ? 2   LEU B CA   1 
ATOM   198 C C    . LEU B 1 2  ? 5.00674   -5.72154  6.77536   1.000 4.23010  ? 2   LEU B C    1 
ATOM   199 O O    . LEU B 1 2  ? 4.52487   -5.10062  5.83312   1.000 5.88971  ? 2   LEU B O    1 
ATOM   200 C CB   . LEU B 1 2  ? 3.59638   -6.23512  8.81399   1.000 4.89154  ? 2   LEU B CB   1 
ATOM   201 C CG   . LEU B 1 2  ? 2.43058   -7.03017  9.39782   1.000 5.65453  ? 2   LEU B CG   1 
ATOM   202 C CD1  . LEU B 1 2  ? 2.28725   -6.80530  10.88212  1.000 7.54563  ? 2   LEU B CD1  1 
ATOM   203 C CD2  . LEU B 1 2  ? 1.12373   -6.66851  8.64954   1.000 5.34133  ? 2   LEU B CD2  1 
ATOM   204 H HA   . LEU B 1 2  ? 3.44288   -6.97565  6.89944   1.000 5.58502  ? 2   LEU B HA   1 
ATOM   205 H HB2  . LEU B 1 2  ? 4.30271   -6.22754  9.47877   1.000 5.94121  ? 2   LEU B HB2  1 
ATOM   206 H HB3  . LEU B 1 2  ? 3.27985   -5.33194  8.65591   1.000 5.94121  ? 2   LEU B HB3  1 
ATOM   207 H HG   . LEU B 1 2  ? 2.60528   -7.97677  9.27813   1.000 6.85680  ? 2   LEU B HG   1 
ATOM   208 H HD11 . LEU B 1 2  ? 1.54052   -7.33020  11.21040  1.000 9.12613  ? 2   LEU B HD11 1 
ATOM   209 H HD12 . LEU B 1 2  ? 3.10541   -7.08169  11.32386  1.000 9.12613  ? 2   LEU B HD12 1 
ATOM   210 H HD13 . LEU B 1 2  ? 2.12580   -5.86272  11.04459  1.000 9.12613  ? 2   LEU B HD13 1 
ATOM   211 H HD21 . LEU B 1 2  ? 0.39166   -7.18104  9.02674   1.000 6.48096  ? 2   LEU B HD21 1 
ATOM   212 H HD22 . LEU B 1 2  ? 0.95187   -5.71966  8.75466   1.000 6.48096  ? 2   LEU B HD22 1 
ATOM   213 H HD23 . LEU B 1 2  ? 1.22822   -6.88358  7.70948   1.000 6.48096  ? 2   LEU B HD23 1 
HETATM 214 N N    . AIB B 1 3  ? 6.22663   -5.48600  7.23474   1.000 5.17244  ? 3   AIB B N    1 
HETATM 215 C CA   . AIB B 1 3  ? 7.09774   -4.52675  6.59318   1.000 5.68806  ? 3   AIB B CA   1 
HETATM 216 C C    . AIB B 1 3  ? 7.28640   -4.80090  5.08343   1.000 6.05000  ? 3   AIB B C    1 
HETATM 217 O O    . AIB B 1 3  ? 7.23354   -3.93620  4.22703   1.000 5.20956  ? 3   AIB B O    1 
HETATM 218 C CB1  . AIB B 1 3  ? 6.51518   -3.10295  6.74715   1.000 6.19575  ? 3   AIB B CB1  1 
HETATM 219 C CB2  . AIB B 1 3  ? 8.47566   -4.55921  7.27086   1.000 5.78662  ? 3   AIB B CB2  1 
HETATM 220 H H    . AIB B 1 3  ? 6.51792   -5.64911  8.17843   1.000 6.27829  ? 3   AIB B H    1 
HETATM 221 H HB11 . AIB B 1 3  ? 7.32641   -2.34804  6.61496   1.000 7.50626  ? 3   AIB B HB11 1 
HETATM 222 H HB12 . AIB B 1 3  ? 5.72631   -2.93365  5.97613   1.000 7.50626  ? 3   AIB B HB12 1 
HETATM 223 H HB13 . AIB B 1 3  ? 6.06737   -2.98731  7.76279   1.000 7.50626  ? 3   AIB B HB13 1 
HETATM 224 H HB21 . AIB B 1 3  ? 9.13004   -3.78355  6.80415   1.000 7.01532  ? 3   AIB B HB21 1 
HETATM 225 H HB22 . AIB B 1 3  ? 8.35148   -4.34594  8.36026   1.000 7.01532  ? 3   AIB B HB22 1 
HETATM 226 H HB23 . AIB B 1 3  ? 8.92718   -5.57126  7.13100   1.000 7.01532  ? 3   AIB B HB23 1 
ATOM   227 N N    . ALA B 1 4  ? 7.50550   -6.06993  4.76760   1.000 4.98305  ? 4   ALA B N    1 
ATOM   228 C CA   . ALA B 1 4  ? 7.75025   -6.50721  3.40305   1.000 6.71386  ? 4   ALA B CA   1 
ATOM   229 C C    . ALA B 1 4  ? 6.50653   -6.34714  2.52691   1.000 5.82039  ? 4   ALA B C    1 
ATOM   230 O O    . ALA B 1 4  ? 6.59606   -6.07944  1.33421   1.000 6.81836  ? 4   ALA B O    1 
ATOM   231 C CB   . ALA B 1 4  ? 8.20859   -7.96262  3.41617   1.000 7.26528  ? 4   ALA B CB   1 
ATOM   232 H H    . ALA B 1 4  ? 7.51765   -6.71183  5.33981   1.000 6.05103  ? 4   ALA B H    1 
ATOM   233 H HA   . ALA B 1 4  ? 8.44815   -5.95849  3.01223   1.000 8.12800  ? 4   ALA B HA   1 
ATOM   234 H HB1  . ALA B 1 4  ? 8.33933   -8.26079  2.50244   1.000 8.78970  ? 4   ALA B HB1  1 
ATOM   235 H HB2  . ALA B 1 4  ? 9.04247   -8.02669  3.90753   1.000 8.78970  ? 4   ALA B HB2  1 
ATOM   236 H HB3  . ALA B 1 4  ? 7.52854   -8.50400  3.84667   1.000 8.78970  ? 4   ALA B HB3  1 
ATOM   237 N N    A CYS B 1 5  ? 5.33389   -6.56035  3.13324   0.635 4.95436  ? 5   CYS B N    1 
ATOM   238 N N    B CYS B 1 5  ? 5.33482   -6.52771  3.11494   0.365 7.34350  ? 5   CYS B N    1 
ATOM   239 C CA   A CYS B 1 5  ? 4.06540   -6.35283  2.43515   0.635 5.65457  ? 5   CYS B CA   1 
ATOM   240 C CA   B CYS B 1 5  ? 4.12532   -6.38301  2.31932   0.365 9.49541  ? 5   CYS B CA   1 
ATOM   241 C C    A CYS B 1 5  ? 3.94573   -4.91607  1.96489   0.635 5.08481  ? 5   CYS B C    1 
ATOM   242 C C    B CYS B 1 5  ? 3.80165   -4.92004  2.02190   0.365 10.37091 ? 5   CYS B C    1 
ATOM   243 O O    A CYS B 1 5  ? 3.57692   -4.64861  0.81352   0.635 4.62737  ? 5   CYS B O    1 
ATOM   244 O O    B CYS B 1 5  ? 3.13672   -4.64504  1.01658   0.365 11.27038 ? 5   CYS B O    1 
ATOM   245 C CB   A CYS B 1 5  ? 2.89791   -6.71447  3.36712   0.635 6.67659  ? 5   CYS B CB   1 
ATOM   246 C CB   B CYS B 1 5  ? 2.98278   -7.16932  2.96929   0.365 8.47454  ? 5   CYS B CB   1 
ATOM   247 S SG   A CYS B 1 5  ? 1.29190   -5.86688  3.07229   0.635 8.64162  ? 5   CYS B SG   1 
ATOM   248 S SG   B CYS B 1 5  ? 3.34792   -8.96562  3.08753   0.365 6.82456  ? 5   CYS B SG   1 
ATOM   249 H H    A CYS B 1 5  ? 5.24666   -6.82491  3.94687   0.635 6.01660  ? 5   CYS B H    1 
ATOM   250 H H    B CYS B 1 5  ? 5.21548   -6.72740  3.94288   0.365 8.88356  ? 5   CYS B H    1 
ATOM   251 H HA   A CYS B 1 5  ? 4.02611   -6.93353  1.65917   0.635 6.85685  ? 5   CYS B HA   1 
ATOM   252 H HA   B CYS B 1 5  ? 4.23624   -6.78801  1.44492   0.365 11.46586 ? 5   CYS B HA   1 
ATOM   253 H HB2  A CYS B 1 5  ? 2.73308   -7.66664  3.28286   0.635 8.08327  ? 5   CYS B HB2  1 
ATOM   254 H HB2  B CYS B 1 5  ? 2.83571   -6.83135  3.86653   0.365 10.24082 ? 5   CYS B HB2  1 
ATOM   255 H HB3  A CYS B 1 5  ? 3.16494   -6.50309  4.27537   0.635 8.08327  ? 5   CYS B HB3  1 
ATOM   256 H HB3  B CYS B 1 5  ? 2.17923   -7.05887  2.43731   0.365 10.24082 ? 5   CYS B HB3  1 
ATOM   257 H HG   A CYS B 1 5  ? 0.41004   -6.52173  3.55549   0.635 10.44132 ? 5   CYS B HG   1 
ATOM   258 H HG   B CYS B 1 5  ? 4.45980   -9.11097  3.51484   0.365 8.26084  ? 5   CYS B HG   1 
ATOM   259 N N    . LEU B 1 6  ? 4.26486   -3.98176  2.84775   1.000 6.00222  ? 6   LEU B N    1 
ATOM   260 C CA   . LEU B 1 6  ? 4.17941   -2.57352  2.52636   1.000 6.23159  ? 6   LEU B CA   1 
ATOM   261 C C    . LEU B 1 6  ? 5.18460   -2.27524  1.42019   1.000 5.25275  ? 6   LEU B C    1 
ATOM   262 O O    . LEU B 1 6  ? 4.86368   -1.60021  0.45581   1.000 7.02480  ? 6   LEU B O    1 
ATOM   263 C CB   . LEU B 1 6  ? 4.50779   -1.74159  3.76152   1.000 4.88233  ? 6   LEU B CB   1 
ATOM   264 C CG   . LEU B 1 6  ? 4.68650   -0.23029  3.61782   1.000 7.43074  ? 6   LEU B CG   1 
ATOM   265 C CD1  . LEU B 1 6  ? 3.46444   0.41334   3.04072   1.000 7.09940  ? 6   LEU B CD1  1 
ATOM   266 C CD2  . LEU B 1 6  ? 5.02569   0.37541   4.96425   1.000 7.72454  ? 6   LEU B CD2  1 
ATOM   267 H H    . LEU B 1 6  ? 4.53632   -4.14283  3.64772   1.000 7.27403  ? 6   LEU B H    1 
ATOM   268 H HA   . LEU B 1 6  ? 3.28597   -2.33360  2.23466   1.000 7.54928  ? 6   LEU B HA   1 
ATOM   269 H HB2  . LEU B 1 6  ? 3.78789   -1.87214  4.39839   1.000 5.93017  ? 6   LEU B HB2  1 
ATOM   270 H HB3  . LEU B 1 6  ? 5.33962   -2.08145  4.12683   1.000 5.93017  ? 6   LEU B HB3  1 
ATOM   271 H HG   . LEU B 1 6  ? 5.41655   -0.05673  3.00317   1.000 8.98825  ? 6   LEU B HG   1 
ATOM   272 H HD11 . LEU B 1 6  ? 3.56525   1.37716   3.08307   1.000 8.59065  ? 6   LEU B HD11 1 
ATOM   273 H HD12 . LEU B 1 6  ? 3.36488   0.13139   2.11796   1.000 8.59065  ? 6   LEU B HD12 1 
ATOM   274 H HD13 . LEU B 1 6  ? 2.68975   0.13883   3.55589   1.000 8.59065  ? 6   LEU B HD13 1 
ATOM   275 H HD21 . LEU B 1 6  ? 5.21897   1.31864   4.84655   1.000 9.34081  ? 6   LEU B HD21 1 
ATOM   276 H HD22 . LEU B 1 6  ? 4.26833   0.26479   5.56012   1.000 9.34081  ? 6   LEU B HD22 1 
ATOM   277 H HD23 . LEU B 1 6  ? 5.80192   -0.07840  5.32816   1.000 9.34081  ? 6   LEU B HD23 1 
HETATM 278 N N    . AIB B 1 7  ? 6.41378   -2.77243  1.56754   1.000 5.67562  ? 7   AIB B N    1 
HETATM 279 C CA   . AIB B 1 7  ? 7.47209   -2.61577  0.56928   1.000 4.81370  ? 7   AIB B CA   1 
HETATM 280 C C    . AIB B 1 7  ? 6.98290   -3.03883  -0.82207  1.000 4.83337  ? 7   AIB B C    1 
HETATM 281 O O    . AIB B 1 7  ? 7.06945   -2.34710  -1.83414  1.000 7.73874  ? 7   AIB B O    1 
HETATM 282 C CB1  . AIB B 1 7  ? 7.90655   -1.15175  0.52212   1.000 7.51209  ? 7   AIB B CB1  1 
HETATM 283 C CB2  . AIB B 1 7  ? 8.70659   -3.48031  0.94061   1.000 6.06544  ? 7   AIB B CB2  1 
HETATM 284 H HB11 . AIB B 1 7  ? 8.81140   -1.04825  -0.12287  1.000 9.08587  ? 7   AIB B HB11 1 
HETATM 285 H HB12 . AIB B 1 7  ? 7.08221   -0.52785  0.10179   1.000 9.08587  ? 7   AIB B HB12 1 
HETATM 286 H HB13 . AIB B 1 7  ? 8.14715   -0.79716  1.55257   1.000 9.08587  ? 7   AIB B HB13 1 
HETATM 287 H HB21 . AIB B 1 7  ? 9.61612   -3.04153  0.46321   1.000 7.34990  ? 7   AIB B HB21 1 
HETATM 288 H HB22 . AIB B 1 7  ? 8.82635   -3.48719  2.05116   1.000 7.34990  ? 7   AIB B HB22 1 
HETATM 289 H HB23 . AIB B 1 7  ? 8.54761   -4.52171  0.56927   1.000 7.34990  ? 7   AIB B HB23 1 
ATOM   290 N N    . GLN B 1 8  ? 6.41007   -4.23649  -0.85944  1.000 6.47362  ? 8   GLN B N    1 
ATOM   291 C CA   . GLN B 1 8  ? 5.93158   -4.81327  -2.11327  1.000 6.37799  ? 8   GLN B CA   1 
ATOM   292 C C    . GLN B 1 8  ? 4.79752   -3.99919  -2.74900  1.000 5.69714  ? 8   GLN B C    1 
ATOM   293 O O    . GLN B 1 8  ? 4.78784   -3.74627  -3.95609  1.000 5.86121  ? 8   GLN B O    1 
ATOM   294 C CB   . GLN B 1 8  ? 5.44881   -6.25458  -1.88734  1.000 9.67839  ? 8   GLN B CB   1 
ATOM   295 C CG   . GLN B 1 8  ? 4.93945   -6.90502  -3.17404  1.000 9.03197  ? 8   GLN B CG   1 
ATOM   296 C CD   . GLN B 1 8  ? 4.58367   -8.36229  -3.02821  1.000 14.23114 ? 8   GLN B CD   1 
ATOM   297 O OE1  . GLN B 1 8  ? 3.53720   -8.80693  -3.51579  1.000 18.79548 ? 8   GLN B OE1  1 
ATOM   298 N NE2  . GLN B 1 8  ? 5.45592   -9.12445  -2.38530  1.000 14.34448 ? 8   GLN B NE2  1 
ATOM   299 H HA   . GLN B 1 8  ? 6.67443   -4.81292  -2.73703  1.000 7.72496  ? 8   GLN B HA   1 
ATOM   300 H HB2  . GLN B 1 8  ? 6.18641   -6.78720  -1.55094  1.000 11.68544 ? 8   GLN B HB2  1 
ATOM   301 H HB3  . GLN B 1 8  ? 4.72308   -6.24892  -1.24376  1.000 11.68544 ? 8   GLN B HB3  1 
ATOM   302 H HG2  . GLN B 1 8  ? 4.14232   -6.43533  -3.46535  1.000 10.90973 ? 8   GLN B HG2  1 
ATOM   303 H HG3  . GLN B 1 8  ? 5.63056   -6.83730  -3.85130  1.000 10.90973 ? 8   GLN B HG3  1 
ATOM   304 H HE21 . GLN B 1 8  ? 6.18126   -8.78103  -2.07620  1.000 17.28475 ? 8   GLN B HE21 1 
ATOM   305 H HE22 . GLN B 1 8  ? 5.29682   -9.96264  -2.27705  1.000 17.28475 ? 8   GLN B HE22 1 
HETATM 306 N N    . AIB B 1 9  ? 3.79490   -3.67453  -1.92873  1.000 5.47156  ? 9   AIB B N    1 
HETATM 307 C CA   . AIB B 1 9  ? 2.65501   -2.89382  -2.37569  1.000 5.83357  ? 9   AIB B CA   1 
HETATM 308 C C    . AIB B 1 9  ? 3.04654   -1.59710  -3.10706  1.000 4.58836  ? 9   AIB B C    1 
HETATM 309 O O    . AIB B 1 9  ? 2.43994   -1.18431  -4.08880  1.000 5.03810  ? 9   AIB B O    1 
HETATM 310 C CB1  . AIB B 1 9  ? 1.73185   -3.72666  -3.30024  1.000 6.43944  ? 9   AIB B CB1  1 
HETATM 311 C CB2  . AIB B 1 9  ? 1.79438   -2.43211  -1.19448  1.000 6.39763  ? 9   AIB B CB2  1 
HETATM 312 H H    . AIB B 1 9  ? 3.55699   -4.18623  -1.10195  1.000 6.63724  ? 9   AIB B H    1 
HETATM 313 H HB11 . AIB B 1 9  ? 1.02881   -3.04848  -3.83993  1.000 7.79869  ? 9   AIB B HB11 1 
HETATM 314 H HB12 . AIB B 1 9  ? 2.34867   -4.28440  -4.04449  1.000 7.79869  ? 9   AIB B HB12 1 
HETATM 315 H HB13 . AIB B 1 9  ? 1.14529   -4.45405  -2.69007  1.000 7.79869  ? 9   AIB B HB13 1 
HETATM 316 H HB21 . AIB B 1 9  ? 0.93657   -1.83034  -1.58140  1.000 7.74852  ? 9   AIB B HB21 1 
HETATM 317 H HB22 . AIB B 1 9  ? 1.41347   -3.32887  -0.64820  1.000 7.74852  ? 9   AIB B HB22 1 
HETATM 318 H HB23 . AIB B 1 9  ? 2.41863   -1.80750  -0.51049  1.000 7.74852  ? 9   AIB B HB23 1 
ATOM   319 N N    . LEU B 1 10 ? 4.09193   -0.93945  -2.58702  1.000 5.70061  ? 10  LEU B N    1 
ATOM   320 C CA   . LEU B 1 10 ? 4.57847   0.31561   -3.18813  1.000 5.69550  ? 10  LEU B CA   1 
ATOM   321 C C    . LEU B 1 10 ? 5.69111   0.12383   -4.23765  1.000 4.39913  ? 10  LEU B C    1 
ATOM   322 O O    . LEU B 1 10 ? 6.36150   1.07393   -4.65570  1.000 6.44898  ? 10  LEU B O    1 
ATOM   323 C CB   . LEU B 1 10 ? 5.06096   1.26353   -2.08894  1.000 6.33059  ? 10  LEU B CB   1 
ATOM   324 C CG   . LEU B 1 10 ? 3.97251   1.74743   -1.13372  1.000 5.87212  ? 10  LEU B CG   1 
ATOM   325 C CD1  . LEU B 1 10 ? 4.58276   2.47525   0.03390   1.000 8.01087  ? 10  LEU B CD1  1 
ATOM   326 C CD2  . LEU B 1 10 ? 2.99050   2.62902   -1.85387  1.000 6.15384  ? 10  LEU B CD2  1 
ATOM   327 H H    . LEU B 1 10 ? 4.53283   -1.19495  -1.89425  1.000 6.91210  ? 10  LEU B H    1 
ATOM   328 H HA   . LEU B 1 10 ? 3.83297   0.71309   -3.66472  1.000 6.90597  ? 10  LEU B HA   1 
ATOM   329 H HB2  . LEU B 1 10 ? 5.73067   0.80329   -1.55925  1.000 7.66808  ? 10  LEU B HB2  1 
ATOM   330 H HB3  . LEU B 1 10 ? 5.45041   2.04662   -2.50847  1.000 7.66808  ? 10  LEU B HB3  1 
ATOM   331 H HG   . LEU B 1 10 ? 3.48893   0.97981   -0.79050  1.000 7.11791  ? 10  LEU B HG   1 
ATOM   332 H HD11 . LEU B 1 10 ? 3.89827   2.62677   0.70428   1.000 9.68441  ? 10  LEU B HD11 1 
ATOM   333 H HD12 . LEU B 1 10 ? 5.29600   1.93330   0.40603   1.000 9.68441  ? 10  LEU B HD12 1 
ATOM   334 H HD13 . LEU B 1 10 ? 4.93812   3.32379   -0.27367  1.000 9.68441  ? 10  LEU B HD13 1 
ATOM   335 H HD21 . LEU B 1 10 ? 2.49376   3.14719   -1.20145  1.000 7.45597  ? 10  LEU B HD21 1 
ATOM   336 H HD22 . LEU B 1 10 ? 3.47572   3.22285   -2.44786  1.000 7.45597  ? 10  LEU B HD22 1 
ATOM   337 H HD23 . LEU B 1 10 ? 2.38315   2.07258   -2.36613  1.000 7.45597  ? 10  LEU B HD23 1 
HETATM 338 C C11  . I77 B 1 11 ? 8.29579   0.02087   -8.64895  1.000 7.05851  ? 11  I77 B C11  1 
HETATM 339 C C12  . I77 B 1 11 ? 7.88562   -1.00690  -7.82744  1.000 5.67323  ? 11  I77 B C12  1 
HETATM 340 C C13  . I77 B 1 11 ? 6.59498   -0.88827  -7.05369  1.000 6.45653  ? 11  I77 B C13  1 
HETATM 341 C C17  . I77 B 1 11 ? 8.71001   -2.10317  -7.60324  1.000 10.77322 ? 11  I77 B C17  1 
HETATM 342 C C18  . I77 B 1 11 ? 9.90822   -2.15373  -8.26818  1.000 9.29029  ? 11  I77 B C18  1 
HETATM 343 C C02  . I77 B 1 11 ? 15.56927  -1.25955  -11.24424 1.000 17.95657 ? 11  I77 B C02  1 
HETATM 344 C C03  . I77 B 1 11 ? 14.12562  -1.23916  -10.71622 1.000 18.68890 ? 11  I77 B C03  1 
HETATM 345 C C04  . I77 B 1 11 ? 13.42200  -0.05066  -10.79862 1.000 17.69913 ? 11  I77 B C04  1 
HETATM 346 C C05  . I77 B 1 11 ? 12.13626  -0.03139  -10.29640 1.000 14.66913 ? 11  I77 B C05  1 
HETATM 347 C C06  . I77 B 1 11 ? 13.56757  -2.35198  -10.11594 1.000 18.23935 ? 11  I77 B C06  1 
HETATM 348 C C08  . I77 B 1 11 ? 11.60300  -1.19134  -9.76500  1.000 14.17762 ? 11  I77 B C08  1 
HETATM 349 C C09  . I77 B 1 11 ? 10.23699  -1.12041  -9.13473  1.000 11.47798 ? 11  I77 B C09  1 
HETATM 350 N N01  . I77 B 1 11 ? 16.31103  -0.01080  -11.13607 1.000 18.44560 ? 11  I77 B N01  1 
HETATM 351 N N07  . I77 B 1 11 ? 12.33602  -2.28537  -9.64929  1.000 16.54949 ? 11  I77 B N07  1 
HETATM 352 N N10  . I77 B 1 11 ? 9.45716   -0.04939  -9.28501  1.000 10.19940 ? 11  I77 B N10  1 
HETATM 353 N N14  . I77 B 1 11 ? 6.73865   -1.30807  -5.68078  1.000 4.73989  ? 11  I77 B N14  1 
HETATM 354 N N15  . I77 B 1 11 ? 5.67470   -1.20137  -4.77462  1.000 5.23796  ? 11  I77 B N15  1 
HETATM 355 O O16  . I77 B 1 11 ? 5.60109   -0.42642  -7.47903  1.000 5.05839  ? 11  I77 B O16  1 
HETATM 356 O O19  . I77 B 1 11 ? 16.06815  -2.23634  -11.66935 1.000 15.94658 ? 11  I77 B O19  1 
HETATM 357 H H111 . I77 B 1 11 ? 7.66748   0.88888   -8.77550  1.000 8.54157  ? 11  I77 B H111 1 
HETATM 358 H H171 . I77 B 1 11 ? 8.41313   -2.89855  -6.91963  1.000 12.99923 ? 11  I77 B H171 1 
HETATM 359 H H181 . I77 B 1 11 ? 10.58927  -2.98903  -8.11922  1.000 11.21971 ? 11  I77 B H181 1 
HETATM 360 H H041 . I77 B 1 11 ? 13.86068  0.82581   -11.23775 1.000 21.31032 ? 11  I77 B H041 1 
HETATM 361 H H051 . I77 B 1 11 ? 11.55247  0.88053   -10.31824 1.000 17.67432 ? 11  I77 B H051 1 
HETATM 362 H H061 . I77 B 1 11 ? 14.13510  -3.26797  -10.02982 1.000 21.95859 ? 11  I77 B H061 1 
HETATM 363 H H011 . I77 B 1 11 ? 15.86969  0.80008   -10.75836 1.000 22.20609 ? 11  I77 B H011 1 
HETATM 364 H H012 . I77 B 1 11 ? 17.26251  0.03481   -11.45253 1.000 22.20609 ? 11  I77 B H012 1 
HETATM 365 H H141 . I77 B 1 11 ? 7.61786   -1.68401  -5.36818  1.000 5.75923  ? 11  I77 B H141 1 
HETATM 366 H H1   . I77 B 1 11 ? 5.92435   -1.70525  -3.94158  1.000 6.35691  ? 11  I77 B H1   1 
HETATM 367 N N    . NIO C 1 1  ? -11.16451 18.84507  -3.78286  1.000 6.99764  ? 1   NIO C N    1 
HETATM 368 C C1   . NIO C 1 1  ? -11.81324 18.92708  -2.60373  1.000 5.29195  ? 1   NIO C C1   1 
HETATM 369 C C2   . NIO C 1 1  ? -12.31778 17.82866  -1.92436  1.000 6.53852  ? 1   NIO C C2   1 
HETATM 370 C C3   . NIO C 1 1  ? -12.14762 16.58040  -2.50692  1.000 7.26624  ? 1   NIO C C3   1 
HETATM 371 C C4   . NIO C 1 1  ? -11.47770 16.47345  -3.70720  1.000 8.34840  ? 1   NIO C C4   1 
HETATM 372 C C5   . NIO C 1 1  ? -11.01191 17.62466  -4.30864  1.000 7.60582  ? 1   NIO C C5   1 
HETATM 373 C C6   . NIO C 1 1  ? -13.01475 17.98019  -0.62091  1.000 5.66657  ? 1   NIO C C6   1 
HETATM 374 O O1   . NIO C 1 1  ? -12.75020 17.27504  0.34863   1.000 5.62663  ? 1   NIO C O1   1 
HETATM 375 H H1   . NIO C 1 1  ? -11.92890 19.76831  -2.22447  1.000 6.42170  ? 1   NIO C H1   1 
HETATM 376 H H3   . NIO C 1 1  ? -12.48372 15.82016  -2.08981  1.000 8.79085  ? 1   NIO C H3   1 
HETATM 377 H H4   . NIO C 1 1  ? -11.34260 15.64286  -4.10315  1.000 10.08944 ? 1   NIO C H4   1 
HETATM 378 H H5   . NIO C 1 1  ? -10.56848 17.54799  -5.12251  1.000 9.19835  ? 1   NIO C H5   1 
ATOM   379 N N    . LEU C 1 2  ? -13.98387 19.02029  -0.53307  1.000 5.33773  ? 2   LEU C N    1 
ATOM   380 C CA   . LEU C 1 2  ? -14.54724 19.36805  0.76129   1.000 5.50592  ? 2   LEU C CA   1 
ATOM   381 C C    . LEU C 1 2  ? -15.30294 18.21084  1.42761   1.000 5.20746  ? 2   LEU C C    1 
ATOM   382 O O    . LEU C 1 2  ? -15.12317 17.95635  2.62132   1.000 5.63710  ? 2   LEU C O    1 
ATOM   383 C CB   . LEU C 1 2  ? -15.44678 20.59275  0.60269   1.000 5.76683  ? 2   LEU C CB   1 
ATOM   384 C CG   . LEU C 1 2  ? -14.69682 21.90010  0.35082   1.000 5.85483  ? 2   LEU C CG   1 
ATOM   385 C CD1  . LEU C 1 2  ? -15.58529 22.92747  -0.32371  1.000 8.75587  ? 2   LEU C CD1  1 
ATOM   386 C CD2  . LEU C 1 2  ? -14.14906 22.43146  1.68811   1.000 6.38156  ? 2   LEU C CD2  1 
ATOM   387 H HA   . LEU C 1 2  ? -13.82183 19.58068  1.36913   1.000 6.67847  ? 2   LEU C HA   1 
ATOM   388 H HB2  . LEU C 1 2  ? -16.03983 20.44443  -0.15044  1.000 6.99156  ? 2   LEU C HB2  1 
ATOM   389 H HB3  . LEU C 1 2  ? -15.96421 20.70279  1.41575   1.000 6.99156  ? 2   LEU C HB3  1 
ATOM   390 H HG   . LEU C 1 2  ? -13.95478 21.73826  -0.25257  1.000 7.09716  ? 2   LEU C HG   1 
ATOM   391 H HD11 . LEU C 1 2  ? -15.15864 23.79703  -0.27124  1.000 10.57842 ? 2   LEU C HD11 1 
ATOM   392 H HD12 . LEU C 1 2  ? -15.71041 22.67588  -1.25211  1.000 10.57842 ? 2   LEU C HD12 1 
ATOM   393 H HD13 . LEU C 1 2  ? -16.44185 22.95133  0.13086   1.000 10.57842 ? 2   LEU C HD13 1 
ATOM   394 H HD21 . LEU C 1 2  ? -13.76090 23.30868  1.54416   1.000 7.72924  ? 2   LEU C HD21 1 
ATOM   395 H HD22 . LEU C 1 2  ? -14.87745 22.49262  2.32576   1.000 7.72924  ? 2   LEU C HD22 1 
ATOM   396 H HD23 . LEU C 1 2  ? -13.47177 21.82002  2.01724   1.000 7.72924  ? 2   LEU C HD23 1 
HETATM 397 N N    . AIB C 1 3  ? -16.11689 17.49534  0.66325   1.000 5.23146  ? 3   AIB C N    1 
HETATM 398 C CA   . AIB C 1 3  ? -16.88304 16.39830  1.21778   1.000 6.05160  ? 3   AIB C CA   1 
HETATM 399 C C    . AIB C 1 3  ? -15.96057 15.31308  1.82306   1.000 5.57423  ? 3   AIB C C    1 
HETATM 400 O O    . AIB C 1 3  ? -16.14893 14.79557  2.91194   1.000 5.19533  ? 3   AIB C O    1 
HETATM 401 C CB1  . AIB C 1 3  ? -17.84021 16.92441  2.29836   1.000 6.22001  ? 3   AIB C CB1  1 
HETATM 402 C CB2  . AIB C 1 3  ? -17.70247 15.70421  0.12537   1.000 5.74743  ? 3   AIB C CB2  1 
HETATM 403 H H    . AIB C 1 3  ? -16.02972 17.40248  -0.32961  1.000 6.34912  ? 3   AIB C H    1 
HETATM 404 H HB11 . AIB C 1 3  ? -18.72367 16.24751  2.38052   1.000 7.53538  ? 3   AIB C HB11 1 
HETATM 405 H HB12 . AIB C 1 3  ? -17.31354 16.96242  3.28154   1.000 7.53538  ? 3   AIB C HB12 1 
HETATM 406 H HB13 . AIB C 1 3  ? -18.18684 17.94996  2.02715   1.000 7.53538  ? 3   AIB C HB13 1 
HETATM 407 H HB21 . AIB C 1 3  ? -18.30334 14.88312  0.58628   1.000 6.96829  ? 3   AIB C HB21 1 
HETATM 408 H HB22 . AIB C 1 3  ? -18.38267 16.45146  -0.35068  1.000 6.96829  ? 3   AIB C HB22 1 
HETATM 409 H HB23 . AIB C 1 3  ? -17.00676 15.28222  -0.63988  1.000 6.96829  ? 3   AIB C HB23 1 
ATOM   410 N N    . ALA C 1 4  ? -14.90917 14.99095  1.07344   1.000 5.31326  ? 4   ALA C N    1 
ATOM   411 C CA   . ALA C 1 4  ? -13.92365 14.00682  1.49232   1.000 6.90902  ? 4   ALA C CA   1 
ATOM   412 C C    . ALA C 1 4  ? -13.13777 14.43110  2.75760   1.000 5.75917  ? 4   ALA C C    1 
ATOM   413 O O    . ALA C 1 4  ? -12.77122 13.59346  3.57684   1.000 6.38140  ? 4   ALA C O    1 
ATOM   414 C CB   . ALA C 1 4  ? -12.97102 13.70742  0.32830   1.000 8.58049  ? 4   ALA C CB   1 
ATOM   415 H H    . ALA C 1 4  ? -14.74350 15.33661  0.30360   1.000 6.44728  ? 4   ALA C H    1 
ATOM   416 H HA   . ALA C 1 4  ? -14.39263 13.19302  1.73458   1.000 8.36219  ? 4   ALA C HA   1 
ATOM   417 H HB1  . ALA C 1 4  ? -12.32112 13.04645  0.61408   1.000 10.36795 ? 4   ALA C HB1  1 
ATOM   418 H HB2  . ALA C 1 4  ? -13.48448 13.36453  -0.41982  1.000 10.36795 ? 4   ALA C HB2  1 
ATOM   419 H HB3  . ALA C 1 4  ? -12.51895 14.52634  0.07155   1.000 10.36795 ? 4   ALA C HB3  1 
ATOM   420 N N    A CYS C 1 5  ? -12.90343 15.72429  2.91926   0.399 7.42877  ? 5   CYS C N    1 
ATOM   421 N N    B CYS C 1 5  ? -12.86330 15.73564  2.88274   0.601 4.97898  ? 5   CYS C N    1 
ATOM   422 C CA   A CYS C 1 5  ? -12.18080 16.17756  4.09806   0.399 9.45018  ? 5   CYS C CA   1 
ATOM   423 C CA   B CYS C 1 5  ? -12.23161 16.28507  4.08299   0.601 4.63154  ? 5   CYS C CA   1 
ATOM   424 C C    A CYS C 1 5  ? -13.05690 16.15833  5.34742   0.399 10.86078 ? 5   CYS C C    1 
ATOM   425 C C    B CYS C 1 5  ? -13.08508 16.01071  5.30879   0.601 4.55928  ? 5   CYS C C    1 
ATOM   426 O O    A CYS C 1 5  ? -12.52619 16.01426  6.45441   0.399 14.03991 ? 5   CYS C O    1 
ATOM   427 O O    B CYS C 1 5  ? -12.58577 15.56246  6.34831   0.601 4.69861  ? 5   CYS C O    1 
ATOM   428 C CB   A CYS C 1 5  ? -11.52597 17.52806  3.80104   0.399 9.40862  ? 5   CYS C CB   1 
ATOM   429 C CB   B CYS C 1 5  ? -12.03309 17.79435  3.89141   0.601 6.65854  ? 5   CYS C CB   1 
ATOM   430 S SG   A CYS C 1 5  ? -10.30294 17.40668  2.44058   0.399 7.72911  ? 5   CYS C SG   1 
ATOM   431 S SG   B CYS C 1 5  ? -11.95994 18.81818  5.40527   0.601 8.44213  ? 5   CYS C SG   1 
ATOM   432 H H    A CYS C 1 5  ? -13.14551 16.34518  2.37566   0.399 8.98589  ? 5   CYS C H    1 
ATOM   433 H H    B CYS C 1 5  ? -13.03467 16.32661  2.28191   0.601 6.04614  ? 5   CYS C H    1 
ATOM   434 H HA   A CYS C 1 5  ? -11.44638 15.57993  4.30867   0.399 11.41159 ? 5   CYS C HA   1 
ATOM   435 H HA   B CYS C 1 5  ? -11.36552 15.87019  4.21959   0.601 5.62922  ? 5   CYS C HA   1 
ATOM   436 H HB2  A CYS C 1 5  ? -12.21013 18.16407  3.53970   0.399 11.36171 ? 5   CYS C HB2  1 
ATOM   437 H HB2  B CYS C 1 5  ? -11.19688 17.92873  3.41858   0.601 8.06162  ? 5   CYS C HB2  1 
ATOM   438 H HB3  A CYS C 1 5  ? -11.06720 17.84217  4.59589   0.399 11.36171 ? 5   CYS C HB3  1 
ATOM   439 H HB3  B CYS C 1 5  ? -12.77233 18.12847  3.35962   0.601 8.06162  ? 5   CYS C HB3  1 
ATOM   440 H HG   A CYS C 1 5  ? -10.79321 16.80208  1.52729   0.399 9.34630  ? 5   CYS C HG   1 
ATOM   441 H HG   B CYS C 1 5  ? -11.52729 19.90149  5.12373   0.601 10.20193 ? 5   CYS C HG   1 
ATOM   442 N N    . LEU C 1 6  ? -14.37688 16.27597  5.19923   1.000 5.37125  ? 6   LEU C N    1 
ATOM   443 C CA   . LEU C 1 6  ? -15.29858 16.03189  6.29881   1.000 6.28979  ? 6   LEU C CA   1 
ATOM   444 C C    . LEU C 1 6  ? -15.30586 14.54038  6.62414   1.000 5.55111  ? 6   LEU C C    1 
ATOM   445 O O    . LEU C 1 6  ? -15.20436 14.14554  7.78497   1.000 6.39029  ? 6   LEU C O    1 
ATOM   446 C CB   . LEU C 1 6  ? -16.70619 16.46939  5.90666   1.000 5.90208  ? 6   LEU C CB   1 
ATOM   447 C CG   . LEU C 1 6  ? -17.86034 16.20134  6.86561   1.000 6.66031  ? 6   LEU C CG   1 
ATOM   448 C CD1  . LEU C 1 6  ? -17.59771 16.81343  8.18567   1.000 7.40503  ? 6   LEU C CD1  1 
ATOM   449 C CD2  . LEU C 1 6  ? -19.14688 16.72443  6.27741   1.000 7.15074  ? 6   LEU C CD2  1 
ATOM   450 H H    . LEU C 1 6  ? -14.74818 16.59995  4.49440   1.000 6.51687  ? 6   LEU C H    1 
ATOM   451 H HA   . LEU C 1 6  ? -15.02902 16.53646  7.08217   1.000 7.61912  ? 6   LEU C HA   1 
ATOM   452 H HB2  . LEU C 1 6  ? -16.68343 17.42906  5.76734   1.000 7.15386  ? 6   LEU C HB2  1 
ATOM   453 H HB3  . LEU C 1 6  ? -16.92941 16.01892  5.07712   1.000 7.15386  ? 6   LEU C HB3  1 
ATOM   454 H HG   . LEU C 1 6  ? -17.95152 15.24515  7.00083   1.000 8.06374  ? 6   LEU C HG   1 
ATOM   455 H HD11 . LEU C 1 6  ? -18.35028 16.63599  8.77139   1.000 8.95740  ? 6   LEU C HD11 1 
ATOM   456 H HD12 . LEU C 1 6  ? -16.79012 16.42630  8.55823   1.000 8.95740  ? 6   LEU C HD12 1 
ATOM   457 H HD13 . LEU C 1 6  ? -17.48450 17.77022  8.07322   1.000 8.95740  ? 6   LEU C HD13 1 
ATOM   458 H HD21 . LEU C 1 6  ? -19.88668 16.44960  6.84137   1.000 8.65225  ? 6   LEU C HD21 1 
ATOM   459 H HD22 . LEU C 1 6  ? -19.10447 17.69262  6.23593   1.000 8.65225  ? 6   LEU C HD22 1 
ATOM   460 H HD23 . LEU C 1 6  ? -19.25761 16.35967  5.38545   1.000 8.65225  ? 6   LEU C HD23 1 
HETATM 461 N N    . AIB C 1 7  ? -15.43267 13.71278  5.58662   1.000 5.53500  ? 7   AIB C N    1 
HETATM 462 C CA   . AIB C 1 7  ? -15.43317 12.26182  5.75631   1.000 5.65562  ? 7   AIB C CA   1 
HETATM 463 C C    . AIB C 1 7  ? -14.22210 11.79323  6.58181   1.000 6.15279  ? 7   AIB C C    1 
HETATM 464 O O    . AIB C 1 7  ? -14.29668 11.06688  7.57001   1.000 8.01647  ? 7   AIB C O    1 
HETATM 465 C CB1  . AIB C 1 7  ? -16.69857 11.84021  6.49993   1.000 7.39611  ? 7   AIB C CB1  1 
HETATM 466 C CB2  . AIB C 1 7  ? -15.37068 11.56544  4.37569   1.000 5.35798  ? 7   AIB C CB2  1 
HETATM 467 H HB11 . AIB C 1 7  ? -16.81497 10.73160  6.44626   1.000 8.94670  ? 7   AIB C HB11 1 
HETATM 468 H HB12 . AIB C 1 7  ? -16.62784 12.15104  7.56944   1.000 8.94670  ? 7   AIB C HB12 1 
HETATM 469 H HB13 . AIB C 1 7  ? -17.58856 12.32626  6.03397   1.000 8.94670  ? 7   AIB C HB13 1 
HETATM 470 H HB21 . AIB C 1 7  ? -15.54653 10.47070  4.51103   1.000 6.50094  ? 7   AIB C HB21 1 
HETATM 471 H HB22 . AIB C 1 7  ? -16.15920 11.99773  3.71308   1.000 6.50094  ? 7   AIB C HB22 1 
HETATM 472 H HB23 . AIB C 1 7  ? -14.36212 11.73546  3.92670   1.000 6.50094  ? 7   AIB C HB23 1 
ATOM   473 N N    . GLN C 1 8  ? -13.05258 12.26755  6.15413   1.000 5.36688  ? 8   GLN C N    1 
ATOM   474 C CA   . GLN C 1 8  ? -11.78446 11.89686  6.77800   1.000 6.70042  ? 8   GLN C CA   1 
ATOM   475 C C    . GLN C 1 8  ? -11.71218 12.35095  8.22334   1.000 5.43409  ? 8   GLN C C    1 
ATOM   476 O O    . GLN C 1 8  ? -11.30690 11.59719  9.09717   1.000 5.61388  ? 8   GLN C O    1 
ATOM   477 C CB   . GLN C 1 8  ? -10.59489 12.47063  5.98970   1.000 9.91937  ? 8   GLN C CB   1 
ATOM   478 C CG   . GLN C 1 8  ? -9.23924  12.11040  6.59840   1.000 10.21472 ? 8   GLN C CG   1 
ATOM   479 C CD   . GLN C 1 8  ? -8.06325  12.60101  5.78755   1.000 13.44901 ? 8   GLN C CD   1 
ATOM   480 O OE1  . GLN C 1 8  ? -8.02362  12.41175  4.57408   1.000 13.46826 ? 8   GLN C OE1  1 
ATOM   481 N NE2  . GLN C 1 8  ? -7.05676  13.15642  6.46338   1.000 15.24180 ? 8   GLN C NE2  1 
ATOM   482 H HA   . GLN C 1 8  ? -11.71636 10.92930  6.76771   1.000 8.11187  ? 8   GLN C HA   1 
ATOM   483 H HB2  . GLN C 1 8  ? -10.61888 12.11997  5.08563   1.000 11.97461 ? 8   GLN C HB2  1 
ATOM   484 H HB3  . GLN C 1 8  ? -10.66688 13.43780  5.97242   1.000 11.97461 ? 8   GLN C HB3  1 
ATOM   485 H HG2  . GLN C 1 8  ? -9.17706  12.50771  7.48110   1.000 12.32903 ? 8   GLN C HG2  1 
ATOM   486 H HG3  . GLN C 1 8  ? -9.17215  11.14493  6.66367   1.000 12.32903 ? 8   GLN C HG3  1 
ATOM   487 H HE21 . GLN C 1 8  ? -7.09795  13.22117  7.31996   1.000 18.36153 ? 8   GLN C HE21 1 
ATOM   488 H HE22 . GLN C 1 8  ? -6.36648  13.44986  6.04267   1.000 18.36153 ? 8   GLN C HE22 1 
HETATM 489 N N    . AIB C 1 9  ? -12.05322 13.61363  8.44779   1.000 6.09053  ? 9   AIB C N    1 
HETATM 490 C CA   . AIB C 1 9  ? -12.02277 14.19709  9.77607   1.000 6.07940  ? 9   AIB C CA   1 
HETATM 491 C C    . AIB C 1 9  ? -12.78950 13.36257  10.81361  1.000 5.46244  ? 9   AIB C C    1 
HETATM 492 O O    . AIB C 1 9  ? -12.39839 13.20033  11.97397  1.000 4.80060  ? 9   AIB C O    1 
HETATM 493 C CB1  . AIB C 1 9  ? -10.56965 14.38724  10.27832  1.000 8.45932  ? 9   AIB C CB1  1 
HETATM 494 C CB2  . AIB C 1 9  ? -12.66086 15.59495  9.78109   1.000 5.63242  ? 9   AIB C CB2  1 
HETATM 495 H H    . AIB C 1 9  ? -12.01885 14.33619  7.75589   1.000 7.38001  ? 9   AIB C H    1 
HETATM 496 H HB11 . AIB C 1 9  ? -10.57238 14.56387  11.38025  1.000 10.22255 ? 9   AIB C HB11 1 
HETATM 497 H HB12 . AIB C 1 9  ? -9.97120  13.47232  10.05417  1.000 10.22255 ? 9   AIB C HB12 1 
HETATM 498 H HB13 . AIB C 1 9  ? -10.10626 15.26410  9.76662   1.000 10.22255 ? 9   AIB C HB13 1 
HETATM 499 H HB21 . AIB C 1 9  ? -12.78713 15.93448  10.83772  1.000 6.83028  ? 9   AIB C HB21 1 
HETATM 500 H HB22 . AIB C 1 9  ? -11.99347 16.30256  9.23194   1.000 6.83028  ? 9   AIB C HB22 1 
HETATM 501 H HB23 . AIB C 1 9  ? -13.65641 15.54329  9.27720   1.000 6.83028  ? 9   AIB C HB23 1 
ATOM   502 N N    . LEU C 1 10 ? -13.93066 12.83390  10.36055  1.000 5.75563  ? 10  LEU C N    1 
ATOM   503 C CA   . LEU C 1 10 ? -14.75852 12.02759  11.25852  1.000 6.93874  ? 10  LEU C CA   1 
ATOM   504 C C    . LEU C 1 10 ? -14.42269 10.53695  11.21569  1.000 5.07088  ? 10  LEU C C    1 
ATOM   505 O O    . LEU C 1 10 ? -15.20898 9.71305   11.67684  1.000 7.35605  ? 10  LEU C O    1 
ATOM   506 C CB   . LEU C 1 10 ? -16.24646 12.25967  10.96487  1.000 6.44014  ? 10  LEU C CB   1 
ATOM   507 C CG   . LEU C 1 10 ? -16.75430 13.67264  11.26040  1.000 6.47917  ? 10  LEU C CG   1 
ATOM   508 C CD1  . LEU C 1 10 ? -18.14827 13.86836  10.67236  1.000 8.42024  ? 10  LEU C CD1  1 
ATOM   509 C CD2  . LEU C 1 10 ? -16.76371 13.94484  12.74991  1.000 7.12131  ? 10  LEU C CD2  1 
ATOM   510 H H    . LEU C 1 10 ? -14.23637 12.92569  9.56198   1.000 6.97813  ? 10  LEU C H    1 
ATOM   511 H HA   . LEU C 1 10 ? -14.57547 12.31393  12.16703  1.000 8.39786  ? 10  LEU C HA   1 
ATOM   512 H HB2  . LEU C 1 10 ? -16.40332 12.08502  10.02371  1.000 7.79953  ? 10  LEU C HB2  1 
ATOM   513 H HB3  . LEU C 1 10 ? -16.76477 11.64481  11.50728  1.000 7.79953  ? 10  LEU C HB3  1 
ATOM   514 H HG   . LEU C 1 10 ? -16.15465 14.31326  10.84699  1.000 7.84637  ? 10  LEU C HG   1 
ATOM   515 H HD11 . LEU C 1 10 ? -18.43738 14.77870  10.84144  1.000 10.17566 ? 10  LEU C HD11 1 
ATOM   516 H HD12 . LEU C 1 10 ? -18.11387 13.70428  9.71695   1.000 10.17566 ? 10  LEU C HD12 1 
ATOM   517 H HD13 . LEU C 1 10 ? -18.75924 13.24365  11.09348  1.000 10.17566 ? 10  LEU C HD13 1 
ATOM   518 H HD21 . LEU C 1 10 ? -17.18490 14.80358  12.91135  1.000 8.61694  ? 10  LEU C HD21 1 
ATOM   519 H HD22 . LEU C 1 10 ? -17.26249 13.24269  13.19612  1.000 8.61694  ? 10  LEU C HD22 1 
ATOM   520 H HD23 . LEU C 1 10 ? -15.84964 13.95857  13.07422  1.000 8.61694  ? 10  LEU C HD23 1 
HETATM 521 C C11  . I77 C 1 11 ? -13.07071 5.76840   12.46644  1.000 7.92237  ? 11  I77 C C11  1 
HETATM 522 C C12  . I77 C 1 11 ? -12.55350 6.63431   11.52624  1.000 6.42651  ? 11  I77 C C12  1 
HETATM 523 C C13  . I77 C 1 11 ? -12.55443 8.12189   11.79264  1.000 6.76768  ? 11  I77 C C13  1 
HETATM 524 C C17  . I77 C 1 11 ? -12.10838 6.17509   10.29222  1.000 8.24375  ? 11  I77 C C17  1 
HETATM 525 C C18  . I77 C 1 11 ? -12.15973 4.82184   10.05519  1.000 9.75774  ? 11  I77 C C18  1 
HETATM 526 C C02  . I77 C 1 11 ? -13.31505 -1.46554  9.47154   1.000 19.57565 ? 11  I77 C C02  1 
HETATM 527 C C03  . I77 C 1 11 ? -13.11526 -0.01766  9.95287   1.000 19.40984 ? 11  I77 C C03  1 
HETATM 528 C C04  . I77 C 1 11 ? -13.71686 0.40018   11.12958  1.000 17.30130 ? 11  I77 C C04  1 
HETATM 529 C C05  . I77 C 1 11 ? -13.54206 1.72028   11.50627  1.000 14.75186 ? 11  I77 C C05  1 
HETATM 530 C C06  . I77 C 1 11 ? -12.39797 0.86724   9.16933   1.000 19.23653 ? 11  I77 C C06  1 
HETATM 531 C C08  . I77 C 1 11 ? -12.75966 2.53583   10.71475  1.000 14.53364 ? 11  I77 C C08  1 
HETATM 532 C C09  . I77 C 1 11 ? -12.63879 3.99204   11.06146  1.000 12.75842 ? 11  I77 C C09  1 
HETATM 533 N N01  . I77 C 1 11 ? -14.60275 -2.07564  9.76736   1.000 20.64945 ? 11  I77 C N01  1 
HETATM 534 N N07  . I77 C 1 11 ? -12.25818 2.10981   9.57338   1.000 17.41961 ? 11  I77 C N07  1 
HETATM 535 N N10  . I77 C 1 11 ? -13.11604 4.47249   12.20759  1.000 11.21850 ? 11  I77 C N10  1 
HETATM 536 N N14  . I77 C 1 11 ? -12.98940 8.87476   10.63789  1.000 7.43592  ? 11  I77 C N14  1 
HETATM 537 N N15  . I77 C 1 11 ? -13.12675 10.27207  10.67220  1.000 5.92986  ? 11  I77 C N15  1 
HETATM 538 O O16  . I77 C 1 11 ? -12.30388 8.62103   12.83761  1.000 5.75679  ? 11  I77 C O16  1 
HETATM 539 O O19  . I77 C 1 11 ? -12.49807 -2.04090  8.84631   1.000 17.89411 ? 11  I77 C O19  1 
HETATM 540 H H111 . I77 C 1 11 ? -13.43658 6.14625   13.40857  1.000 9.57821  ? 11  I77 C H111 1 
HETATM 541 H H171 . I77 C 1 11 ? -11.73108 6.86502   9.53740   1.000 9.96387  ? 11  I77 C H171 1 
HETATM 542 H H181 . I77 C 1 11 ? -11.83306 4.41039   9.10242   1.000 11.78065 ? 11  I77 C H181 1 
HETATM 543 H H041 . I77 C 1 11 ? -14.29800 -0.27658  11.72771  1.000 20.83293 ? 11  I77 C H041 1 
HETATM 544 H H051 . I77 C 1 11 ? -14.00972 2.10552   12.40392  1.000 17.77359 ? 11  I77 C H051 1 
HETATM 545 H H061 . I77 C 1 11 ? -11.95818 0.54144   8.23714   1.000 23.15521 ? 11  I77 C H061 1 
HETATM 546 H H011 . I77 C 1 11 ? -15.28981 -1.56555  10.28111  1.000 24.85071 ? 11  I77 C H011 1 
HETATM 547 H H012 . I77 C 1 11 ? -14.79430 -3.01254  9.46175   1.000 24.85071 ? 11  I77 C H012 1 
HETATM 548 H H141 . I77 C 1 11 ? -13.19979 8.38409   9.78525   1.000 8.99447  ? 11  I77 C H141 1 
HETATM 549 H H1   . I77 C 1 11 ? -13.32550 10.58575  9.73857   1.000 7.18720  ? 11  I77 C H1   1 
HETATM 550 N N    . NIO D 1 1  ? 13.61915  -11.87623 -0.54415  1.000 7.89919  ? 1   NIO D N    1 
HETATM 551 C C1   . NIO D 1 1  ? 13.80634  -12.38158 -1.76173  1.000 6.35863  ? 1   NIO D C1   1 
HETATM 552 C C2   . NIO D 1 1  ? 14.98552  -12.98605 -2.17133  1.000 5.23859  ? 1   NIO D C2   1 
HETATM 553 C C3   . NIO D 1 1  ? 16.02681  -13.05590 -1.25434  1.000 5.87160  ? 1   NIO D C3   1 
HETATM 554 C C4   . NIO D 1 1  ? 15.85291  -12.52468 0.00654   1.000 7.20669  ? 1   NIO D C4   1 
HETATM 555 C C5   . NIO D 1 1  ? 14.63394  -11.96372 0.31947   1.000 7.25059  ? 1   NIO D C5   1 
HETATM 556 C C6   . NIO D 1 1  ? 15.12455  -13.50726 -3.55328  1.000 6.84137  ? 1   NIO D C6   1 
HETATM 557 O O1   . NIO D 1 1  ? 14.94242  -12.79527 -4.52916  1.000 5.78571  ? 1   NIO D O1   1 
HETATM 558 H H1   . NIO D 1 1  ? 13.10682  -12.32608 -2.37204  1.000 7.70173  ? 1   NIO D H1   1 
HETATM 559 H H3   . NIO D 1 1  ? 16.83276  -13.45668 -1.48826  1.000 7.11729  ? 1   NIO D H3   1 
HETATM 560 H H4   . NIO D 1 1  ? 16.54205  -12.54465 0.63071   1.000 8.71940  ? 1   NIO D H4   1 
HETATM 561 H H5   . NIO D 1 1  ? 14.51135  -11.62805 1.17808   1.000 8.77207  ? 1   NIO D H5   1 
ATOM   562 N N    . LEU D 1 2  ? 15.92223  -14.68170 -3.65771  1.000 6.72775  ? 2   LEU D N    1 
ATOM   563 C CA   . LEU D 1 2  ? 16.39073  -15.06382 -4.98050  1.000 5.91958  ? 2   LEU D CA   1 
ATOM   564 C C    . LEU D 1 2  ? 15.25347  -15.26919 -5.99280  1.000 5.05920  ? 2   LEU D C    1 
ATOM   565 O O    . LEU D 1 2  ? 15.34590  -14.81124 -7.13022  1.000 6.48390  ? 2   LEU D O    1 
ATOM   566 C CB   . LEU D 1 2  ? 17.22846  -16.34424 -4.89126  1.000 6.48339  ? 2   LEU D CB   1 
ATOM   567 C CG   . LEU D 1 2  ? 18.61210  -16.18578 -4.26502  1.000 7.07867  ? 2   LEU D CG   1 
ATOM   568 C CD1  . LEU D 1 2  ? 19.07518  -17.46266 -3.57906  1.000 7.58433  ? 2   LEU D CD1  1 
ATOM   569 C CD2  . LEU D 1 2  ? 19.63242  -15.75884 -5.31815  1.000 7.01679  ? 2   LEU D CD2  1 
ATOM   570 H HA   . LEU D 1 2  ? 16.93753  -14.33679 -5.31715  1.000 7.17486  ? 2   LEU D HA   1 
ATOM   571 H HB2  . LEU D 1 2  ? 16.74111  -16.98950 -4.35551  1.000 7.85144  ? 2   LEU D HB2  1 
ATOM   572 H HB3  . LEU D 1 2  ? 17.35559  -16.68741 -5.78958  1.000 7.85144  ? 2   LEU D HB3  1 
ATOM   573 H HG   . LEU D 1 2  ? 18.55279  -15.49530 -3.58632  1.000 8.56578  ? 2   LEU D HG   1 
ATOM   574 H HD11 . LEU D 1 2  ? 19.96671  -17.32427 -3.22280  1.000 9.17256  ? 2   LEU D HD11 1 
ATOM   575 H HD12 . LEU D 1 2  ? 18.46064  -17.67519 -2.85927  1.000 9.17256  ? 2   LEU D HD12 1 
ATOM   576 H HD13 . LEU D 1 2  ? 19.08650  -18.18352 -4.22801  1.000 9.17256  ? 2   LEU D HD13 1 
ATOM   577 H HD21 . LEU D 1 2  ? 20.48480  -15.59658 -4.88453  1.000 8.49152  ? 2   LEU D HD21 1 
ATOM   578 H HD22 . LEU D 1 2  ? 19.72458  -16.46745 -5.97410  1.000 8.49152  ? 2   LEU D HD22 1 
ATOM   579 H HD23 . LEU D 1 2  ? 19.32083  -14.94762 -5.74914  1.000 8.49152  ? 2   LEU D HD23 1 
HETATM 580 N N    . AIB D 1 3  ? 14.17850  -15.93516 -5.58474  1.000 5.75706  ? 3   AIB D N    1 
HETATM 581 C CA   . AIB D 1 3  ? 13.04333  -16.20578 -6.47471  1.000 5.87734  ? 3   AIB D CA   1 
HETATM 582 C C    . AIB D 1 3  ? 12.45173  -14.88187 -7.02707  1.000 4.04199  ? 3   AIB D C    1 
HETATM 583 O O    . AIB D 1 3  ? 12.16570  -14.69351 -8.19883  1.000 5.67204  ? 3   AIB D O    1 
HETATM 584 C CB1  . AIB D 1 3  ? 13.39806  -17.14505 -7.64497  1.000 6.51374  ? 3   AIB D CB1  1 
HETATM 585 C CB2  . AIB D 1 3  ? 11.92324  -16.90974 -5.69236  1.000 6.27196  ? 3   AIB D CB2  1 
HETATM 586 H H    . AIB D 1 3  ? 13.88728  -16.00031 -4.62926  1.000 6.97984  ? 3   AIB D H    1 
HETATM 587 H HB11 . AIB D 1 3  ? 12.46247  -17.54399 -8.10429  1.000 7.88786  ? 3   AIB D HB11 1 
HETATM 588 H HB12 . AIB D 1 3  ? 13.97583  -16.58304 -8.41684  1.000 7.88786  ? 3   AIB D HB12 1 
HETATM 589 H HB13 . AIB D 1 3  ? 14.01564  -17.99593 -7.27075  1.000 7.88786  ? 3   AIB D HB13 1 
HETATM 590 H HB21 . AIB D 1 3  ? 11.06941  -17.11481 -6.38273  1.000 7.59772  ? 3   AIB D HB21 1 
HETATM 591 H HB22 . AIB D 1 3  ? 12.31567  -17.86991 -5.27793  1.000 7.59772  ? 3   AIB D HB22 1 
HETATM 592 H HB23 . AIB D 1 3  ? 11.58717  -16.24571 -4.85941  1.000 7.59772  ? 3   AIB D HB23 1 
ATOM   593 N N    . ALA D 1 4  ? 12.33727  -13.90596 -6.12773  1.000 3.73591  ? 4   ALA D N    1 
ATOM   594 C CA   . ALA D 1 4  ? 11.75091  -12.61195 -6.44809  1.000 5.06351  ? 4   ALA D CA   1 
ATOM   595 C C    . ALA D 1 4  ? 12.64234  -11.82294 -7.38857  1.000 5.84252  ? 4   ALA D C    1 
ATOM   596 O O    . ALA D 1 4  ? 12.16817  -11.07449 -8.23896  1.000 5.93212  ? 4   ALA D O    1 
ATOM   597 C CB   . ALA D 1 4  ? 11.51387  -11.81951 -5.18799  1.000 6.83688  ? 4   ALA D CB   1 
ATOM   598 H H    . ALA D 1 4  ? 12.59728  -13.97219 -5.31066  1.000 4.55446  ? 4   ALA D H    1 
ATOM   599 H HA   . ALA D 1 4  ? 10.89876  -12.75926 -6.88747  1.000 6.14758  ? 4   ALA D HA   1 
ATOM   600 H HB1  . ALA D 1 4  ? 11.15319  -10.95067 -5.42447  1.000 8.27562  ? 4   ALA D HB1  1 
ATOM   601 H HB2  . ALA D 1 4  ? 10.88301  -12.29822 -4.62785  1.000 8.27562  ? 4   ALA D HB2  1 
ATOM   602 H HB3  . ALA D 1 4  ? 12.35641  -11.71156 -4.71963  1.000 8.27562  ? 4   ALA D HB3  1 
ATOM   603 N N    A CYS D 1 5  ? 13.94452  -11.99185 -7.23239  0.520 6.64472  ? 5   CYS D N    1 
ATOM   604 N N    C CYS D 1 5  ? 13.96109  -11.96476 -7.19611  0.480 7.29682  ? 5   CYS D N    1 
ATOM   605 C CA   A CYS D 1 5  ? 14.84709  -11.28115 -8.11767  0.520 6.43649  ? 5   CYS D CA   1 
ATOM   606 C CA   C CYS D 1 5  ? 14.91624  -11.33472 -8.10327  0.480 8.05777  ? 5   CYS D CA   1 
ATOM   607 C C    A CYS D 1 5  ? 14.79186  -11.85135 -9.52885  0.520 5.81060  ? 5   CYS D C    1 
ATOM   608 C C    C CYS D 1 5  ? 14.71680  -11.84447 -9.52475  0.480 5.70966  ? 5   CYS D C    1 
ATOM   609 O O    A CYS D 1 5  ? 14.89216  -11.08701 -10.49300 0.520 9.49662  ? 5   CYS D O    1 
ATOM   610 O O    C CYS D 1 5  ? 14.67617  -11.05868 -10.48290 0.480 5.28880  ? 5   CYS D O    1 
ATOM   611 C CB   A CYS D 1 5  ? 16.23313  -11.22430 -7.48253  0.520 6.35020  ? 5   CYS D CB   1 
ATOM   612 C CB   C CYS D 1 5  ? 16.34515  -11.60610 -7.63094  0.480 10.92788 ? 5   CYS D CB   1 
ATOM   613 S SG   A CYS D 1 5  ? 16.20996  -10.19075 -5.97400  0.520 7.81726  ? 5   CYS D SG   1 
ATOM   614 S SG   C CYS D 1 5  ? 17.54961  -11.77814 -8.97566  0.480 12.43931 ? 5   CYS D SG   1 
ATOM   615 H H    A CYS D 1 5  ? 14.31816  -12.49421 -6.64279  0.520 8.04503  ? 5   CYS D H    1 
ATOM   616 H H    C CYS D 1 5  ? 14.31934  -12.41446 -6.55656  0.480 8.82755  ? 5   CYS D H    1 
ATOM   617 H HA   A CYS D 1 5  ? 14.59049  -10.35188 -8.22494  0.520 7.79515  ? 5   CYS D HA   1 
ATOM   618 H HA   C CYS D 1 5  ? 14.77918  -10.37448 -8.09741  0.480 9.74069  ? 5   CYS D HA   1 
ATOM   619 H HB2  A CYS D 1 5  ? 16.51463  -12.12013 -7.23934  0.520 7.69161  ? 5   CYS D HB2  1 
ATOM   620 H HB2  C CYS D 1 5  ? 16.63226  -10.86811 -7.07071  0.480 13.18482 ? 5   CYS D HB2  1 
ATOM   621 H HB3  A CYS D 1 5  ? 16.86202  -10.83838 -8.11217  0.520 7.69161  ? 5   CYS D HB3  1 
ATOM   622 H HB3  C CYS D 1 5  ? 16.35216  -12.43157 -7.12158  0.480 13.18482 ? 5   CYS D HB3  1 
ATOM   623 H HG   A CYS D 1 5  ? 15.19037  -10.39601 -5.37541  0.520 9.45207  ? 5   CYS D HG   1 
ATOM   624 H HG   C CYS D 1 5  ? 18.65392  -11.61953 -8.53369  0.480 14.99854 ? 5   CYS D HG   1 
ATOM   625 N N    . LEU D 1 6  ? 14.55197  -13.15466 -9.67475  1.000 6.10678  ? 6   LEU D N    1 
ATOM   626 C CA   . LEU D 1 6  ? 14.30276  -13.75070 -10.98486 1.000 6.48966  ? 6   LEU D CA   1 
ATOM   627 C C    . LEU D 1 6  ? 12.99183  -13.21782 -11.56106 1.000 5.71327  ? 6   LEU D C    1 
ATOM   628 O O    . LEU D 1 6  ? 12.92484  -12.83057 -12.72635 1.000 6.25268  ? 6   LEU D O    1 
ATOM   629 C CB   . LEU D 1 6  ? 14.23836  -15.27776 -10.85795 1.000 6.11154  ? 6   LEU D CB   1 
ATOM   630 C CG   . LEU D 1 6  ? 13.87214  -16.06966 -12.11356 1.000 7.39285  ? 6   LEU D CG   1 
ATOM   631 C CD1  . LEU D 1 6  ? 14.87354  -15.84025 -13.21470 1.000 7.73058  ? 6   LEU D CD1  1 
ATOM   632 C CD2  . LEU D 1 6  ? 13.75576  -17.56644 -11.77336 1.000 8.23429  ? 6   LEU D CD2  1 
ATOM   633 H H    . LEU D 1 6  ? 14.52822  -13.71798 -9.02536  1.000 7.39951  ? 6   LEU D H    1 
ATOM   634 H HA   . LEU D 1 6  ? 15.02249  -13.52646 -11.59529 1.000 7.85896  ? 6   LEU D HA   1 
ATOM   635 H HB2  . LEU D 1 6  ? 15.11143  -15.58966 -10.57272 1.000 7.40521  ? 6   LEU D HB2  1 
ATOM   636 H HB3  . LEU D 1 6  ? 13.57327  -15.49258 -10.18532 1.000 7.40521  ? 6   LEU D HB3  1 
ATOM   637 H HG   . LEU D 1 6  ? 13.01311  -15.76297 -12.44360 1.000 8.94278  ? 6   LEU D HG   1 
ATOM   638 H HD11 . LEU D 1 6  ? 14.68486  -16.44989 -13.94520 1.000 9.34807  ? 6   LEU D HD11 1 
ATOM   639 H HD12 . LEU D 1 6  ? 14.80045  -14.92312 -13.52199 1.000 9.34807  ? 6   LEU D HD12 1 
ATOM   640 H HD13 . LEU D 1 6  ? 15.76528  -16.00341 -12.86963 1.000 9.34807  ? 6   LEU D HD13 1 
ATOM   641 H HD21 . LEU D 1 6  ? 13.54814  -18.05905 -12.58275 1.000 9.95252  ? 6   LEU D HD21 1 
ATOM   642 H HD22 . LEU D 1 6  ? 14.59962  -17.87346 -11.40655 1.000 9.95252  ? 6   LEU D HD22 1 
ATOM   643 H HD23 . LEU D 1 6  ? 13.04791  -17.68801 -11.12139 1.000 9.95252  ? 6   LEU D HD23 1 
HETATM 644 N N    . AIB D 1 7  ? 11.94703  -13.22721 -10.74009 1.000 5.53330  ? 7   AIB D N    1 
HETATM 645 C CA   . AIB D 1 7  ? 10.66765  -12.67988 -11.11560 1.000 6.12219  ? 7   AIB D CA   1 
HETATM 646 C C    . AIB D 1 7  ? 10.76537  -11.26891 -11.72719 1.000 6.27933  ? 7   AIB D C    1 
HETATM 647 O O    . AIB D 1 7  ? 10.28529  -10.93841 -12.82082 1.000 6.04805  ? 7   AIB D O    1 
HETATM 648 C CB1  . AIB D 1 7  ? 9.96733   -13.58285 -12.14807 1.000 6.07857  ? 7   AIB D CB1  1 
HETATM 649 C CB2  . AIB D 1 7  ? 9.78299   -12.57444 -9.87039  1.000 5.95563  ? 7   AIB D CB2  1 
HETATM 650 H HB11 . AIB D 1 7  ? 8.93684   -13.20175 -12.34382 1.000 7.36565  ? 7   AIB D HB11 1 
HETATM 651 H HB12 . AIB D 1 7  ? 10.54649  -13.58323 -13.10202 1.000 7.36565  ? 7   AIB D HB12 1 
HETATM 652 H HB13 . AIB D 1 7  ? 9.90517   -14.62563 -11.75536 1.000 7.36565  ? 7   AIB D HB13 1 
HETATM 653 H HB21 . AIB D 1 7  ? 9.20441   -11.61996 -9.91376  1.000 7.21813  ? 7   AIB D HB21 1 
HETATM 654 H HB22 . AIB D 1 7  ? 9.08131   -13.44322 -9.84683  1.000 7.21813  ? 7   AIB D HB22 1 
HETATM 655 H HB23 . AIB D 1 7  ? 10.43100  -12.58480 -8.96063  1.000 7.21813  ? 7   AIB D HB23 1 
ATOM   656 N N    . GLN D 1 8  ? 11.46006  -10.40830 -10.98464 1.000 5.80986  ? 8   GLN D N    1 
ATOM   657 C CA   . GLN D 1 8  ? 11.64929  -9.01235  -11.37998 1.000 6.47270  ? 8   GLN D CA   1 
ATOM   658 C C    . GLN D 1 8  ? 12.37047  -8.88949  -12.68963 1.000 5.62775  ? 8   GLN D C    1 
ATOM   659 O O    . GLN D 1 8  ? 11.94867  -8.16701  -13.59533 1.000 4.75713  ? 8   GLN D O    1 
ATOM   660 C CB   . GLN D 1 8  ? 12.51446  -8.30094  -10.34957 1.000 9.58664  ? 8   GLN D CB   1 
ATOM   661 C CG   . GLN D 1 8  ? 12.58743  -6.79346  -10.57257 1.000 10.43857 ? 8   GLN D CG   1 
ATOM   662 C CD   . GLN D 1 8  ? 13.12830  -6.05967  -9.37724  1.000 13.71454 ? 8   GLN D CD   1 
ATOM   663 O OE1  . GLN D 1 8  ? 14.08883  -5.29705  -9.49707  1.000 16.00048 ? 8   GLN D OE1  1 
ATOM   664 N NE2  . GLN D 1 8  ? 12.54946  -6.31095  -8.20848  1.000 17.09027 ? 8   GLN D NE2  1 
ATOM   665 H HA   . GLN D 1 8  ? 10.77120  -8.60644  -11.45133 1.000 7.83860  ? 8   GLN D HA   1 
ATOM   666 H HB2  . GLN D 1 8  ? 12.14384  -8.45552  -9.46660  1.000 11.57533 ? 8   GLN D HB2  1 
ATOM   667 H HB3  . GLN D 1 8  ? 13.41634  -8.65481  -10.39743 1.000 11.57533 ? 8   GLN D HB3  1 
ATOM   668 H HG2  . GLN D 1 8  ? 13.17084  -6.61241  -11.32606 1.000 12.59765 ? 8   GLN D HG2  1 
ATOM   669 H HG3  . GLN D 1 8  ? 11.69623  -6.45648  -10.75453 1.000 12.59765 ? 8   GLN D HG3  1 
ATOM   670 H HE21 . GLN D 1 8  ? 11.89809  -6.87062  -8.16274  1.000 20.57969 ? 8   GLN D HE21 1 
ATOM   671 H HE22 . GLN D 1 8  ? 12.82603  -5.91397  -7.49749  1.000 20.57969 ? 8   GLN D HE22 1 
HETATM 672 N N    . AIB D 1 9  ? 13.53688  -9.51770  -12.73209 1.000 5.15081  ? 9   AIB D N    1 
HETATM 673 C CA   . AIB D 1 9  ? 14.38083  -9.49922  -13.90919 1.000 4.46229  ? 9   AIB D CA   1 
HETATM 674 C C    . AIB D 1 9  ? 13.60162  -9.74766  -15.21011 1.000 6.38213  ? 9   AIB D C    1 
HETATM 675 O O    . AIB D 1 9  ? 13.81605  -9.12352  -16.24894 1.000 6.71598  ? 9   AIB D O    1 
HETATM 676 C CB1  . AIB D 1 9  ? 15.05841  -8.11784  -14.01592 1.000 6.48969  ? 9   AIB D CB1  1 
HETATM 677 C CB2  . AIB D 1 9  ? 15.49713  -10.54983 -13.85677 1.000 5.49517  ? 9   AIB D CB2  1 
HETATM 678 H H    . AIB D 1 9  ? 14.08269  -9.74342  -11.92392 1.000 6.25234  ? 9   AIB D H    1 
HETATM 679 H HB11 . AIB D 1 9  ? 15.38294  -7.93811  -15.06847 1.000 7.85899  ? 9   AIB D HB11 1 
HETATM 680 H HB12 . AIB D 1 9  ? 14.33853  -7.32102  -13.71208 1.000 7.85899  ? 9   AIB D HB12 1 
HETATM 681 H HB13 . AIB D 1 9  ? 15.94982  -8.08303  -13.34537 1.000 7.85899  ? 9   AIB D HB13 1 
HETATM 682 H HB21 . AIB D 1 9  ? 16.05342  -10.53962 -14.82534 1.000 6.66557  ? 9   AIB D HB21 1 
HETATM 683 H HB22 . AIB D 1 9  ? 16.19143  -10.30277 -13.01737 1.000 6.66557  ? 9   AIB D HB22 1 
HETATM 684 H HB23 . AIB D 1 9  ? 15.04295  -11.55664 -13.69021 1.000 6.66557  ? 9   AIB D HB23 1 
ATOM   685 N N    . LEU D 1 10 ? 12.65520  -10.68904 -15.13129 1.000 6.45980  ? 10  LEU D N    1 
ATOM   686 C CA   . LEU D 1 10 ? 11.86847  -11.10068 -16.31213 1.000 5.58605  ? 10  LEU D CA   1 
ATOM   687 C C    . LEU D 1 10 ? 10.53715  -10.34644 -16.44123 1.000 6.48178  ? 10  LEU D C    1 
ATOM   688 O O    . LEU D 1 10 ? 9.66123   -10.72621 -17.23517 1.000 7.47608  ? 10  LEU D O    1 
ATOM   689 C CB   . LEU D 1 10 ? 11.63024  -12.62194 -16.26960 1.000 4.81905  ? 10  LEU D CB   1 
ATOM   690 C CG   . LEU D 1 10 ? 12.86839  -13.50841 -16.42991 1.000 6.71199  ? 10  LEU D CG   1 
ATOM   691 C CD1  . LEU D 1 10 ? 12.51268  -14.94714 -16.14200 1.000 8.05442  ? 10  LEU D CD1  1 
ATOM   692 C CD2  . LEU D 1 10 ? 13.47635  -13.36647 -17.81228 1.000 7.86846  ? 10  LEU D CD2  1 
ATOM   693 H H    . LEU D 1 10 ? 12.44621  -11.10666 -14.40913 1.000 7.82312  ? 10  LEU D H    1 
ATOM   694 H HA   . LEU D 1 10 ? 12.37521  -10.88174 -17.10973 1.000 6.77463  ? 10  LEU D HA   1 
ATOM   695 H HB2  . LEU D 1 10 ? 11.23149  -12.84035 -15.41275 1.000 5.85422  ? 10  LEU D HB2  1 
ATOM   696 H HB3  . LEU D 1 10 ? 11.01979  -12.85123 -16.98770 1.000 5.85422  ? 10  LEU D HB3  1 
ATOM   697 H HG   . LEU D 1 10 ? 13.54293  -13.22423 -15.79341 1.000 8.12575  ? 10  LEU D HG   1 
ATOM   698 H HD11 . LEU D 1 10 ? 13.29139  -15.50303 -16.30170 1.000 9.73667  ? 10  LEU D HD11 1 
ATOM   699 H HD12 . LEU D 1 10 ? 12.23532  -15.02460 -15.21572 1.000 9.73667  ? 10  LEU D HD12 1 
ATOM   700 H HD13 . LEU D 1 10 ? 11.78811  -15.21663 -16.72788 1.000 9.73667  ? 10  LEU D HD13 1 
ATOM   701 H HD21 . LEU D 1 10 ? 14.16808  -14.03733 -17.92346 1.000 9.51352  ? 10  LEU D HD21 1 
ATOM   702 H HD22 . LEU D 1 10 ? 12.78186  -13.49409 -18.47733 1.000 9.51352  ? 10  LEU D HD22 1 
ATOM   703 H HD23 . LEU D 1 10 ? 13.85885  -12.47935 -17.89948 1.000 9.51352  ? 10  LEU D HD23 1 
HETATM 704 C C11  . I77 D 1 11 ? 6.92172   -7.26474  -18.24008 1.000 10.14946 ? 11  I77 D C11  1 
HETATM 705 C C12  . I77 D 1 11 ? 7.63298   -7.17072  -17.05670 1.000 7.27627  ? 11  I77 D C12  1 
HETATM 706 C C13  . I77 D 1 11 ? 9.06376   -7.69897  -17.00846 1.000 6.12130  ? 11  I77 D C13  1 
HETATM 707 C C17  . I77 D 1 11 ? 6.99986   -6.69069  -15.90726 1.000 8.68833  ? 11  I77 D C17  1 
HETATM 708 C C18  . I77 D 1 11 ? 5.68736   -6.27294  -15.99284 1.000 13.30910 ? 11  I77 D C18  1 
HETATM 709 C C02  . I77 D 1 11 ? -0.38172  -4.75662  -18.13361 1.000 24.40630 ? 11  I77 D C02  1 
HETATM 710 C C03  . I77 D 1 11 ? 1.07193   -5.23051  -17.92503 1.000 22.73580 ? 11  I77 D C03  1 
HETATM 711 C C04  . I77 D 1 11 ? 1.71652   -5.96197  -18.90366 1.000 20.79968 ? 11  I77 D C04  1 
HETATM 712 C C05  . I77 D 1 11 ? 3.02235   -6.33050  -18.64397 1.000 16.74856 ? 11  I77 D C05  1 
HETATM 713 C C06  . I77 D 1 11 ? 1.72890   -4.89493  -16.75167 1.000 19.71707 ? 11  I77 D C06  1 
HETATM 714 C C08  . I77 D 1 11 ? 3.62002   -5.95945  -17.45267 1.000 16.54072 ? 11  I77 D C08  1 
HETATM 715 C C09  . I77 D 1 11 ? 5.04888   -6.38470  -17.22200 1.000 13.79892 ? 11  I77 D C09  1 
HETATM 716 N N01  . I77 D 1 11 ? -1.02935  -4.05964  -17.03827 1.000 25.60492 ? 11  I77 D N01  1 
HETATM 717 N N07  . I77 D 1 11 ? 2.97178   -5.26678  -16.55495 1.000 19.92389 ? 11  I77 D N07  1 
HETATM 718 N N10  . I77 D 1 11 ? 5.67659   -6.86137  -18.27610 1.000 12.89151 ? 11  I77 D N10  1 
HETATM 719 N N14  . I77 D 1 11 ? 9.38802   -8.51207  -15.83710 1.000 5.87908  ? 11  I77 D N14  1 
HETATM 720 N N15  . I77 D 1 11 ? 10.65521  -9.11435  -15.72131 1.000 8.38413  ? 11  I77 D N15  1 
HETATM 721 O O16  . I77 D 1 11 ? 9.84696   -7.51998  -17.88554 1.000 4.96556  ? 11  I77 D O16  1 
HETATM 722 O O19  . I77 D 1 11 ? -0.94159  -4.92848  -19.16565 1.000 25.77885 ? 11  I77 D O19  1 
HETATM 723 H H111 . I77 D 1 11 ? 7.38914   -7.66700  -19.12550 1.000 12.25072 ? 11  I77 D H111 1 
HETATM 724 H H171 . I77 D 1 11 ? 7.53411   -6.64689  -14.95818 1.000 10.49737 ? 11  I77 D H171 1 
HETATM 725 H H181 . I77 D 1 11 ? 5.16901   -5.86900  -15.12572 1.000 16.04228 ? 11  I77 D H181 1 
HETATM 726 H H041 . I77 D 1 11 ? 1.22671   -6.23078  -19.82088 1.000 25.03098 ? 11  I77 D H041 1 
HETATM 727 H H051 . I77 D 1 11 ? 3.57762   -6.90908  -19.37186 1.000 20.16964 ? 11  I77 D H051 1 
HETATM 728 H H061 . I77 D 1 11 ? 1.21358   -4.32266  -15.99303 1.000 23.73185 ? 11  I77 D H061 1 
HETATM 729 H H011 . I77 D 1 11 ? -0.54866  -3.91435  -16.17771 1.000 30.79727 ? 11  I77 D H011 1 
HETATM 730 H H012 . I77 D 1 11 ? -1.96484  -3.73145  -17.14252 1.000 30.79727 ? 11  I77 D H012 1 
HETATM 731 H H141 . I77 D 1 11 ? 8.70345   -8.64164  -15.11142 1.000 7.12626  ? 11  I77 D H141 1 
HETATM 732 H H1   . I77 D 1 11 ? 10.61914  -9.69316  -14.89859 1.000 10.13232 ? 11  I77 D H1   1 
HETATM 733 O O    . HOH E 2 .  ? 1.45470   6.82002   18.18695  1.000 34.00423 ? 201 HOH A O    1 
HETATM 734 O O    . HOH E 2 .  ? -2.66196  3.41973   9.63185   1.000 6.64392  ? 202 HOH A O    1 
HETATM 735 O O    . HOH E 2 .  ? -13.04739 4.32017   5.88787   1.000 20.93956 ? 203 HOH A O    1 
HETATM 736 O O    . HOH E 2 .  ? -6.09355  5.43800   7.37455   1.000 23.15742 ? 204 HOH A O    1 
HETATM 737 O O    . HOH F 2 .  ? 8.84800   -1.98018  -3.92590  1.000 7.12398  ? 201 HOH B O    1 
HETATM 738 O O    . HOH G 2 .  ? -14.11069 8.32109   8.09655   1.000 6.95980  ? 201 HOH C O    1 
HETATM 739 O O    . HOH G 2 .  ? -11.05753 8.80866   7.97623   1.000 16.74237 ? 202 HOH C O    1 
HETATM 740 O O    . HOH H 2 .  ? 7.94079   -9.66878  -13.82086 1.000 7.77913  ? 201 HOH D O    1 
HETATM 741 O O    . HOH H 2 .  ? -1.66601  -2.72336  -21.08183 1.000 27.12648 ? 202 HOH D O    1 
HETATM 742 O O    . HOH H 2 .  ? 12.39391  -4.13721  -5.37600  1.000 22.50427 ? 203 HOH D O    1 
# 
loop_
_atom_site_anisotrop.id 
_atom_site_anisotrop.type_symbol 
_atom_site_anisotrop.pdbx_label_atom_id 
_atom_site_anisotrop.pdbx_label_alt_id 
_atom_site_anisotrop.pdbx_label_comp_id 
_atom_site_anisotrop.pdbx_label_asym_id 
_atom_site_anisotrop.pdbx_label_seq_id 
_atom_site_anisotrop.pdbx_PDB_ins_code 
_atom_site_anisotrop.U[1][1] 
_atom_site_anisotrop.U[2][2] 
_atom_site_anisotrop.U[3][3] 
_atom_site_anisotrop.U[1][2] 
_atom_site_anisotrop.U[1][3] 
_atom_site_anisotrop.U[2][3] 
_atom_site_anisotrop.pdbx_auth_seq_id 
_atom_site_anisotrop.pdbx_auth_comp_id 
_atom_site_anisotrop.pdbx_auth_asym_id 
_atom_site_anisotrop.pdbx_auth_atom_id 
1   N N   . NIO A 1  ? 0.11407 0.11022 0.03456 0.00235  -0.00901 0.01953  1   NIO A N   
2   C C1  . NIO A 1  ? 0.07214 0.07490 0.06156 -0.01392 -0.00371 0.03879  1   NIO A C1  
3   C C2  . NIO A 1  ? 0.05928 0.08625 0.03465 -0.01470 -0.00553 0.02380  1   NIO A C2  
4   C C3  . NIO A 1  ? 0.07352 0.09520 0.04690 -0.01966 -0.02309 0.00379  1   NIO A C3  
5   C C4  . NIO A 1  ? 0.08609 0.12323 0.03979 -0.01018 -0.00904 0.00083  1   NIO A C4  
6   C C5  . NIO A 1  ? 0.11605 0.10713 0.04602 -0.00610 0.00946  0.02016  1   NIO A C5  
7   C C6  . NIO A 1  ? 0.04928 0.09121 0.04118 -0.02101 -0.01525 0.02497  1   NIO A C6  
8   O O1  . NIO A 1  ? 0.08737 0.06597 0.05719 -0.01345 -0.03037 0.02652  1   NIO A O1  
13  N N   . LEU A 2  ? 0.04577 0.11774 0.04790 -0.00874 -0.01212 0.02736  2   LEU A N   
14  C CA  . LEU A 2  ? 0.09654 0.08814 0.04615 -0.02640 -0.00687 0.02798  2   LEU A CA  
15  C C   . LEU A 2  ? 0.07009 0.07229 0.04471 -0.04064 -0.02518 0.02382  2   LEU A C   
16  O O   . LEU A 2  ? 0.09728 0.06906 0.05765 -0.02433 -0.03575 0.02362  2   LEU A O   
17  C CB  . LEU A 2  ? 0.11154 0.09250 0.05064 -0.04845 -0.02573 0.01112  2   LEU A CB  
18  C CG  . LEU A 2  ? 0.12714 0.08146 0.05879 -0.05703 -0.01977 0.01109  2   LEU A CG  
19  C CD1 . LEU A 2  ? 0.14084 0.08171 0.06434 -0.05937 -0.00698 0.00732  2   LEU A CD1 
20  C CD2 . LEU A 2  ? 0.12723 0.09571 0.08266 -0.06308 -0.00976 -0.00416 2   LEU A CD2 
31  N N   . AIB A 3  ? 0.07597 0.07008 0.04658 -0.01506 -0.03062 0.01492  3   AIB A N   
32  C CA  . AIB A 3  ? 0.08613 0.08607 0.04937 -0.02132 -0.02198 0.02937  3   AIB A CA  
33  C C   . AIB A 3  ? 0.05998 0.05613 0.03957 -0.03261 -0.02146 0.02132  3   AIB A C   
34  O O   . AIB A 3  ? 0.06119 0.07166 0.06113 -0.01599 -0.03292 0.02105  3   AIB A O   
35  C CB1 . AIB A 3  ? 0.08182 0.07276 0.05772 -0.04031 -0.03020 0.02615  3   AIB A CB1 
36  C CB2 . AIB A 3  ? 0.07455 0.07748 0.07925 -0.03985 -0.02709 0.01155  3   AIB A CB2 
44  N N   . ALA A 4  ? 0.03270 0.06466 0.03688 -0.02144 -0.01430 0.02551  4   ALA A N   
45  C CA  . ALA A 4  ? 0.06562 0.08747 0.04203 -0.00577 -0.02545 0.01402  4   ALA A CA  
46  C C   . ALA A 4  ? 0.08440 0.09722 0.05340 -0.00063 -0.03092 0.02286  4   ALA A C   
47  O O   . ALA A 4  ? 0.10493 0.08321 0.06027 -0.02834 -0.03768 0.02492  4   ALA A O   
48  C CB  . ALA A 4  ? 0.13648 0.11422 0.05188 0.00188  -0.03191 0.00764  4   ALA A CB  
54  N N   A CYS A 5  ? 0.08805 0.06892 0.07618 -0.03520 -0.01063 0.03102  5   CYS A N   
55  N N   B CYS A 5  ? 0.08531 0.11131 0.07181 -0.01794 -0.04288 -0.00382 5   CYS A N   
56  C CA  A CYS A 5  ? 0.08885 0.06404 0.07924 -0.02979 0.00199  0.03052  5   CYS A CA  
57  C CA  B CYS A 5  ? 0.08675 0.10224 0.05889 -0.03317 -0.03379 0.01454  5   CYS A CA  
58  C C   A CYS A 5  ? 0.10291 0.08644 0.06491 -0.03340 -0.00988 0.03597  5   CYS A C   
59  C C   B CYS A 5  ? 0.07080 0.08283 0.04736 -0.04271 -0.02212 0.02365  5   CYS A C   
60  O O   A CYS A 5  ? 0.14893 0.09455 0.11229 -0.02395 0.02704  0.04993  5   CYS A O   
61  O O   B CYS A 5  ? 0.08037 0.07190 0.05155 -0.03966 -0.02848 0.02063  5   CYS A O   
62  C CB  A CYS A 5  ? 0.07268 0.08469 0.05476 -0.04291 -0.02692 0.03094  5   CYS A CB  
63  C CB  B CYS A 5  ? 0.08108 0.11407 0.07700 -0.05361 -0.01843 0.02703  5   CYS A CB  
64  S SG  A CYS A 5  ? 0.07234 0.09753 0.08471 -0.03391 -0.03514 0.00570  5   CYS A SG  
65  S SG  B CYS A 5  ? 0.12829 0.13859 0.09453 -0.07528 -0.02802 0.01347  5   CYS A SG  
76  N N   . LEU A 6  ? 0.08462 0.09261 0.05118 -0.02994 -0.02116 0.03116  6   LEU A N   
77  C CA  . LEU A 6  ? 0.08084 0.06096 0.05304 -0.03885 -0.01655 0.01765  6   LEU A CA  
78  C C   . LEU A 6  ? 0.06996 0.08226 0.05843 -0.04089 -0.00575 0.02114  6   LEU A C   
79  O O   . LEU A 6  ? 0.06597 0.06365 0.08150 -0.02361 -0.01319 0.03710  6   LEU A O   
80  C CB  . LEU A 6  ? 0.08207 0.07750 0.06028 -0.02805 -0.03360 0.02907  6   LEU A CB  
81  C CG  . LEU A 6  ? 0.07203 0.10033 0.07049 -0.02287 -0.02747 0.02459  6   LEU A CG  
82  C CD1 . LEU A 6  ? 0.09167 0.08990 0.07588 -0.03023 -0.01871 0.01587  6   LEU A CD1 
83  C CD2 . LEU A 6  ? 0.09909 0.12092 0.07211 -0.01325 -0.00620 0.02069  6   LEU A CD2 
95  N N   . AIB A 7  ? 0.05454 0.08411 0.04024 -0.03788 -0.00873 0.01481  7   AIB A N   
96  C CA  . AIB A 7  ? 0.07440 0.07831 0.06063 -0.03375 -0.03037 0.00994  7   AIB A CA  
97  C C   . AIB A 7  ? 0.11577 0.06308 0.05529 -0.03376 -0.01593 0.02232  7   AIB A C   
98  O O   . AIB A 7  ? 0.11698 0.08973 0.05100 -0.02369 -0.01468 0.02961  7   AIB A O   
99  C CB1 . AIB A 7  ? 0.09573 0.10425 0.05999 -0.04278 -0.03235 0.01472  7   AIB A CB1 
100 C CB2 . AIB A 7  ? 0.09656 0.05840 0.08032 -0.03363 -0.03222 0.02796  7   AIB A CB2 
107 N N   . GLN A 8  ? 0.09534 0.05585 0.04807 -0.03579 -0.03038 0.01600  8   GLN A N   
108 C CA  . GLN A 8  ? 0.06407 0.10744 0.05293 -0.02817 -0.02404 0.00633  8   GLN A CA  
109 C C   . GLN A 8  ? 0.03956 0.08139 0.04476 -0.01807 -0.00792 0.03125  8   GLN A C   
110 O O   . GLN A 8  ? 0.05836 0.08671 0.03652 -0.02161 -0.00767 0.02363  8   GLN A O   
111 C CB  . GLN A 8  ? 0.11380 0.12698 0.07314 -0.04703 0.03047  0.01080  8   GLN A CB  
112 C CG  . GLN A 8  ? 0.13724 0.15744 0.13039 -0.04348 0.02393  0.00082  8   GLN A CG  
113 C CD  . GLN A 8  ? 0.14117 0.14759 0.18233 -0.06067 0.04074  0.01205  8   GLN A CD  
114 O OE1 . GLN A 8  ? 0.17201 0.17035 0.20267 -0.04988 0.04830  0.00676  8   GLN A OE1 
115 N NE2 . GLN A 8  ? 0.16355 0.15860 0.22507 -0.04314 0.00670  -0.01830 8   GLN A NE2 
123 N N   . AIB A 9  ? 0.06225 0.06201 0.04403 -0.01842 -0.02670 0.01689  9   AIB A N   
124 C CA  . AIB A 9  ? 0.05933 0.06973 0.04748 -0.03301 -0.01266 0.02424  9   AIB A CA  
125 C C   . AIB A 9  ? 0.07054 0.06109 0.03925 -0.03818 -0.01410 0.01119  9   AIB A C   
126 O O   . AIB A 9  ? 0.09929 0.06688 0.06405 -0.04113 -0.01419 0.02273  9   AIB A O   
127 C CB1 . AIB A 9  ? 0.08863 0.10575 0.05719 -0.02336 -0.01022 -0.00009 9   AIB A CB1 
128 C CB2 . AIB A 9  ? 0.06907 0.06963 0.06219 -0.02641 -0.00428 0.03122  9   AIB A CB2 
136 N N   . LEU A 10 ? 0.09262 0.05094 0.05689 -0.03193 -0.00908 0.01760  10  LEU A N   
137 C CA  . LEU A 10 ? 0.08672 0.06435 0.06120 -0.03566 -0.02228 0.01391  10  LEU A CA  
138 C C   . LEU A 10 ? 0.06610 0.06599 0.06059 -0.03515 -0.01650 0.02478  10  LEU A C   
139 O O   . LEU A 10 ? 0.11752 0.08575 0.05320 -0.00902 -0.00977 0.02835  10  LEU A O   
140 C CB  . LEU A 10 ? 0.06010 0.05866 0.03457 -0.02968 -0.01867 0.01323  10  LEU A CB  
141 C CG  . LEU A 10 ? 0.06571 0.09777 0.05714 -0.01618 -0.03116 -0.00691 10  LEU A CG  
142 C CD1 . LEU A 10 ? 0.05203 0.09323 0.09875 -0.02713 -0.02529 -0.01231 10  LEU A CD1 
143 C CD2 . LEU A 10 ? 0.08668 0.14786 0.06895 -0.01254 -0.03351 -0.01966 10  LEU A CD2 
155 C C11 . I77 A 11 ? 0.18758 0.13210 0.05290 -0.01657 0.00435  -0.01986 11  I77 A C11 
156 C C12 . I77 A 11 ? 0.12352 0.10218 0.04080 -0.04140 -0.00038 -0.00872 11  I77 A C12 
157 C C13 . I77 A 11 ? 0.09896 0.08185 0.04652 -0.04317 -0.00679 0.01114  11  I77 A C13 
158 C C17 . I77 A 11 ? 0.14798 0.13852 0.06537 -0.01120 -0.02348 -0.03480 11  I77 A C17 
159 C C18 . I77 A 11 ? 0.19035 0.14393 0.11271 -0.02194 0.02073  -0.04686 11  I77 A C18 
160 C C02 . I77 A 11 ? 0.25418 0.29957 0.32745 0.00108  -0.00348 -0.17103 11  I77 A C02 
161 C C03 . I77 A 11 ? 0.25653 0.30329 0.28558 0.01865  0.03622  -0.12028 11  I77 A C03 
162 C C04 . I77 A 11 ? 0.24433 0.26482 0.26847 0.00893  0.05132  -0.09049 11  I77 A C04 
163 C C05 . I77 A 11 ? 0.16026 0.25632 0.19228 -0.01473 -0.01891 -0.11050 11  I77 A C05 
164 C C06 . I77 A 11 ? 0.19285 0.28914 0.24792 -0.01080 0.00339  -0.13572 11  I77 A C06 
165 C C08 . I77 A 11 ? 0.21049 0.22222 0.19855 -0.01248 0.04232  -0.07231 11  I77 A C08 
166 C C09 . I77 A 11 ? 0.19929 0.16482 0.10613 -0.02602 0.03159  -0.04408 11  I77 A C09 
167 N N01 . I77 A 11 ? 0.27557 0.30344 0.32625 0.00142  0.01014  -0.17744 11  I77 A N01 
168 N N07 . I77 A 11 ? 0.24220 0.26845 0.25323 0.00144  0.05954  -0.09647 11  I77 A N07 
169 N N10 . I77 A 11 ? 0.18154 0.18965 0.07736 0.01268  -0.03270 -0.04588 11  I77 A N10 
170 N N14 . I77 A 11 ? 0.08931 0.06327 0.03903 -0.02134 -0.02610 0.00606  11  I77 A N14 
171 N N15 . I77 A 11 ? 0.13029 0.08678 0.05142 -0.00040 0.00988  0.03061  11  I77 A N15 
172 O O16 . I77 A 11 ? 0.07716 0.07073 0.04692 -0.02924 -0.02426 0.02506  11  I77 A O16 
173 O O19 . I77 A 11 ? 0.26535 0.31384 0.34689 0.01665  -0.04439 -0.19408 11  I77 A O19 
184 N N   . NIO B 1  ? 0.08909 0.10060 0.03954 -0.00609 -0.00279 0.02779  1   NIO B N   
185 C C1  . NIO B 1  ? 0.07506 0.07644 0.05460 -0.03011 0.00552  0.02456  1   NIO B C1  
186 C C2  . NIO B 1  ? 0.09839 0.09829 0.02904 -0.00815 0.00073  0.01232  1   NIO B C2  
187 C C3  . NIO B 1  ? 0.11662 0.08426 0.05524 -0.03007 0.00863  0.00943  1   NIO B C3  
188 C C4  . NIO B 1  ? 0.15958 0.08598 0.07004 -0.01844 0.03869  0.01658  1   NIO B C4  
189 C C5  . NIO B 1  ? 0.18195 0.12582 0.05726 0.02725  0.01328  0.02038  1   NIO B C5  
190 C C6  . NIO B 1  ? 0.08725 0.06489 0.03589 -0.03311 -0.00504 0.01423  1   NIO B C6  
191 O O1  . NIO B 1  ? 0.08392 0.08748 0.04886 -0.03072 -0.00463 0.02205  1   NIO B O1  
196 N N   . LEU B 2  ? 0.05369 0.08723 0.04775 -0.03577 -0.00880 0.02126  2   LEU B N   
197 C CA  . LEU B 2  ? 0.04328 0.07947 0.05183 -0.02796 -0.01568 0.01396  2   LEU B CA  
198 C C   . LEU B 2  ? 0.05778 0.06655 0.03641 -0.03506 -0.01665 0.01783  2   LEU B C   
199 O O   . LEU B 2  ? 0.07619 0.07265 0.07493 -0.02401 -0.01648 0.04041  2   LEU B O   
200 C CB  . LEU B 2  ? 0.04949 0.07562 0.06075 -0.02903 -0.01887 0.03376  2   LEU B CB  
201 C CG  . LEU B 2  ? 0.07720 0.08649 0.05116 -0.04203 -0.01251 0.02302  2   LEU B CG  
202 C CD1 . LEU B 2  ? 0.08900 0.14623 0.05146 -0.01840 0.00036  0.01938  2   LEU B CD1 
203 C CD2 . LEU B 2  ? 0.06394 0.07458 0.06442 -0.03278 -0.02770 0.01280  2   LEU B CD2 
214 N N   . AIB B 3  ? 0.06846 0.08054 0.04753 -0.02794 -0.00446 0.02801  3   AIB B N   
215 C CA  . AIB B 3  ? 0.09349 0.08556 0.03707 -0.00902 -0.01694 0.02022  3   AIB B CA  
216 C C   . AIB B 3  ? 0.08047 0.09322 0.05618 -0.00709 -0.01988 0.03595  3   AIB B C   
217 O O   . AIB B 3  ? 0.07115 0.08997 0.03681 -0.04361 -0.00587 0.01286  3   AIB B O   
218 C CB1 . AIB B 3  ? 0.09256 0.08427 0.05856 -0.01887 -0.01410 0.02529  3   AIB B CB1 
219 C CB2 . AIB B 3  ? 0.07606 0.09180 0.05201 -0.03807 -0.00089 0.02402  3   AIB B CB2 
227 N N   . ALA B 4  ? 0.06490 0.08282 0.04162 -0.00564 -0.00144 0.03087  4   ALA B N   
228 C CA  . ALA B 4  ? 0.09997 0.08562 0.06950 0.00330  -0.01037 0.04449  4   ALA B CA  
229 C C   . ALA B 4  ? 0.10879 0.04961 0.06275 -0.02504 -0.02911 0.02128  4   ALA B C   
230 O O   . ALA B 4  ? 0.11340 0.09602 0.04964 0.01097  -0.01892 0.02920  4   ALA B O   
231 C CB  . ALA B 4  ? 0.10107 0.08827 0.08671 0.00982  0.01112  0.05146  4   ALA B CB  
237 N N   A CYS B 5  ? 0.07646 0.06115 0.05063 -0.03822 -0.02908 0.02478  5   CYS B N   
238 N N   B CYS B 5  ? 0.13173 0.06809 0.07921 -0.01774 -0.01099 0.03678  5   CYS B N   
239 C CA  A CYS B 5  ? 0.06943 0.08857 0.05686 -0.03499 -0.02880 0.02545  5   CYS B CA  
240 C CA  B CYS B 5  ? 0.16168 0.09887 0.10023 -0.00402 0.02309  0.05306  5   CYS B CA  
241 C C   A CYS B 5  ? 0.05454 0.09051 0.04815 -0.03676 -0.01687 0.02698  5   CYS B C   
242 C C   B CYS B 5  ? 0.16834 0.12082 0.10488 0.01377  0.00910  0.04948  5   CYS B C   
243 O O   A CYS B 5  ? 0.04220 0.09946 0.03416 -0.02418 -0.00731 0.01996  5   CYS B O   
244 O O   B CYS B 5  ? 0.18229 0.10749 0.13843 0.00478  0.04379  0.06065  5   CYS B O   
245 C CB  A CYS B 5  ? 0.07302 0.11228 0.06838 -0.03044 -0.03312 0.02852  5   CYS B CB  
246 C CB  B CYS B 5  ? 0.14285 0.09853 0.08062 -0.00758 0.01384  0.04988  5   CYS B CB  
247 S SG  A CYS B 5  ? 0.10305 0.14554 0.07975 -0.05714 -0.03526 0.02732  5   CYS B SG  
248 S SG  B CYS B 5  ? 0.11717 0.07326 0.06886 -0.00395 -0.01307 0.03888  5   CYS B SG  
259 N N   . LEU B 6  ? 0.08982 0.08573 0.05251 -0.02066 -0.02657 0.02887  6   LEU B N   
260 C CA  . LEU B 6  ? 0.08972 0.10570 0.04136 -0.01215 -0.02306 0.01713  6   LEU B CA  
261 C C   . LEU B 6  ? 0.06207 0.08798 0.04953 -0.03558 -0.02280 0.02706  6   LEU B C   
262 O O   . LEU B 6  ? 0.09182 0.10282 0.07227 -0.01038 -0.04734 0.00529  6   LEU B O   
263 C CB  . LEU B 6  ? 0.05848 0.08083 0.04620 -0.03424 -0.00798 0.02345  6   LEU B CB  
264 C CG  . LEU B 6  ? 0.08633 0.11149 0.08453 -0.03056 -0.00435 0.03355  6   LEU B CG  
265 C CD1 . LEU B 6  ? 0.04415 0.11223 0.11337 -0.02964 0.00084  0.01251  6   LEU B CD1 
266 C CD2 . LEU B 6  ? 0.09363 0.11924 0.08064 -0.03591 -0.03777 -0.00882 6   LEU B CD2 
278 N N   . AIB B 7  ? 0.06390 0.09639 0.05537 -0.04006 -0.02218 0.03445  7   AIB B N   
279 C CA  . AIB B 7  ? 0.06357 0.07549 0.04383 -0.03525 -0.01018 0.02238  7   AIB B CA  
280 C C   . AIB B 7  ? 0.05590 0.08740 0.04036 -0.03632 -0.01613 0.02147  7   AIB B C   
281 O O   . AIB B 7  ? 0.11307 0.13951 0.04145 0.00012  -0.01087 0.02032  7   AIB B O   
282 C CB1 . AIB B 7  ? 0.12915 0.09792 0.05834 -0.00039 -0.01114 0.03917  7   AIB B CB1 
283 C CB2 . AIB B 7  ? 0.05724 0.10691 0.06632 -0.03488 -0.00150 0.02855  7   AIB B CB2 
290 N N   . GLN B 8  ? 0.09381 0.09189 0.06027 -0.03548 -0.01740 0.02717  8   GLN B N   
291 C CA  . GLN B 8  ? 0.07848 0.11482 0.04904 -0.03145 -0.01219 0.03175  8   GLN B CA  
292 C C   . GLN B 8  ? 0.08926 0.07928 0.04793 -0.03912 -0.01030 0.02341  8   GLN B C   
293 O O   . GLN B 8  ? 0.08414 0.09693 0.04162 -0.03952 -0.01420 0.02134  8   GLN B O   
294 C CB  . GLN B 8  ? 0.16937 0.13552 0.06284 0.02623  -0.03042 0.02047  8   GLN B CB  
295 C CG  . GLN B 8  ? 0.12932 0.13817 0.07568 0.01843  -0.04781 0.02148  8   GLN B CG  
296 C CD  . GLN B 8  ? 0.22030 0.17589 0.14453 0.07338  -0.00665 0.05410  8   GLN B CD  
297 O OE1 . GLN B 8  ? 0.28583 0.23021 0.19810 0.12369  0.02989  0.06023  8   GLN B OE1 
298 N NE2 . GLN B 8  ? 0.22271 0.15962 0.16269 0.07594  -0.02374 0.05271  8   GLN B NE2 
306 N N   . AIB B 9  ? 0.07435 0.08071 0.05283 -0.03753 -0.02029 0.03012  9   AIB B N   
307 C CA  . AIB B 9  ? 0.06538 0.10119 0.05508 -0.01955 -0.01346 0.03872  9   AIB B CA  
308 C C   . AIB B 9  ? 0.05147 0.07988 0.04298 -0.03377 -0.01545 0.02514  9   AIB B C   
309 O O   . AIB B 9  ? 0.06119 0.07520 0.05504 -0.02012 -0.01823 0.03469  9   AIB B O   
310 C CB1 . AIB B 9  ? 0.08415 0.09752 0.06300 -0.03567 0.00664  0.02921  9   AIB B CB1 
311 C CB2 . AIB B 9  ? 0.07026 0.10713 0.06568 -0.00106 -0.03241 0.02526  9   AIB B CB2 
319 N N   . LEU B 10 ? 0.08005 0.07241 0.06414 -0.02518 0.00431  0.03222  10  LEU B N   
320 C CA  . LEU B 10 ? 0.06746 0.10177 0.04718 -0.01743 -0.00904 0.03364  10  LEU B CA  
321 C C   . LEU B 10 ? 0.05204 0.07615 0.03895 -0.02420 -0.01299 0.02554  10  LEU B C   
322 O O   . LEU B 10 ? 0.08044 0.09293 0.07165 -0.02291 0.01170  0.03296  10  LEU B O   
323 C CB  . LEU B 10 ? 0.07090 0.09635 0.07328 -0.04528 -0.01149 -0.00565 10  LEU B CB  
324 C CG  . LEU B 10 ? 0.07293 0.09400 0.05618 -0.04365 -0.01803 0.00531  10  LEU B CG  
325 C CD1 . LEU B 10 ? 0.11876 0.10401 0.08161 -0.03788 0.02672  0.02678  10  LEU B CD1 
326 C CD2 . LEU B 10 ? 0.09494 0.08304 0.05583 -0.05141 -0.01365 0.01677  10  LEU B CD2 
338 C C11 . I77 B 11 ? 0.08965 0.09725 0.08129 -0.03029 0.02036  0.03432  11  I77 B C11 
339 C C12 . I77 B 11 ? 0.05913 0.11123 0.04519 -0.02665 -0.01607 0.02644  11  I77 B C12 
340 C C13 . I77 B 11 ? 0.08677 0.11102 0.04752 -0.01022 -0.02244 0.02617  11  I77 B C13 
341 C C17 . I77 B 11 ? 0.13250 0.17096 0.10587 0.02157  0.01390  0.02755  11  I77 B C17 
342 C C18 . I77 B 11 ? 0.06143 0.15649 0.13507 -0.02421 0.00470  0.01059  11  I77 B C18 
343 C C02 . I77 B 11 ? 0.19686 0.29563 0.18978 0.08932  0.06969  0.06767  11  I77 B C02 
344 C C03 . I77 B 11 ? 0.23226 0.24796 0.22988 0.06809  0.12352  0.08608  11  I77 B C03 
345 C C04 . I77 B 11 ? 0.21723 0.20524 0.25001 0.04920  0.12067  0.09365  11  I77 B C04 
346 C C05 . I77 B 11 ? 0.16942 0.15272 0.23521 0.00962  0.09116  0.07454  11  I77 B C05 
347 C C06 . I77 B 11 ? 0.24270 0.20207 0.24824 0.04801  0.12942  0.08759  11  I77 B C06 
348 C C08 . I77 B 11 ? 0.15864 0.17354 0.20651 0.02598  0.08281  0.08561  11  I77 B C08 
349 C C09 . I77 B 11 ? 0.10534 0.17084 0.15994 0.00704  0.04266  0.04738  11  I77 B C09 
350 N N01 . I77 B 11 ? 0.17020 0.29322 0.23743 0.07234  0.05007  0.03292  11  I77 B N01 
351 N N07 . I77 B 11 ? 0.20996 0.17359 0.24526 0.02837  0.11211  0.08355  11  I77 B N07 
352 N N10 . I77 B 11 ? 0.12394 0.16402 0.09956 0.00593  0.04418  0.04856  11  I77 B N10 
353 N N14 . I77 B 11 ? 0.05601 0.08293 0.04116 -0.02298 -0.02021 0.01953  11  I77 B N14 
354 N N15 . I77 B 11 ? 0.07988 0.08986 0.02928 -0.01712 -0.01306 0.00084  11  I77 B N15 
355 O O16 . I77 B 11 ? 0.05497 0.08277 0.05446 -0.01521 0.00056  0.03536  11  I77 B O16 
356 O O19 . I77 B 11 ? 0.16108 0.33234 0.11246 0.10703  0.02235  0.05477  11  I77 B O19 
367 N N   . NIO C 1  ? 0.12621 0.06826 0.07141 -0.01012 0.00452  0.03664  1   NIO C N   
368 C C1  . NIO C 1  ? 0.07935 0.05545 0.06627 -0.03356 -0.00192 0.01823  1   NIO C C1  
369 C C2  . NIO C 1  ? 0.10340 0.09423 0.05080 0.01011  -0.02200 0.03056  1   NIO C C2  
370 C C3  . NIO C 1  ? 0.08235 0.11404 0.07970 -0.00824 -0.03146 0.00342  1   NIO C C3  
371 C C4  . NIO C 1  ? 0.10543 0.11562 0.09615 -0.00420 0.02059  0.03031  1   NIO C C4  
372 C C5  . NIO C 1  ? 0.09463 0.11686 0.07749 -0.00470 0.00045  0.03214  1   NIO C C5  
373 C C6  . NIO C 1  ? 0.06778 0.08888 0.05865 -0.00275 0.00153  0.04141  1   NIO C C6  
374 O O1  . NIO C 1  ? 0.08370 0.07972 0.05036 -0.01418 -0.01143 0.03343  1   NIO C O1  
379 N N   . LEU C 2  ? 0.05031 0.09641 0.05610 -0.01363 -0.02335 0.02446  2   LEU C N   
380 C CA  . LEU C 2  ? 0.06103 0.08841 0.05975 -0.03837 -0.00940 0.02438  2   LEU C CA  
381 C C   . LEU C 2  ? 0.06249 0.07276 0.06261 -0.03269 -0.01017 0.02883  2   LEU C C   
382 O O   . LEU C 2  ? 0.06852 0.09685 0.04882 -0.02843 -0.01768 0.03167  2   LEU C O   
383 C CB  . LEU C 2  ? 0.08335 0.07595 0.05982 -0.03939 -0.01437 0.02752  2   LEU C CB  
384 C CG  . LEU C 2  ? 0.09041 0.07446 0.05758 -0.04472 -0.01795 0.02288  2   LEU C CG  
385 C CD1 . LEU C 2  ? 0.15805 0.08970 0.08494 -0.00814 -0.00571 0.03353  2   LEU C CD1 
386 C CD2 . LEU C 2  ? 0.06455 0.09393 0.08400 -0.04257 -0.01530 0.00224  2   LEU C CD2 
397 N N   . AIB C 3  ? 0.07807 0.05977 0.06093 -0.03578 -0.01469 0.02158  3   AIB C N   
398 C CA  . AIB C 3  ? 0.09647 0.09195 0.04150 -0.00574 -0.01972 0.02349  3   AIB C CA  
399 C C   . AIB C 3  ? 0.09641 0.08186 0.03352 -0.01854 -0.00819 0.01687  3   AIB C C   
400 O O   . AIB C 3  ? 0.06432 0.06922 0.06386 -0.03348 -0.02125 0.02482  3   AIB C O   
401 C CB1 . AIB C 3  ? 0.09848 0.09798 0.03988 -0.03633 0.00491  -0.00204 3   AIB C CB1 
402 C CB2 . AIB C 3  ? 0.07650 0.09739 0.04448 -0.02567 -0.02179 0.02312  3   AIB C CB2 
410 N N   . ALA C 4  ? 0.09633 0.06938 0.03617 -0.01539 -0.01372 0.01852  4   ALA C N   
411 C CA  . ALA C 4  ? 0.11098 0.10029 0.05124 -0.02692 0.00381  0.02966  4   ALA C CA  
412 C C   . ALA C 4  ? 0.06346 0.10543 0.04994 -0.02322 0.00361  0.02979  4   ALA C C   
413 O O   . ALA C 4  ? 0.09758 0.09948 0.04541 -0.02073 -0.00643 0.02991  4   ALA C O   
414 C CB  . ALA C 4  ? 0.16415 0.11453 0.04734 -0.00884 0.00830  0.01901  4   ALA C CB  
420 N N   A CYS C 5  ? 0.11437 0.10160 0.06629 -0.01551 0.02291  0.03914  5   CYS C N   
421 N N   B CYS C 5  ? 0.05242 0.09022 0.04654 -0.03536 -0.01767 0.03183  5   CYS C N   
422 C CA  A CYS C 5  ? 0.14951 0.11929 0.09026 -0.01927 0.02696  0.05267  5   CYS C CA  
423 C CA  B CYS C 5  ? 0.05852 0.06878 0.04867 -0.03377 -0.02164 0.02699  5   CYS C CA  
424 C C   A CYS C 5  ? 0.18749 0.14528 0.07989 0.00951  -0.00674 0.02662  5   CYS C C   
425 C C   B CYS C 5  ? 0.06311 0.05637 0.05376 -0.03039 -0.02891 0.02624  5   CYS C C   
426 O O   A CYS C 5  ? 0.27239 0.14672 0.11434 0.02967  0.03847  0.03731  5   CYS C O   
427 O O   B CYS C 5  ? 0.07276 0.04025 0.06553 -0.02193 -0.03664 0.01864  5   CYS C O   
428 C CB  A CYS C 5  ? 0.15356 0.12410 0.07982 -0.00059 0.01149  0.05558  5   CYS C CB  
429 C CB  B CYS C 5  ? 0.09983 0.09263 0.06053 -0.02857 -0.03412 0.02992  5   CYS C CB  
430 S SG  A CYS C 5  ? 0.11024 0.11991 0.06352 -0.02059 0.00467  0.04310  5   CYS C SG  
431 S SG  B CYS C 5  ? 0.10473 0.11710 0.09893 -0.04162 -0.04351 0.04269  5   CYS C SG  
442 N N   . LEU C 6  ? 0.07444 0.08211 0.04753 -0.03027 -0.02669 0.02125  6   LEU C N   
443 C CA  . LEU C 6  ? 0.09810 0.08546 0.05541 -0.03266 -0.01580 0.03213  6   LEU C CA  
444 C C   . LEU C 6  ? 0.07522 0.07734 0.05836 -0.04142 -0.00372 0.01878  6   LEU C C   
445 O O   . LEU C 6  ? 0.08195 0.11736 0.04349 -0.01580 -0.01511 0.02578  6   LEU C O   
446 C CB  . LEU C 6  ? 0.11221 0.05685 0.05518 -0.02881 -0.00750 0.02082  6   LEU C CB  
447 C CG  . LEU C 6  ? 0.09034 0.09399 0.06872 -0.02655 -0.01088 0.03864  6   LEU C CG  
448 C CD1 . LEU C 6  ? 0.12217 0.06546 0.09371 -0.02384 -0.03974 0.01382  6   LEU C CD1 
449 C CD2 . LEU C 6  ? 0.09327 0.09248 0.08594 -0.01937 -0.00266 0.04739  6   LEU C CD2 
461 N N   . AIB C 7  ? 0.08184 0.08058 0.04789 -0.04290 -0.02480 0.01872  7   AIB C N   
462 C CA  . AIB C 7  ? 0.09456 0.06134 0.05899 -0.03043 -0.01815 0.02712  7   AIB C CA  
463 C C   . AIB C 7  ? 0.10804 0.07265 0.05309 -0.02145 -0.03748 0.00721  7   AIB C C   
464 O O   . AIB C 7  ? 0.16628 0.06854 0.06976 0.00571  -0.02530 0.02205  7   AIB C O   
465 C CB1 . AIB C 7  ? 0.11600 0.11724 0.04778 0.01156  -0.02099 0.02643  7   AIB C CB1 
466 C CB2 . AIB C 7  ? 0.08168 0.06014 0.06175 -0.02813 -0.00991 0.02835  7   AIB C CB2 
473 N N   . GLN C 8  ? 0.09545 0.07042 0.03804 -0.04727 -0.01373 0.01125  8   GLN C N   
474 C CA  . GLN C 8  ? 0.12013 0.08577 0.04868 -0.02159 -0.01787 0.02600  8   GLN C CA  
475 C C   . GLN C 8  ? 0.05444 0.07958 0.07245 -0.03408 -0.01742 0.02591  8   GLN C C   
476 O O   . GLN C 8  ? 0.08126 0.06953 0.06252 -0.01275 -0.02439 0.03403  8   GLN C O   
477 C CB  . GLN C 8  ? 0.17482 0.14913 0.05294 0.01778  -0.00927 0.02386  8   GLN C CB  
478 C CG  . GLN C 8  ? 0.16737 0.16549 0.05525 0.01536  -0.01446 0.02862  8   GLN C CG  
479 C CD  . GLN C 8  ? 0.22778 0.21151 0.07171 0.04051  0.00244  0.02886  8   GLN C CD  
480 O OE1 . GLN C 8  ? 0.19267 0.23479 0.08426 0.02742  0.00404  0.01934  8   GLN C OE1 
481 N NE2 . GLN C 8  ? 0.27181 0.22111 0.08620 0.04765  0.03132  0.03066  8   GLN C NE2 
489 N N   . AIB C 9  ? 0.09943 0.07554 0.05644 -0.01833 0.01122  0.03141  9   AIB C N   
490 C CA  . AIB C 9  ? 0.11433 0.06704 0.04962 -0.02520 -0.01821 0.02336  9   AIB C CA  
491 C C   . AIB C 9  ? 0.10011 0.05906 0.04837 -0.01754 -0.03063 0.01765  9   AIB C C   
492 O O   . AIB C 9  ? 0.07791 0.06239 0.04210 -0.03536 -0.01478 0.01941  9   AIB C O   
493 C CB1 . AIB C 9  ? 0.16387 0.07761 0.07994 -0.01354 0.01640  0.03318  9   AIB C CB1 
494 C CB2 . AIB C 9  ? 0.08315 0.07846 0.05240 -0.02626 -0.03032 -0.00081 9   AIB C CB2 
502 N N   . LEU C 10 ? 0.09297 0.08577 0.03994 -0.02716 0.00310  0.01998  10  LEU C N   
503 C CA  . LEU C 10 ? 0.12318 0.08882 0.05164 -0.00688 -0.03077 0.00289  10  LEU C CA  
504 C C   . LEU C 10 ? 0.09605 0.06448 0.03214 -0.02788 -0.00963 0.01114  10  LEU C C   
505 O O   . LEU C 10 ? 0.13062 0.07892 0.06996 -0.02426 0.03271  0.01911  10  LEU C O   
506 C CB  . LEU C 10 ? 0.06207 0.08453 0.09811 -0.03063 -0.02907 -0.00552 10  LEU C CB  
507 C CG  . LEU C 10 ? 0.07865 0.07844 0.08910 -0.04437 -0.01806 0.00349  10  LEU C CG  
508 C CD1 . LEU C 10 ? 0.11840 0.10111 0.10042 -0.00860 -0.00110 0.03970  10  LEU C CD1 
509 C CD2 . LEU C 10 ? 0.08051 0.08483 0.10524 -0.04727 -0.01333 -0.00581 10  LEU C CD2 
521 C C11 . I77 C 11 ? 0.16367 0.06919 0.06816 -0.02722 -0.00879 0.02030  11  I77 C C11 
522 C C12 . I77 C 11 ? 0.11526 0.06349 0.06542 -0.01719 -0.04452 0.01808  11  I77 C C12 
523 C C13 . I77 C 11 ? 0.13900 0.05673 0.06141 -0.01890 -0.03467 0.01816  11  I77 C C13 
524 C C17 . I77 C 11 ? 0.15433 0.08123 0.07767 -0.00739 -0.02757 0.01669  11  I77 C C17 
525 C C18 . I77 C 11 ? 0.17016 0.08141 0.11917 -0.03274 -0.00887 -0.01575 11  I77 C C18 
526 C C02 . I77 C 11 ? 0.42278 0.13442 0.18658 0.04434  0.04918  0.00193  11  I77 C C02 
527 C C03 . I77 C 11 ? 0.40905 0.11409 0.21434 0.02502  0.08542  0.01625  11  I77 C C03 
528 C C04 . I77 C 11 ? 0.34670 0.10133 0.20934 -0.01666 0.08803  0.00884  11  I77 C C04 
529 C C05 . I77 C 11 ? 0.29318 0.08955 0.17778 -0.02941 0.06690  0.00786  11  I77 C C05 
530 C C06 . I77 C 11 ? 0.38702 0.12207 0.22181 0.01667  0.11718  0.02955  11  I77 C C06 
531 C C08 . I77 C 11 ? 0.30762 0.09677 0.14782 -0.00704 0.03277  -0.00760 11  I77 C C08 
532 C C09 . I77 C 11 ? 0.24290 0.10789 0.13397 -0.00343 -0.00788 -0.03114 11  I77 C C09 
533 N N01 . I77 C 11 ? 0.42048 0.15900 0.20511 0.04264  0.05005  -0.02005 11  I77 C N01 
534 N N07 . I77 C 11 ? 0.34927 0.10742 0.20517 -0.00183 0.08968  0.00922  11  I77 C N07 
535 N N10 . I77 C 11 ? 0.21902 0.09403 0.11319 -0.00604 -0.00695 -0.01337 11  I77 C N10 
536 N N14 . I77 C 11 ? 0.15887 0.06237 0.06129 -0.00333 -0.03055 0.01595  11  I77 C N14 
537 N N15 . I77 C 11 ? 0.12444 0.05212 0.04876 -0.02236 -0.03264 0.00457  11  I77 C N15 
538 O O16 . I77 C 11 ? 0.11257 0.06323 0.04293 -0.03292 -0.02426 0.01420  11  I77 C O16 
539 O O19 . I77 C 11 ? 0.41104 0.15557 0.11328 0.06516  -0.01193 -0.00926 11  I77 C O19 
550 N N   . NIO D 1  ? 0.11939 0.09715 0.08360 0.03272  -0.02474 0.02345  1   NIO D N   
551 C C1  . NIO D 1  ? 0.09332 0.07701 0.07127 0.00264  0.00524  0.04411  1   NIO D C1  
552 C C2  . NIO D 1  ? 0.06870 0.07069 0.05965 -0.01049 -0.03674 0.01238  1   NIO D C2  
553 C C3  . NIO D 1  ? 0.07809 0.07524 0.06977 -0.00646 -0.01090 0.02389  1   NIO D C3  
554 C C4  . NIO D 1  ? 0.09790 0.10553 0.07040 0.02871  -0.03330 0.02016  1   NIO D C4  
555 C C5  . NIO D 1  ? 0.10272 0.10693 0.06584 0.02718  0.00372  0.04257  1   NIO D C5  
556 C C6  . NIO D 1  ? 0.13180 0.07428 0.05386 -0.00355 -0.01747 0.02629  1   NIO D C6  
557 O O1  . NIO D 1  ? 0.07370 0.10155 0.04458 -0.01250 -0.01647 0.02843  1   NIO D O1  
562 N N   . LEU D 2  ? 0.11813 0.07773 0.05975 -0.00966 -0.04096 0.01679  2   LEU D N   
563 C CA  . LEU D 2  ? 0.07819 0.08279 0.06393 -0.01269 -0.01489 0.04106  2   LEU D CA  
564 C C   . LEU D 2  ? 0.04615 0.08557 0.06050 -0.02399 -0.01426 0.03894  2   LEU D C   
565 O O   . LEU D 2  ? 0.07412 0.11090 0.06133 -0.01531 -0.00052 0.04342  2   LEU D O   
566 C CB  . LEU D 2  ? 0.08769 0.07871 0.07994 -0.03227 -0.00456 0.03757  2   LEU D CB  
567 C CG  . LEU D 2  ? 0.06479 0.14761 0.05656 -0.01188 -0.02085 0.02040  2   LEU D CG  
568 C CD1 . LEU D 2  ? 0.04652 0.15659 0.08506 -0.01220 -0.01187 0.03428  2   LEU D CD1 
569 C CD2 . LEU D 2  ? 0.06428 0.13180 0.07053 -0.04625 0.00119  0.01301  2   LEU D CD2 
580 N N   . AIB D 3  ? 0.07083 0.10720 0.04072 -0.00884 -0.01505 0.02381  3   AIB D N   
581 C CA  . AIB D 3  ? 0.06380 0.10773 0.05178 -0.02184 -0.01601 0.03521  3   AIB D CA  
582 C C   . AIB D 3  ? 0.03477 0.07387 0.04494 -0.02177 -0.01407 0.03047  3   AIB D C   
583 O O   . AIB D 3  ? 0.04118 0.11073 0.06361 -0.01949 -0.01362 0.03948  3   AIB D O   
584 C CB1 . AIB D 3  ? 0.09362 0.10895 0.04492 -0.02795 -0.02131 0.02171  3   AIB D CB1 
585 C CB2 . AIB D 3  ? 0.06692 0.09123 0.08016 -0.03365 -0.00905 0.03945  3   AIB D CB2 
593 N N   . ALA D 4  ? 0.05199 0.05499 0.03496 -0.02994 -0.01786 0.01887  4   ALA D N   
594 C CA  . ALA D 4  ? 0.07199 0.07674 0.04366 -0.01508 -0.01436 0.02876  4   ALA D CA  
595 C C   . ALA D 4  ? 0.08419 0.08913 0.04867 -0.01163 -0.02121 0.02962  4   ALA D C   
596 O O   . ALA D 4  ? 0.06208 0.10822 0.05509 -0.02518 -0.02543 0.02188  4   ALA D O   
597 C CB  . ALA D 4  ? 0.07451 0.12875 0.05651 0.00193  -0.01570 0.03554  4   ALA D CB  
603 N N   A CYS D 5  ? 0.10311 0.08242 0.06694 -0.01655 0.01998  0.03680  5   CYS D N   
604 N N   C CYS D 5  ? 0.10610 0.11529 0.05585 0.00742  -0.03103 0.02699  5   CYS D N   
605 C CA  A CYS D 5  ? 0.07059 0.09218 0.08178 -0.03481 0.01340  0.02620  5   CYS D CA  
606 C CA  C CYS D 5  ? 0.08945 0.13113 0.08557 -0.00651 -0.03744 0.04186  5   CYS D CA  
607 C C   A CYS D 5  ? 0.07178 0.07309 0.07592 -0.03560 0.00259  0.02430  5   CYS D C   
608 C C   C CYS D 5  ? 0.05592 0.09476 0.06626 -0.03523 -0.02428 0.04244  5   CYS D C   
609 O O   A CYS D 5  ? 0.14686 0.10457 0.10939 -0.02463 0.03828  0.04519  5   CYS D O   
610 O O   C CYS D 5  ? 0.05310 0.09344 0.05441 -0.02627 -0.01385 0.03694  5   CYS D O   
611 C CB  A CYS D 5  ? 0.06967 0.09615 0.07545 -0.03272 0.00106  0.03617  5   CYS D CB  
612 C CB  C CYS D 5  ? 0.11087 0.18087 0.12346 0.01726  -0.06627 0.01656  5   CYS D CB  
613 S SG  A CYS D 5  ? 0.09682 0.12490 0.07530 -0.05144 -0.03375 0.01774  5   CYS D SG  
614 S SG  C CYS D 5  ? 0.15940 0.14940 0.16384 0.01640  -0.06639 0.02249  5   CYS D SG  
625 N N   . LEU D 6  ? 0.08510 0.08513 0.06181 -0.02851 0.00076  0.03425  6   LEU D N   
626 C CA  . LEU D 6  ? 0.07691 0.08926 0.08042 -0.04697 -0.00781 0.02003  6   LEU D CA  
627 C C   . LEU D 6  ? 0.07833 0.07562 0.06312 -0.03989 -0.00886 0.02495  6   LEU D C   
628 O O   . LEU D 6  ? 0.08587 0.09055 0.06115 -0.04678 0.01187  0.00844  6   LEU D O   
629 C CB  . LEU D 6  ? 0.08789 0.09330 0.05103 -0.05084 -0.00959 0.00546  6   LEU D CB  
630 C CG  . LEU D 6  ? 0.10690 0.09645 0.07755 -0.03364 -0.00696 0.00121  6   LEU D CG  
631 C CD1 . LEU D 6  ? 0.12374 0.08705 0.08293 -0.03306 0.00380  0.00778  6   LEU D CD1 
632 C CD2 . LEU D 6  ? 0.09217 0.14578 0.07491 0.00559  -0.04203 -0.01269 6   LEU D CD2 
644 N N   . AIB D 7  ? 0.06534 0.07242 0.07249 -0.03570 -0.01857 0.02924  7   AIB D N   
645 C CA  . AIB D 7  ? 0.04993 0.12140 0.06129 -0.01097 -0.01802 0.03285  7   AIB D CA  
646 C C   . AIB D 7  ? 0.04407 0.13126 0.06326 -0.02093 -0.00512 0.03812  7   AIB D C   
647 O O   . AIB D 7  ? 0.07614 0.09933 0.05432 -0.02953 -0.01904 0.03543  7   AIB D O   
648 C CB1 . AIB D 7  ? 0.05123 0.12597 0.05376 -0.03312 -0.01162 0.00830  7   AIB D CB1 
649 C CB2 . AIB D 7  ? 0.04401 0.12407 0.05822 -0.02336 -0.01163 0.04232  7   AIB D CB2 
656 N N   . GLN D 8  ? 0.04410 0.11596 0.06070 -0.02438 -0.00345 0.03202  8   GLN D N   
657 C CA  . GLN D 8  ? 0.08407 0.08954 0.07232 -0.03145 -0.01947 0.01151  8   GLN D CA  
658 C C   . GLN D 8  ? 0.11675 0.05409 0.04299 -0.01931 -0.02805 0.00955  8   GLN D C   
659 O O   . GLN D 8  ? 0.07261 0.06042 0.04772 -0.01098 -0.00162 0.03019  8   GLN D O   
660 C CB  . GLN D 8  ? 0.16945 0.08840 0.10640 -0.02565 0.01778  0.02619  8   GLN D CB  
661 C CG  . GLN D 8  ? 0.15978 0.09150 0.14534 -0.06447 0.02123  0.00213  8   GLN D CG  
662 C CD  . GLN D 8  ? 0.18091 0.11795 0.22223 -0.06132 0.06504  0.00594  8   GLN D CD  
663 O OE1 . GLN D 8  ? 0.18301 0.16204 0.26289 -0.04440 0.08234  0.00101  8   GLN D OE1 
664 N NE2 . GLN D 8  ? 0.23801 0.16819 0.24315 -0.01819 0.06643  -0.00602 8   GLN D NE2 
672 N N   . AIB D 9  ? 0.07996 0.07357 0.04218 -0.00550 -0.02907 0.01211  9   AIB D N   
673 C CA  . AIB D 9  ? 0.05288 0.07463 0.04204 -0.01657 -0.02364 0.00890  9   AIB D CA  
674 C C   . AIB D 9  ? 0.08306 0.09226 0.06717 -0.02469 -0.00529 0.03202  9   AIB D C   
675 O O   . AIB D 9  ? 0.06794 0.10492 0.08232 -0.02502 0.00049  0.04659  9   AIB D O   
676 C CB1 . AIB D 9  ? 0.09258 0.07589 0.07810 -0.00651 -0.01580 0.03134  9   AIB D CB1 
677 C CB2 . AIB D 9  ? 0.07742 0.07825 0.05313 -0.03511 -0.00766 0.01279  9   AIB D CB2 
685 N N   . LEU D 10 ? 0.07233 0.10865 0.06446 -0.01700 0.01115  0.03890  10  LEU D N   
686 C CA  . LEU D 10 ? 0.05402 0.08172 0.07650 -0.03407 -0.01967 0.01807  10  LEU D CA  
687 C C   . LEU D 10 ? 0.09424 0.07720 0.07484 -0.01368 0.01128  0.04172  10  LEU D C   
688 O O   . LEU D 10 ? 0.08010 0.13471 0.06924 0.01481  -0.01123 0.04471  10  LEU D O   
689 C CB  . LEU D 10 ? 0.05625 0.07746 0.04939 -0.02811 -0.01905 0.03118  10  LEU D CB  
690 C CG  . LEU D 10 ? 0.08376 0.10616 0.06510 -0.01203 -0.04000 0.01695  10  LEU D CG  
691 C CD1 . LEU D 10 ? 0.09376 0.11118 0.10108 -0.02639 -0.04293 -0.02755 10  LEU D CD1 
692 C CD2 . LEU D 10 ? 0.08208 0.10248 0.11440 -0.01038 -0.05452 -0.00761 10  LEU D CD2 
704 C C11 . I77 D 11 ? 0.09965 0.13703 0.14895 0.04020  -0.03612 0.04161  11  I77 D C11 
705 C C12 . I77 D 11 ? 0.07205 0.10142 0.10300 0.01174  -0.02825 0.04225  11  I77 D C12 
706 C C13 . I77 D 11 ? 0.07648 0.08764 0.06846 -0.00275 -0.01498 0.04341  11  I77 D C13 
707 C C17 . I77 D 11 ? 0.07126 0.13809 0.12078 0.01404  -0.04923 0.01021  11  I77 D C17 
708 C C18 . I77 D 11 ? 0.13494 0.18571 0.18503 0.06299  -0.02971 0.01601  11  I77 D C18 
709 C C02 . I77 D 11 ? 0.18824 0.29934 0.43974 0.04460  -0.06164 -0.12411 11  I77 D C02 
710 C C03 . I77 D 11 ? 0.21396 0.24862 0.40128 0.04374  -0.04391 -0.08720 11  I77 D C03 
711 C C04 . I77 D 11 ? 0.20726 0.21281 0.37022 0.03170  -0.02124 -0.05415 11  I77 D C04 
712 C C05 . I77 D 11 ? 0.13714 0.18752 0.31171 0.01560  -0.06704 -0.04692 11  I77 D C05 
713 C C06 . I77 D 11 ? 0.16444 0.21145 0.37326 0.01664  -0.07469 -0.09107 11  I77 D C06 
714 C C08 . I77 D 11 ? 0.16082 0.17371 0.29394 0.02596  -0.02719 -0.01164 11  I77 D C08 
715 C C09 . I77 D 11 ? 0.13534 0.17775 0.21120 0.05417  -0.03523 0.02055  11  I77 D C09 
716 N N01 . I77 D 11 ? 0.21148 0.29573 0.46567 0.04973  -0.05074 -0.12764 11  I77 D N01 
717 N N07 . I77 D 11 ? 0.20459 0.18827 0.36416 0.02822  -0.02549 -0.04723 11  I77 D N07 
718 N N10 . I77 D 11 ? 0.13997 0.18239 0.16746 0.06140  -0.06555 0.01199  11  I77 D N10 
719 N N14 . I77 D 11 ? 0.05780 0.09798 0.06760 -0.00504 0.00860  0.04403  11  I77 D N14 
720 N N15 . I77 D 11 ? 0.12760 0.09747 0.09349 0.01439  0.02565  0.05253  11  I77 D N15 
721 O O16 . I77 D 11 ? 0.05053 0.09542 0.04272 -0.00773 -0.00758 0.03089  11  I77 D O16 
722 O O19 . I77 D 11 ? 0.19281 0.32848 0.45819 0.05276  -0.05591 -0.13149 11  I77 D O19 
733 O O   . HOH E .  ? 0.32699 0.35270 0.61230 -0.11043 -0.08527 -0.14400 201 HOH A O   
734 O O   . HOH E .  ? 0.09758 0.07039 0.08448 -0.01947 -0.04069 -0.00572 202 HOH A O   
735 O O   . HOH E .  ? 0.26096 0.33114 0.20351 0.05812  0.04612  -0.06486 203 HOH A O   
736 O O   . HOH E .  ? 0.14663 0.38733 0.34592 0.06907  -0.07020 0.03790  204 HOH A O   
737 O O   . HOH F .  ? 0.05928 0.11781 0.09359 -0.04208 0.00136  -0.00198 201 HOH B O   
738 O O   . HOH G .  ? 0.12575 0.05507 0.08362 -0.03787 0.00876  0.00919  201 HOH C O   
739 O O   . HOH G .  ? 0.16638 0.21498 0.25477 -0.03362 -0.09603 0.10095  202 HOH C O   
740 O O   . HOH H .  ? 0.05417 0.15377 0.08764 -0.01448 -0.00784 -0.00759 201 HOH D O   
741 O O   . HOH H .  ? 0.48341 0.36502 0.18225 -0.21313 -0.01785 -0.02350 202 HOH D O   
742 O O   . HOH H .  ? 0.33565 0.26147 0.25794 -0.00016 0.08167  -0.03271 203 HOH D O   
# 
